data_3NGW
# 
_entry.id   3NGW 
# 
_audit_conform.dict_name       mmcif_pdbx.dic 
_audit_conform.dict_version    5.397 
_audit_conform.dict_location   http://mmcif.pdb.org/dictionaries/ascii/mmcif_pdbx.dic 
# 
loop_
_database_2.database_id 
_database_2.database_code 
_database_2.pdbx_database_accession 
_database_2.pdbx_DOI 
PDB   3NGW         pdb_00003ngw 10.2210/pdb3ngw/pdb 
RCSB  RCSB059813   ?            ?                   
WWPDB D_1000059813 ?            ?                   
# 
loop_
_pdbx_audit_revision_history.ordinal 
_pdbx_audit_revision_history.data_content_type 
_pdbx_audit_revision_history.major_revision 
_pdbx_audit_revision_history.minor_revision 
_pdbx_audit_revision_history.revision_date 
1 'Structure model' 1 0 2010-08-11 
2 'Structure model' 1 1 2011-07-13 
3 'Structure model' 1 2 2017-10-25 
4 'Structure model' 1 3 2019-07-17 
5 'Structure model' 1 4 2024-10-16 
# 
_pdbx_audit_revision_details.ordinal             1 
_pdbx_audit_revision_details.revision_ordinal    1 
_pdbx_audit_revision_details.data_content_type   'Structure model' 
_pdbx_audit_revision_details.provider            repository 
_pdbx_audit_revision_details.type                'Initial release' 
_pdbx_audit_revision_details.description         ? 
_pdbx_audit_revision_details.details             ? 
# 
loop_
_pdbx_audit_revision_group.ordinal 
_pdbx_audit_revision_group.revision_ordinal 
_pdbx_audit_revision_group.data_content_type 
_pdbx_audit_revision_group.group 
1  2 'Structure model' 'Version format compliance'  
2  3 'Structure model' 'Author supporting evidence' 
3  3 'Structure model' 'Refinement description'     
4  4 'Structure model' 'Data collection'            
5  4 'Structure model' 'Derived calculations'       
6  4 'Structure model' 'Refinement description'     
7  5 'Structure model' 'Data collection'            
8  5 'Structure model' 'Database references'        
9  5 'Structure model' 'Derived calculations'       
10 5 'Structure model' 'Structure summary'          
# 
loop_
_pdbx_audit_revision_category.ordinal 
_pdbx_audit_revision_category.revision_ordinal 
_pdbx_audit_revision_category.data_content_type 
_pdbx_audit_revision_category.category 
1  3 'Structure model' pdbx_struct_assembly_auth_evidence 
2  3 'Structure model' software                           
3  4 'Structure model' software                           
4  4 'Structure model' struct_conn                        
5  5 'Structure model' chem_comp_atom                     
6  5 'Structure model' chem_comp_bond                     
7  5 'Structure model' database_2                         
8  5 'Structure model' pdbx_entry_details                 
9  5 'Structure model' pdbx_modification_feature          
10 5 'Structure model' pdbx_struct_conn_angle             
11 5 'Structure model' struct_conn                        
12 5 'Structure model' struct_site                        
# 
loop_
_pdbx_audit_revision_item.ordinal 
_pdbx_audit_revision_item.revision_ordinal 
_pdbx_audit_revision_item.data_content_type 
_pdbx_audit_revision_item.item 
1  3 'Structure model' '_software.name'                              
2  4 'Structure model' '_software.contact_author'                    
3  4 'Structure model' '_software.contact_author_email'              
4  4 'Structure model' '_software.language'                          
5  4 'Structure model' '_software.location'                          
6  4 'Structure model' '_software.name'                              
7  4 'Structure model' '_software.type'                              
8  4 'Structure model' '_software.version'                           
9  4 'Structure model' '_struct_conn.pdbx_leaving_atom_flag'         
10 5 'Structure model' '_database_2.pdbx_DOI'                        
11 5 'Structure model' '_database_2.pdbx_database_accession'         
12 5 'Structure model' '_pdbx_struct_conn_angle.ptnr1_auth_comp_id'  
13 5 'Structure model' '_pdbx_struct_conn_angle.ptnr1_auth_seq_id'   
14 5 'Structure model' '_pdbx_struct_conn_angle.ptnr1_label_asym_id' 
15 5 'Structure model' '_pdbx_struct_conn_angle.ptnr1_label_atom_id' 
16 5 'Structure model' '_pdbx_struct_conn_angle.ptnr1_label_comp_id' 
17 5 'Structure model' '_pdbx_struct_conn_angle.ptnr1_label_seq_id'  
18 5 'Structure model' '_pdbx_struct_conn_angle.ptnr3_auth_comp_id'  
19 5 'Structure model' '_pdbx_struct_conn_angle.ptnr3_auth_seq_id'   
20 5 'Structure model' '_pdbx_struct_conn_angle.ptnr3_label_asym_id' 
21 5 'Structure model' '_pdbx_struct_conn_angle.ptnr3_label_atom_id' 
22 5 'Structure model' '_pdbx_struct_conn_angle.ptnr3_label_comp_id' 
23 5 'Structure model' '_pdbx_struct_conn_angle.ptnr3_label_seq_id'  
24 5 'Structure model' '_pdbx_struct_conn_angle.value'               
25 5 'Structure model' '_struct_conn.pdbx_dist_value'                
26 5 'Structure model' '_struct_conn.ptnr1_auth_comp_id'             
27 5 'Structure model' '_struct_conn.ptnr1_auth_seq_id'              
28 5 'Structure model' '_struct_conn.ptnr1_label_asym_id'            
29 5 'Structure model' '_struct_conn.ptnr1_label_atom_id'            
30 5 'Structure model' '_struct_conn.ptnr1_label_comp_id'            
31 5 'Structure model' '_struct_conn.ptnr1_label_seq_id'             
32 5 'Structure model' '_struct_conn.ptnr2_auth_comp_id'             
33 5 'Structure model' '_struct_conn.ptnr2_auth_seq_id'              
34 5 'Structure model' '_struct_conn.ptnr2_label_asym_id'            
35 5 'Structure model' '_struct_conn.ptnr2_label_atom_id'            
36 5 'Structure model' '_struct_conn.ptnr2_label_comp_id'            
37 5 'Structure model' '_struct_site.pdbx_auth_asym_id'              
38 5 'Structure model' '_struct_site.pdbx_auth_comp_id'              
39 5 'Structure model' '_struct_site.pdbx_auth_seq_id'               
# 
_pdbx_database_status.entry_id                        3NGW 
_pdbx_database_status.deposit_site                    RCSB 
_pdbx_database_status.process_site                    RCSB 
_pdbx_database_status.recvd_initial_deposition_date   2010-06-13 
_pdbx_database_status.status_code                     REL 
_pdbx_database_status.status_code_sf                  REL 
_pdbx_database_status.status_code_mr                  ? 
_pdbx_database_status.SG_entry                        Y 
_pdbx_database_status.pdb_format_compatible           Y 
_pdbx_database_status.status_code_cs                  ? 
_pdbx_database_status.methods_development_category    ? 
_pdbx_database_status.status_code_nmr_data            ? 
# 
_pdbx_database_related.db_name        TargetDB 
_pdbx_database_related.db_id          GR189 
_pdbx_database_related.details        . 
_pdbx_database_related.content_type   unspecified 
# 
loop_
_audit_author.name 
_audit_author.pdbx_ordinal 
'Forouhar, F.'                                    1  
'Neely, H.'                                       2  
'Seetharaman, J.'                                 3  
'Patel, P.'                                       4  
'Xiao, R.'                                        5  
'Ciccosanti, C.'                                  6  
'Wang, H.'                                        7  
'Everett, J.K.'                                   8  
'Nair, R.'                                        9  
'Acton, T.B.'                                     10 
'Rost, B.'                                        11 
'Montelione, G.T.'                                12 
'Hunt, J.F.'                                      13 
'Tong, L.'                                        14 
'Northeast Structural Genomics Consortium (NESG)' 15 
# 
_citation.id                        primary 
_citation.title                     'Northeast Structural Genomics Consortium Target GR189' 
_citation.journal_abbrev            'To be Published' 
_citation.journal_volume            ? 
_citation.page_first                ? 
_citation.page_last                 ? 
_citation.year                      ? 
_citation.journal_id_ASTM           ? 
_citation.country                   ? 
_citation.journal_id_ISSN           ? 
_citation.journal_id_CSD            0353 
_citation.book_publisher            ? 
_citation.pdbx_database_id_PubMed   ? 
_citation.pdbx_database_id_DOI      ? 
# 
loop_
_citation_author.citation_id 
_citation_author.name 
_citation_author.ordinal 
_citation_author.identifier_ORCID 
primary 'Forouhar, F.'     1  ? 
primary 'Neely, H.'        2  ? 
primary 'Seetharaman, J.'  3  ? 
primary 'Patel, P.'        4  ? 
primary 'Xiao, R.'         5  ? 
primary 'Ciccosanti, C.'   6  ? 
primary 'Wang, H.'         7  ? 
primary 'Everett, J.K.'    8  ? 
primary 'Nair, R.'         9  ? 
primary 'Acton, T.B.'      10 ? 
primary 'Rost, B.'         11 ? 
primary 'Montelione, G.T.' 12 ? 
primary 'Hunt, J.F.'       13 ? 
primary 'Tong, L.'         14 ? 
# 
loop_
_entity.id 
_entity.type 
_entity.src_method 
_entity.pdbx_description 
_entity.formula_weight 
_entity.pdbx_number_of_molecules 
_entity.pdbx_ec 
_entity.pdbx_mutation 
_entity.pdbx_fragment 
_entity.details 
1 polymer     man 'Molybdopterin-guanine dinucleotide biosynthesis protein A (MobA)' 24015.121 1  ? ? ? ? 
2 non-polymer syn 'CALCIUM ION'                                                      40.078    2  ? ? ? ? 
3 water       nat water                                                              18.015    58 ? ? ? ? 
# 
_entity_poly.entity_id                      1 
_entity_poly.type                           'polypeptide(L)' 
_entity_poly.nstd_linkage                   no 
_entity_poly.nstd_monomer                   yes 
_entity_poly.pdbx_seq_one_letter_code       
;(MSE)KVAVLVGGVGRRIG(MSE)EKTEV(MSE)LCGKKLIEWVLEKYSPFQTVFVCRDEKQAEKLSSRYEAEFIWDLHK
GVGSIAGIHAALRHFGSCVVAAID(MSE)PFVKPEVLEHLYKEGEKAGCDALIPKHDYPEPLLAYYAESAADELERAILQ
GIRKILVPLERLNVVYYPVEKLRKFDKELISFFNINTPDDLKRAEEICSK(MSE)STEGLLEHHHHHH
;
_entity_poly.pdbx_seq_one_letter_code_can   
;MKVAVLVGGVGRRIGMEKTEVMLCGKKLIEWVLEKYSPFQTVFVCRDEKQAEKLSSRYEAEFIWDLHKGVGSIAGIHAAL
RHFGSCVVAAIDMPFVKPEVLEHLYKEGEKAGCDALIPKHDYPEPLLAYYAESAADELERAILQGIRKILVPLERLNVVY
YPVEKLRKFDKELISFFNINTPDDLKRAEEICSKMSTEGLLEHHHHHH
;
_entity_poly.pdbx_strand_id                 A 
_entity_poly.pdbx_target_identifier         GR189 
# 
loop_
_pdbx_entity_nonpoly.entity_id 
_pdbx_entity_nonpoly.name 
_pdbx_entity_nonpoly.comp_id 
2 'CALCIUM ION' CA  
3 water         HOH 
# 
loop_
_entity_poly_seq.entity_id 
_entity_poly_seq.num 
_entity_poly_seq.mon_id 
_entity_poly_seq.hetero 
1 1   MSE n 
1 2   LYS n 
1 3   VAL n 
1 4   ALA n 
1 5   VAL n 
1 6   LEU n 
1 7   VAL n 
1 8   GLY n 
1 9   GLY n 
1 10  VAL n 
1 11  GLY n 
1 12  ARG n 
1 13  ARG n 
1 14  ILE n 
1 15  GLY n 
1 16  MSE n 
1 17  GLU n 
1 18  LYS n 
1 19  THR n 
1 20  GLU n 
1 21  VAL n 
1 22  MSE n 
1 23  LEU n 
1 24  CYS n 
1 25  GLY n 
1 26  LYS n 
1 27  LYS n 
1 28  LEU n 
1 29  ILE n 
1 30  GLU n 
1 31  TRP n 
1 32  VAL n 
1 33  LEU n 
1 34  GLU n 
1 35  LYS n 
1 36  TYR n 
1 37  SER n 
1 38  PRO n 
1 39  PHE n 
1 40  GLN n 
1 41  THR n 
1 42  VAL n 
1 43  PHE n 
1 44  VAL n 
1 45  CYS n 
1 46  ARG n 
1 47  ASP n 
1 48  GLU n 
1 49  LYS n 
1 50  GLN n 
1 51  ALA n 
1 52  GLU n 
1 53  LYS n 
1 54  LEU n 
1 55  SER n 
1 56  SER n 
1 57  ARG n 
1 58  TYR n 
1 59  GLU n 
1 60  ALA n 
1 61  GLU n 
1 62  PHE n 
1 63  ILE n 
1 64  TRP n 
1 65  ASP n 
1 66  LEU n 
1 67  HIS n 
1 68  LYS n 
1 69  GLY n 
1 70  VAL n 
1 71  GLY n 
1 72  SER n 
1 73  ILE n 
1 74  ALA n 
1 75  GLY n 
1 76  ILE n 
1 77  HIS n 
1 78  ALA n 
1 79  ALA n 
1 80  LEU n 
1 81  ARG n 
1 82  HIS n 
1 83  PHE n 
1 84  GLY n 
1 85  SER n 
1 86  CYS n 
1 87  VAL n 
1 88  VAL n 
1 89  ALA n 
1 90  ALA n 
1 91  ILE n 
1 92  ASP n 
1 93  MSE n 
1 94  PRO n 
1 95  PHE n 
1 96  VAL n 
1 97  LYS n 
1 98  PRO n 
1 99  GLU n 
1 100 VAL n 
1 101 LEU n 
1 102 GLU n 
1 103 HIS n 
1 104 LEU n 
1 105 TYR n 
1 106 LYS n 
1 107 GLU n 
1 108 GLY n 
1 109 GLU n 
1 110 LYS n 
1 111 ALA n 
1 112 GLY n 
1 113 CYS n 
1 114 ASP n 
1 115 ALA n 
1 116 LEU n 
1 117 ILE n 
1 118 PRO n 
1 119 LYS n 
1 120 HIS n 
1 121 ASP n 
1 122 TYR n 
1 123 PRO n 
1 124 GLU n 
1 125 PRO n 
1 126 LEU n 
1 127 LEU n 
1 128 ALA n 
1 129 TYR n 
1 130 TYR n 
1 131 ALA n 
1 132 GLU n 
1 133 SER n 
1 134 ALA n 
1 135 ALA n 
1 136 ASP n 
1 137 GLU n 
1 138 LEU n 
1 139 GLU n 
1 140 ARG n 
1 141 ALA n 
1 142 ILE n 
1 143 LEU n 
1 144 GLN n 
1 145 GLY n 
1 146 ILE n 
1 147 ARG n 
1 148 LYS n 
1 149 ILE n 
1 150 LEU n 
1 151 VAL n 
1 152 PRO n 
1 153 LEU n 
1 154 GLU n 
1 155 ARG n 
1 156 LEU n 
1 157 ASN n 
1 158 VAL n 
1 159 VAL n 
1 160 TYR n 
1 161 TYR n 
1 162 PRO n 
1 163 VAL n 
1 164 GLU n 
1 165 LYS n 
1 166 LEU n 
1 167 ARG n 
1 168 LYS n 
1 169 PHE n 
1 170 ASP n 
1 171 LYS n 
1 172 GLU n 
1 173 LEU n 
1 174 ILE n 
1 175 SER n 
1 176 PHE n 
1 177 PHE n 
1 178 ASN n 
1 179 ILE n 
1 180 ASN n 
1 181 THR n 
1 182 PRO n 
1 183 ASP n 
1 184 ASP n 
1 185 LEU n 
1 186 LYS n 
1 187 ARG n 
1 188 ALA n 
1 189 GLU n 
1 190 GLU n 
1 191 ILE n 
1 192 CYS n 
1 193 SER n 
1 194 LYS n 
1 195 MSE n 
1 196 SER n 
1 197 THR n 
1 198 GLU n 
1 199 GLY n 
1 200 LEU n 
1 201 LEU n 
1 202 GLU n 
1 203 HIS n 
1 204 HIS n 
1 205 HIS n 
1 206 HIS n 
1 207 HIS n 
1 208 HIS n 
# 
_entity_src_gen.entity_id                          1 
_entity_src_gen.pdbx_src_id                        1 
_entity_src_gen.pdbx_alt_source_flag               sample 
_entity_src_gen.pdbx_seq_type                      ? 
_entity_src_gen.pdbx_beg_seq_num                   ? 
_entity_src_gen.pdbx_end_seq_num                   ? 
_entity_src_gen.gene_src_common_name               ? 
_entity_src_gen.gene_src_genus                     ? 
_entity_src_gen.pdbx_gene_src_gene                 'AF_2005, mobA' 
_entity_src_gen.gene_src_species                   ? 
_entity_src_gen.gene_src_strain                    'DSM 4304' 
_entity_src_gen.gene_src_tissue                    ? 
_entity_src_gen.gene_src_tissue_fraction           ? 
_entity_src_gen.gene_src_details                   ? 
_entity_src_gen.pdbx_gene_src_fragment             ? 
_entity_src_gen.pdbx_gene_src_scientific_name      'Archaeoglobus fulgidus' 
_entity_src_gen.pdbx_gene_src_ncbi_taxonomy_id     2234 
_entity_src_gen.pdbx_gene_src_variant              ? 
_entity_src_gen.pdbx_gene_src_cell_line            ? 
_entity_src_gen.pdbx_gene_src_atcc                 ? 
_entity_src_gen.pdbx_gene_src_organ                ? 
_entity_src_gen.pdbx_gene_src_organelle            ? 
_entity_src_gen.pdbx_gene_src_cell                 ? 
_entity_src_gen.pdbx_gene_src_cellular_location    ? 
_entity_src_gen.host_org_common_name               ? 
_entity_src_gen.pdbx_host_org_scientific_name      'Escherichia coli' 
_entity_src_gen.pdbx_host_org_ncbi_taxonomy_id     469008 
_entity_src_gen.host_org_genus                     ? 
_entity_src_gen.pdbx_host_org_gene                 ? 
_entity_src_gen.pdbx_host_org_organ                ? 
_entity_src_gen.host_org_species                   ? 
_entity_src_gen.pdbx_host_org_tissue               ? 
_entity_src_gen.pdbx_host_org_tissue_fraction      ? 
_entity_src_gen.pdbx_host_org_strain               'BL21(DE3)+ Magic' 
_entity_src_gen.pdbx_host_org_variant              ? 
_entity_src_gen.pdbx_host_org_cell_line            ? 
_entity_src_gen.pdbx_host_org_atcc                 ? 
_entity_src_gen.pdbx_host_org_culture_collection   ? 
_entity_src_gen.pdbx_host_org_cell                 ? 
_entity_src_gen.pdbx_host_org_organelle            ? 
_entity_src_gen.pdbx_host_org_cellular_location    ? 
_entity_src_gen.pdbx_host_org_vector_type          plasmid 
_entity_src_gen.pdbx_host_org_vector               ? 
_entity_src_gen.host_org_details                   ? 
_entity_src_gen.expression_system_id               ? 
_entity_src_gen.plasmid_name                       'pET 21-23C' 
_entity_src_gen.plasmid_details                    ? 
_entity_src_gen.pdbx_description                   ? 
# 
loop_
_chem_comp.id 
_chem_comp.type 
_chem_comp.mon_nstd_flag 
_chem_comp.name 
_chem_comp.pdbx_synonyms 
_chem_comp.formula 
_chem_comp.formula_weight 
ALA 'L-peptide linking' y ALANINE          ? 'C3 H7 N O2'     89.093  
ARG 'L-peptide linking' y ARGININE         ? 'C6 H15 N4 O2 1' 175.209 
ASN 'L-peptide linking' y ASPARAGINE       ? 'C4 H8 N2 O3'    132.118 
ASP 'L-peptide linking' y 'ASPARTIC ACID'  ? 'C4 H7 N O4'     133.103 
CA  non-polymer         . 'CALCIUM ION'    ? 'Ca 2'           40.078  
CYS 'L-peptide linking' y CYSTEINE         ? 'C3 H7 N O2 S'   121.158 
GLN 'L-peptide linking' y GLUTAMINE        ? 'C5 H10 N2 O3'   146.144 
GLU 'L-peptide linking' y 'GLUTAMIC ACID'  ? 'C5 H9 N O4'     147.129 
GLY 'peptide linking'   y GLYCINE          ? 'C2 H5 N O2'     75.067  
HIS 'L-peptide linking' y HISTIDINE        ? 'C6 H10 N3 O2 1' 156.162 
HOH non-polymer         . WATER            ? 'H2 O'           18.015  
ILE 'L-peptide linking' y ISOLEUCINE       ? 'C6 H13 N O2'    131.173 
LEU 'L-peptide linking' y LEUCINE          ? 'C6 H13 N O2'    131.173 
LYS 'L-peptide linking' y LYSINE           ? 'C6 H15 N2 O2 1' 147.195 
MSE 'L-peptide linking' n SELENOMETHIONINE ? 'C5 H11 N O2 Se' 196.106 
PHE 'L-peptide linking' y PHENYLALANINE    ? 'C9 H11 N O2'    165.189 
PRO 'L-peptide linking' y PROLINE          ? 'C5 H9 N O2'     115.130 
SER 'L-peptide linking' y SERINE           ? 'C3 H7 N O3'     105.093 
THR 'L-peptide linking' y THREONINE        ? 'C4 H9 N O3'     119.119 
TRP 'L-peptide linking' y TRYPTOPHAN       ? 'C11 H12 N2 O2'  204.225 
TYR 'L-peptide linking' y TYROSINE         ? 'C9 H11 N O3'    181.189 
VAL 'L-peptide linking' y VALINE           ? 'C5 H11 N O2'    117.146 
# 
loop_
_pdbx_poly_seq_scheme.asym_id 
_pdbx_poly_seq_scheme.entity_id 
_pdbx_poly_seq_scheme.seq_id 
_pdbx_poly_seq_scheme.mon_id 
_pdbx_poly_seq_scheme.ndb_seq_num 
_pdbx_poly_seq_scheme.pdb_seq_num 
_pdbx_poly_seq_scheme.auth_seq_num 
_pdbx_poly_seq_scheme.pdb_mon_id 
_pdbx_poly_seq_scheme.auth_mon_id 
_pdbx_poly_seq_scheme.pdb_strand_id 
_pdbx_poly_seq_scheme.pdb_ins_code 
_pdbx_poly_seq_scheme.hetero 
A 1 1   MSE 1   1   1   MSE MSE A . n 
A 1 2   LYS 2   2   2   LYS LYS A . n 
A 1 3   VAL 3   3   3   VAL VAL A . n 
A 1 4   ALA 4   4   4   ALA ALA A . n 
A 1 5   VAL 5   5   5   VAL VAL A . n 
A 1 6   LEU 6   6   6   LEU LEU A . n 
A 1 7   VAL 7   7   7   VAL VAL A . n 
A 1 8   GLY 8   8   8   GLY GLY A . n 
A 1 9   GLY 9   9   9   GLY GLY A . n 
A 1 10  VAL 10  10  10  VAL VAL A . n 
A 1 11  GLY 11  11  11  GLY GLY A . n 
A 1 12  ARG 12  12  12  ARG ARG A . n 
A 1 13  ARG 13  13  13  ARG ARG A . n 
A 1 14  ILE 14  14  14  ILE ILE A . n 
A 1 15  GLY 15  15  15  GLY GLY A . n 
A 1 16  MSE 16  16  16  MSE MSE A . n 
A 1 17  GLU 17  17  17  GLU GLU A . n 
A 1 18  LYS 18  18  18  LYS LYS A . n 
A 1 19  THR 19  19  19  THR THR A . n 
A 1 20  GLU 20  20  20  GLU GLU A . n 
A 1 21  VAL 21  21  21  VAL VAL A . n 
A 1 22  MSE 22  22  22  MSE MSE A . n 
A 1 23  LEU 23  23  23  LEU LEU A . n 
A 1 24  CYS 24  24  24  CYS CYS A . n 
A 1 25  GLY 25  25  25  GLY GLY A . n 
A 1 26  LYS 26  26  26  LYS LYS A . n 
A 1 27  LYS 27  27  27  LYS LYS A . n 
A 1 28  LEU 28  28  28  LEU LEU A . n 
A 1 29  ILE 29  29  29  ILE ILE A . n 
A 1 30  GLU 30  30  30  GLU GLU A . n 
A 1 31  TRP 31  31  31  TRP TRP A . n 
A 1 32  VAL 32  32  32  VAL VAL A . n 
A 1 33  LEU 33  33  33  LEU LEU A . n 
A 1 34  GLU 34  34  34  GLU GLU A . n 
A 1 35  LYS 35  35  35  LYS LYS A . n 
A 1 36  TYR 36  36  36  TYR TYR A . n 
A 1 37  SER 37  37  37  SER SER A . n 
A 1 38  PRO 38  38  38  PRO PRO A . n 
A 1 39  PHE 39  39  39  PHE PHE A . n 
A 1 40  GLN 40  40  40  GLN GLN A . n 
A 1 41  THR 41  41  41  THR THR A . n 
A 1 42  VAL 42  42  42  VAL VAL A . n 
A 1 43  PHE 43  43  43  PHE PHE A . n 
A 1 44  VAL 44  44  44  VAL VAL A . n 
A 1 45  CYS 45  45  45  CYS CYS A . n 
A 1 46  ARG 46  46  46  ARG ARG A . n 
A 1 47  ASP 47  47  47  ASP ASP A . n 
A 1 48  GLU 48  48  48  GLU GLU A . n 
A 1 49  LYS 49  49  49  LYS LYS A . n 
A 1 50  GLN 50  50  50  GLN GLN A . n 
A 1 51  ALA 51  51  51  ALA ALA A . n 
A 1 52  GLU 52  52  52  GLU GLU A . n 
A 1 53  LYS 53  53  53  LYS LYS A . n 
A 1 54  LEU 54  54  54  LEU LEU A . n 
A 1 55  SER 55  55  55  SER SER A . n 
A 1 56  SER 56  56  56  SER SER A . n 
A 1 57  ARG 57  57  57  ARG ARG A . n 
A 1 58  TYR 58  58  58  TYR TYR A . n 
A 1 59  GLU 59  59  59  GLU GLU A . n 
A 1 60  ALA 60  60  60  ALA ALA A . n 
A 1 61  GLU 61  61  61  GLU GLU A . n 
A 1 62  PHE 62  62  62  PHE PHE A . n 
A 1 63  ILE 63  63  63  ILE ILE A . n 
A 1 64  TRP 64  64  64  TRP TRP A . n 
A 1 65  ASP 65  65  65  ASP ASP A . n 
A 1 66  LEU 66  66  66  LEU LEU A . n 
A 1 67  HIS 67  67  67  HIS HIS A . n 
A 1 68  LYS 68  68  68  LYS LYS A . n 
A 1 69  GLY 69  69  69  GLY GLY A . n 
A 1 70  VAL 70  70  70  VAL VAL A . n 
A 1 71  GLY 71  71  71  GLY GLY A . n 
A 1 72  SER 72  72  72  SER SER A . n 
A 1 73  ILE 73  73  73  ILE ILE A . n 
A 1 74  ALA 74  74  74  ALA ALA A . n 
A 1 75  GLY 75  75  75  GLY GLY A . n 
A 1 76  ILE 76  76  76  ILE ILE A . n 
A 1 77  HIS 77  77  77  HIS HIS A . n 
A 1 78  ALA 78  78  78  ALA ALA A . n 
A 1 79  ALA 79  79  79  ALA ALA A . n 
A 1 80  LEU 80  80  80  LEU LEU A . n 
A 1 81  ARG 81  81  81  ARG ARG A . n 
A 1 82  HIS 82  82  82  HIS HIS A . n 
A 1 83  PHE 83  83  83  PHE PHE A . n 
A 1 84  GLY 84  84  84  GLY GLY A . n 
A 1 85  SER 85  85  85  SER SER A . n 
A 1 86  CYS 86  86  86  CYS CYS A . n 
A 1 87  VAL 87  87  87  VAL VAL A . n 
A 1 88  VAL 88  88  88  VAL VAL A . n 
A 1 89  ALA 89  89  89  ALA ALA A . n 
A 1 90  ALA 90  90  90  ALA ALA A . n 
A 1 91  ILE 91  91  91  ILE ILE A . n 
A 1 92  ASP 92  92  92  ASP ASP A . n 
A 1 93  MSE 93  93  93  MSE MSE A . n 
A 1 94  PRO 94  94  94  PRO PRO A . n 
A 1 95  PHE 95  95  95  PHE PHE A . n 
A 1 96  VAL 96  96  96  VAL VAL A . n 
A 1 97  LYS 97  97  97  LYS LYS A . n 
A 1 98  PRO 98  98  98  PRO PRO A . n 
A 1 99  GLU 99  99  99  GLU GLU A . n 
A 1 100 VAL 100 100 100 VAL VAL A . n 
A 1 101 LEU 101 101 101 LEU LEU A . n 
A 1 102 GLU 102 102 102 GLU GLU A . n 
A 1 103 HIS 103 103 103 HIS HIS A . n 
A 1 104 LEU 104 104 104 LEU LEU A . n 
A 1 105 TYR 105 105 105 TYR TYR A . n 
A 1 106 LYS 106 106 106 LYS LYS A . n 
A 1 107 GLU 107 107 107 GLU GLU A . n 
A 1 108 GLY 108 108 108 GLY GLY A . n 
A 1 109 GLU 109 109 109 GLU GLU A . n 
A 1 110 LYS 110 110 110 LYS LYS A . n 
A 1 111 ALA 111 111 111 ALA ALA A . n 
A 1 112 GLY 112 112 112 GLY GLY A . n 
A 1 113 CYS 113 113 113 CYS CYS A . n 
A 1 114 ASP 114 114 114 ASP ASP A . n 
A 1 115 ALA 115 115 115 ALA ALA A . n 
A 1 116 LEU 116 116 116 LEU LEU A . n 
A 1 117 ILE 117 117 117 ILE ILE A . n 
A 1 118 PRO 118 118 118 PRO PRO A . n 
A 1 119 LYS 119 119 119 LYS LYS A . n 
A 1 120 HIS 120 120 120 HIS HIS A . n 
A 1 121 ASP 121 121 121 ASP ASP A . n 
A 1 122 TYR 122 122 122 TYR TYR A . n 
A 1 123 PRO 123 123 123 PRO PRO A . n 
A 1 124 GLU 124 124 124 GLU GLU A . n 
A 1 125 PRO 125 125 125 PRO PRO A . n 
A 1 126 LEU 126 126 126 LEU LEU A . n 
A 1 127 LEU 127 127 127 LEU LEU A . n 
A 1 128 ALA 128 128 128 ALA ALA A . n 
A 1 129 TYR 129 129 129 TYR TYR A . n 
A 1 130 TYR 130 130 130 TYR TYR A . n 
A 1 131 ALA 131 131 131 ALA ALA A . n 
A 1 132 GLU 132 132 132 GLU GLU A . n 
A 1 133 SER 133 133 133 SER SER A . n 
A 1 134 ALA 134 134 134 ALA ALA A . n 
A 1 135 ALA 135 135 135 ALA ALA A . n 
A 1 136 ASP 136 136 136 ASP ASP A . n 
A 1 137 GLU 137 137 137 GLU GLU A . n 
A 1 138 LEU 138 138 138 LEU LEU A . n 
A 1 139 GLU 139 139 139 GLU GLU A . n 
A 1 140 ARG 140 140 140 ARG ARG A . n 
A 1 141 ALA 141 141 141 ALA ALA A . n 
A 1 142 ILE 142 142 142 ILE ILE A . n 
A 1 143 LEU 143 143 143 LEU LEU A . n 
A 1 144 GLN 144 144 144 GLN GLN A . n 
A 1 145 GLY 145 145 145 GLY GLY A . n 
A 1 146 ILE 146 146 146 ILE ILE A . n 
A 1 147 ARG 147 147 147 ARG ARG A . n 
A 1 148 LYS 148 148 148 LYS LYS A . n 
A 1 149 ILE 149 149 149 ILE ILE A . n 
A 1 150 LEU 150 150 150 LEU LEU A . n 
A 1 151 VAL 151 151 151 VAL VAL A . n 
A 1 152 PRO 152 152 152 PRO PRO A . n 
A 1 153 LEU 153 153 153 LEU LEU A . n 
A 1 154 GLU 154 154 154 GLU GLU A . n 
A 1 155 ARG 155 155 155 ARG ARG A . n 
A 1 156 LEU 156 156 156 LEU LEU A . n 
A 1 157 ASN 157 157 157 ASN ASN A . n 
A 1 158 VAL 158 158 158 VAL VAL A . n 
A 1 159 VAL 159 159 159 VAL VAL A . n 
A 1 160 TYR 160 160 160 TYR TYR A . n 
A 1 161 TYR 161 161 161 TYR TYR A . n 
A 1 162 PRO 162 162 162 PRO PRO A . n 
A 1 163 VAL 163 163 163 VAL VAL A . n 
A 1 164 GLU 164 164 164 GLU GLU A . n 
A 1 165 LYS 165 165 165 LYS LYS A . n 
A 1 166 LEU 166 166 166 LEU LEU A . n 
A 1 167 ARG 167 167 167 ARG ARG A . n 
A 1 168 LYS 168 168 168 LYS LYS A . n 
A 1 169 PHE 169 169 169 PHE PHE A . n 
A 1 170 ASP 170 170 170 ASP ASP A . n 
A 1 171 LYS 171 171 171 LYS LYS A . n 
A 1 172 GLU 172 172 172 GLU GLU A . n 
A 1 173 LEU 173 173 173 LEU LEU A . n 
A 1 174 ILE 174 174 174 ILE ILE A . n 
A 1 175 SER 175 175 175 SER SER A . n 
A 1 176 PHE 176 176 176 PHE PHE A . n 
A 1 177 PHE 177 177 177 PHE PHE A . n 
A 1 178 ASN 178 178 178 ASN ASN A . n 
A 1 179 ILE 179 179 179 ILE ILE A . n 
A 1 180 ASN 180 180 180 ASN ASN A . n 
A 1 181 THR 181 181 181 THR THR A . n 
A 1 182 PRO 182 182 182 PRO PRO A . n 
A 1 183 ASP 183 183 183 ASP ASP A . n 
A 1 184 ASP 184 184 184 ASP ASP A . n 
A 1 185 LEU 185 185 185 LEU LEU A . n 
A 1 186 LYS 186 186 186 LYS LYS A . n 
A 1 187 ARG 187 187 187 ARG ARG A . n 
A 1 188 ALA 188 188 188 ALA ALA A . n 
A 1 189 GLU 189 189 189 GLU GLU A . n 
A 1 190 GLU 190 190 190 GLU GLU A . n 
A 1 191 ILE 191 191 191 ILE ILE A . n 
A 1 192 CYS 192 192 192 CYS CYS A . n 
A 1 193 SER 193 193 193 SER SER A . n 
A 1 194 LYS 194 194 194 LYS LYS A . n 
A 1 195 MSE 195 195 195 MSE MSE A . n 
A 1 196 SER 196 196 ?   ?   ?   A . n 
A 1 197 THR 197 197 ?   ?   ?   A . n 
A 1 198 GLU 198 198 ?   ?   ?   A . n 
A 1 199 GLY 199 199 ?   ?   ?   A . n 
A 1 200 LEU 200 200 ?   ?   ?   A . n 
A 1 201 LEU 201 201 ?   ?   ?   A . n 
A 1 202 GLU 202 202 ?   ?   ?   A . n 
A 1 203 HIS 203 203 ?   ?   ?   A . n 
A 1 204 HIS 204 204 ?   ?   ?   A . n 
A 1 205 HIS 205 205 ?   ?   ?   A . n 
A 1 206 HIS 206 206 ?   ?   ?   A . n 
A 1 207 HIS 207 207 ?   ?   ?   A . n 
A 1 208 HIS 208 208 ?   ?   ?   A . n 
# 
loop_
_pdbx_nonpoly_scheme.asym_id 
_pdbx_nonpoly_scheme.entity_id 
_pdbx_nonpoly_scheme.mon_id 
_pdbx_nonpoly_scheme.ndb_seq_num 
_pdbx_nonpoly_scheme.pdb_seq_num 
_pdbx_nonpoly_scheme.auth_seq_num 
_pdbx_nonpoly_scheme.pdb_mon_id 
_pdbx_nonpoly_scheme.auth_mon_id 
_pdbx_nonpoly_scheme.pdb_strand_id 
_pdbx_nonpoly_scheme.pdb_ins_code 
B 2 CA  1  209 201 CA  CA  A . 
C 2 CA  1  210 202 CA  CA  A . 
D 3 HOH 1  211 1   HOH HOH A . 
D 3 HOH 2  212 2   HOH HOH A . 
D 3 HOH 3  213 3   HOH HOH A . 
D 3 HOH 4  214 4   HOH HOH A . 
D 3 HOH 5  215 5   HOH HOH A . 
D 3 HOH 6  216 6   HOH HOH A . 
D 3 HOH 7  217 7   HOH HOH A . 
D 3 HOH 8  218 8   HOH HOH A . 
D 3 HOH 9  219 9   HOH HOH A . 
D 3 HOH 10 220 10  HOH HOH A . 
D 3 HOH 11 221 11  HOH HOH A . 
D 3 HOH 12 222 12  HOH HOH A . 
D 3 HOH 13 223 13  HOH HOH A . 
D 3 HOH 14 224 14  HOH HOH A . 
D 3 HOH 15 225 15  HOH HOH A . 
D 3 HOH 16 226 16  HOH HOH A . 
D 3 HOH 17 227 17  HOH HOH A . 
D 3 HOH 18 228 18  HOH HOH A . 
D 3 HOH 19 229 19  HOH HOH A . 
D 3 HOH 20 230 20  HOH HOH A . 
D 3 HOH 21 231 21  HOH HOH A . 
D 3 HOH 22 232 22  HOH HOH A . 
D 3 HOH 23 233 23  HOH HOH A . 
D 3 HOH 24 234 24  HOH HOH A . 
D 3 HOH 25 235 25  HOH HOH A . 
D 3 HOH 26 236 26  HOH HOH A . 
D 3 HOH 27 237 27  HOH HOH A . 
D 3 HOH 28 238 28  HOH HOH A . 
D 3 HOH 29 239 29  HOH HOH A . 
D 3 HOH 30 240 30  HOH HOH A . 
D 3 HOH 31 241 31  HOH HOH A . 
D 3 HOH 32 242 32  HOH HOH A . 
D 3 HOH 33 243 33  HOH HOH A . 
D 3 HOH 34 244 34  HOH HOH A . 
D 3 HOH 35 245 35  HOH HOH A . 
D 3 HOH 36 246 36  HOH HOH A . 
D 3 HOH 37 247 37  HOH HOH A . 
D 3 HOH 38 248 38  HOH HOH A . 
D 3 HOH 39 249 39  HOH HOH A . 
D 3 HOH 40 250 40  HOH HOH A . 
D 3 HOH 41 251 41  HOH HOH A . 
D 3 HOH 42 252 42  HOH HOH A . 
D 3 HOH 43 253 43  HOH HOH A . 
D 3 HOH 44 254 44  HOH HOH A . 
D 3 HOH 45 255 45  HOH HOH A . 
D 3 HOH 46 256 46  HOH HOH A . 
D 3 HOH 47 257 47  HOH HOH A . 
D 3 HOH 48 258 48  HOH HOH A . 
D 3 HOH 49 259 49  HOH HOH A . 
D 3 HOH 50 260 50  HOH HOH A . 
D 3 HOH 51 261 51  HOH HOH A . 
D 3 HOH 52 262 52  HOH HOH A . 
D 3 HOH 53 263 53  HOH HOH A . 
D 3 HOH 54 264 54  HOH HOH A . 
D 3 HOH 55 265 55  HOH HOH A . 
D 3 HOH 56 266 56  HOH HOH A . 
D 3 HOH 57 267 57  HOH HOH A . 
D 3 HOH 58 268 58  HOH HOH A . 
# 
loop_
_software.name 
_software.version 
_software.date 
_software.type 
_software.contact_author 
_software.contact_author_email 
_software.classification 
_software.location 
_software.language 
_software.citation_id 
_software.pdbx_ordinal 
CNS         1.2                         ?                 ?       ?                 ?                        refinement        ? ? 
? 1 
PDB_EXTRACT 3.00                        'March. 27, 2007' package PDB               sw-help@rcsb.rutgers.edu 'data extraction' 
http://pdb.rutgers.edu/software/ C++        ? 2 
ADSC        Quantum                     ?                 ?       ?                 ?                        'data collection' ? ? 
? 3 
HKL-2000    .                           ?                 ?       ?                 ?                        'data reduction'  ? ? 
? 4 
SCALEPACK   .                           ?                 ?       ?                 ?                        'data scaling'    ? ? 
? 5 
SnB         'followed by SOLVE/RESOLVE' ?                 ?       ?                 ?                        phasing           ? ? 
? 6 
REFMAC      .                           ?                 program 'Murshudov, G.N.' ccp4@dl.ac.uk            refinement        
http://www.ccp4.ac.uk/main.html  Fortran_77 ? 7 
# 
_cell.entry_id           3NGW 
_cell.length_a           116.100 
_cell.length_b           116.100 
_cell.length_c           116.100 
_cell.angle_alpha        90.000 
_cell.angle_beta         90.000 
_cell.angle_gamma        90.000 
_cell.pdbx_unique_axis   ? 
_cell.Z_PDB              24 
_cell.length_a_esd       ? 
_cell.length_b_esd       ? 
_cell.length_c_esd       ? 
_cell.angle_alpha_esd    ? 
_cell.angle_beta_esd     ? 
_cell.angle_gamma_esd    ? 
# 
_symmetry.entry_id                         3NGW 
_symmetry.space_group_name_H-M             'I 21 3' 
_symmetry.Int_Tables_number                199 
_symmetry.pdbx_full_space_group_name_H-M   ? 
_symmetry.cell_setting                     ? 
_symmetry.space_group_name_Hall            ? 
# 
_exptl.crystals_number   1 
_exptl.entry_id          3NGW 
_exptl.method            'X-RAY DIFFRACTION' 
# 
_exptl_crystal.id                    1 
_exptl_crystal.density_Matthews      2.72 
_exptl_crystal.density_meas          ? 
_exptl_crystal.density_percent_sol   54.70 
_exptl_crystal.description           ? 
_exptl_crystal.F_000                 ? 
_exptl_crystal.preparation           ? 
# 
_exptl_crystal_grow.crystal_id      1 
_exptl_crystal_grow.method          ? 
_exptl_crystal_grow.pH              7 
_exptl_crystal_grow.temp            277 
_exptl_crystal_grow.pdbx_details    
;Protein solution: 100mM NaCl, 5mM DTT, 0.02% NaN3, 10mM Tris-HCl (pH 7.5) . Reservoir solution: 0.1M Bis-Tris Propane (pH 7), 20% (W/V) PEG 8k, 0.1M calcium chloride dihydrate, and 20% ethylene glycol as the cryo-protectant, Microbatch, under oil, temperature 277K
;
_exptl_crystal_grow.temp_details    ? 
_exptl_crystal_grow.pdbx_pH_range   ? 
# 
_diffrn.id                     1 
_diffrn.ambient_temp           100 
_diffrn.ambient_temp_details   ? 
_diffrn.crystal_id             1 
# 
_diffrn_detector.diffrn_id              1 
_diffrn_detector.detector               CCD 
_diffrn_detector.type                   'ADSC QUANTUM 4' 
_diffrn_detector.pdbx_collection_date   2010-06-03 
_diffrn_detector.details                mirrors 
# 
_diffrn_radiation.diffrn_id                        1 
_diffrn_radiation.pdbx_diffrn_protocol             'SINGLE WAVELENGTH' 
_diffrn_radiation.monochromator                    'Si 111 CHANNEL' 
_diffrn_radiation.wavelength_id                    1 
_diffrn_radiation.pdbx_monochromatic_or_laue_m_l   M 
_diffrn_radiation.pdbx_scattering_type             x-ray 
# 
_diffrn_radiation_wavelength.id           1 
_diffrn_radiation_wavelength.wavelength   0.97908 
_diffrn_radiation_wavelength.wt           1.0 
# 
_diffrn_source.diffrn_id                   1 
_diffrn_source.source                      SYNCHROTRON 
_diffrn_source.type                        'NSLS BEAMLINE X4A' 
_diffrn_source.pdbx_wavelength_list        0.97908 
_diffrn_source.pdbx_wavelength             ? 
_diffrn_source.pdbx_synchrotron_site       NSLS 
_diffrn_source.pdbx_synchrotron_beamline   X4A 
# 
_reflns.entry_id                     3NGW 
_reflns.B_iso_Wilson_estimate        26.800 
_reflns.observed_criterion_sigma_F   0 
_reflns.observed_criterion_sigma_I   0 
_reflns.d_resolution_high            2.3 
_reflns.d_resolution_low             30 
_reflns.number_all                   22242 
_reflns.number_obs                   21953 
_reflns.percent_possible_obs         98.7 
_reflns.pdbx_Rmerge_I_obs            0.093 
_reflns.pdbx_Rsym_value              0.067 
_reflns.pdbx_netI_over_sigmaI        20.05 
_reflns.pdbx_redundancy              5.1 
_reflns.R_free_details               ? 
_reflns.limit_h_max                  ? 
_reflns.limit_h_min                  ? 
_reflns.limit_k_max                  ? 
_reflns.limit_k_min                  ? 
_reflns.limit_l_max                  ? 
_reflns.limit_l_min                  ? 
_reflns.observed_criterion_F_max     ? 
_reflns.observed_criterion_F_min     ? 
_reflns.pdbx_chi_squared             ? 
_reflns.pdbx_scaling_rejects         ? 
_reflns.pdbx_diffrn_id               1 
_reflns.pdbx_ordinal                 1 
# 
_reflns_shell.d_res_high             2.3 
_reflns_shell.d_res_low              2.38 
_reflns_shell.percent_possible_obs   ? 
_reflns_shell.percent_possible_all   100 
_reflns_shell.Rmerge_I_obs           0.498 
_reflns_shell.meanI_over_sigI_obs    2.96 
_reflns_shell.pdbx_Rsym_value        0.433 
_reflns_shell.pdbx_redundancy        5.7 
_reflns_shell.number_unique_all      2218 
_reflns_shell.number_measured_all    ? 
_reflns_shell.number_measured_obs    ? 
_reflns_shell.number_unique_obs      ? 
_reflns_shell.pdbx_chi_squared       ? 
_reflns_shell.pdbx_diffrn_id         ? 
_reflns_shell.pdbx_ordinal           1 
# 
_refine.entry_id                                 3NGW 
_refine.ls_d_res_high                            2.310 
_refine.ls_d_res_low                             19.910 
_refine.pdbx_ls_sigma_F                          2.00 
_refine.pdbx_data_cutoff_high_absF               365342.156 
_refine.pdbx_data_cutoff_low_absF                0.000 
_refine.ls_percent_reflns_obs                    84.400 
_refine.ls_number_reflns_obs                     18771 
_refine.pdbx_ls_cross_valid_method               THROUGHOUT 
_refine.pdbx_R_Free_selection_details            RANDOM 
_refine.ls_R_factor_R_work                       0.183 
_refine.ls_R_factor_R_free                       0.226 
_refine.ls_percent_reflns_R_free                 9.400 
_refine.ls_number_reflns_R_free                  1757 
_refine.ls_R_factor_R_free_error                 0.005 
_refine.B_iso_mean                               44.900 
_refine.solvent_model_param_bsol                 40.634 
_refine.solvent_model_param_ksol                 0.350 
_refine.pdbx_isotropic_thermal_model             RESTRAINED 
_refine.aniso_B[1][1]                            0.000 
_refine.aniso_B[2][2]                            0.000 
_refine.aniso_B[3][3]                            0.000 
_refine.aniso_B[1][2]                            0.000 
_refine.aniso_B[1][3]                            0.000 
_refine.aniso_B[2][3]                            0.000 
_refine.solvent_model_details                    'FLAT MODEL' 
_refine.pdbx_ls_sigma_I                          2 
_refine.ls_number_reflns_all                     22240 
_refine.ls_R_factor_all                          0.192 
_refine.ls_R_factor_obs                          0.187 
_refine.ls_redundancy_reflns_obs                 ? 
_refine.ls_number_parameters                     ? 
_refine.ls_number_restraints                     ? 
_refine.ls_R_factor_R_free_error_details         ? 
_refine.pdbx_method_to_determine_struct          SAD 
_refine.pdbx_starting_model                      ? 
_refine.pdbx_stereochem_target_val_spec_case     ? 
_refine.pdbx_stereochemistry_target_values       'Engh & Huber' 
_refine.occupancy_max                            ? 
_refine.occupancy_min                            ? 
_refine.details                                  ? 
_refine.B_iso_min                                ? 
_refine.B_iso_max                                ? 
_refine.correlation_coeff_Fo_to_Fc               ? 
_refine.correlation_coeff_Fo_to_Fc_free          ? 
_refine.pdbx_solvent_vdw_probe_radii             ? 
_refine.pdbx_solvent_ion_probe_radii             ? 
_refine.pdbx_solvent_shrinkage_radii             ? 
_refine.overall_SU_R_Cruickshank_DPI             ? 
_refine.overall_SU_R_free                        ? 
_refine.overall_SU_ML                            ? 
_refine.overall_SU_B                             ? 
_refine.pdbx_overall_ESU_R_Free                  ? 
_refine.pdbx_data_cutoff_high_rms_absF           ? 
_refine.ls_wR_factor_R_free                      ? 
_refine.ls_wR_factor_R_work                      ? 
_refine.overall_FOM_free_R_set                   ? 
_refine.overall_FOM_work_R_set                   ? 
_refine.pdbx_overall_phase_error                 ? 
_refine.pdbx_refine_id                           'X-RAY DIFFRACTION' 
_refine.pdbx_overall_ESU_R                       ? 
_refine.pdbx_diffrn_id                           1 
_refine.pdbx_TLS_residual_ADP_flag               ? 
_refine.pdbx_overall_SU_R_free_Cruickshank_DPI   ? 
_refine.pdbx_overall_SU_R_Blow_DPI               ? 
_refine.pdbx_overall_SU_R_free_Blow_DPI          ? 
# 
_refine_analyze.entry_id                        3NGW 
_refine_analyze.Luzzati_coordinate_error_obs    0.250 
_refine_analyze.Luzzati_sigma_a_obs             0.200 
_refine_analyze.Luzzati_d_res_low_obs           5.000 
_refine_analyze.Luzzati_coordinate_error_free   0.320 
_refine_analyze.Luzzati_sigma_a_free            0.260 
_refine_analyze.Luzzati_d_res_low_free          ? 
_refine_analyze.number_disordered_residues      ? 
_refine_analyze.occupancy_sum_non_hydrogen      ? 
_refine_analyze.occupancy_sum_hydrogen          ? 
_refine_analyze.pdbx_Luzzati_d_res_high_obs     ? 
_refine_analyze.pdbx_refine_id                  'X-RAY DIFFRACTION' 
# 
_refine_hist.pdbx_refine_id                   'X-RAY DIFFRACTION' 
_refine_hist.cycle_id                         LAST 
_refine_hist.pdbx_number_atoms_protein        1559 
_refine_hist.pdbx_number_atoms_nucleic_acid   0 
_refine_hist.pdbx_number_atoms_ligand         2 
_refine_hist.number_atoms_solvent             58 
_refine_hist.number_atoms_total               1619 
_refine_hist.d_res_high                       2.310 
_refine_hist.d_res_low                        19.910 
# 
loop_
_refine_ls_restr.type 
_refine_ls_restr.number 
_refine_ls_restr.dev_ideal 
_refine_ls_restr.dev_ideal_target 
_refine_ls_restr.weight 
_refine_ls_restr.pdbx_refine_id 
_refine_ls_restr.pdbx_restraint_function 
c_bond_d           ? 0.007  ? ? 'X-RAY DIFFRACTION' ? 
c_angle_deg        ? 1.200  ? ? 'X-RAY DIFFRACTION' ? 
c_dihedral_angle_d ? 22.500 ? ? 'X-RAY DIFFRACTION' ? 
c_improper_angle_d ? 0.770  ? ? 'X-RAY DIFFRACTION' ? 
# 
_refine_ls_shell.d_res_high                       2.300 
_refine_ls_shell.d_res_low                        2.380 
_refine_ls_shell.pdbx_total_number_of_bins_used   10 
_refine_ls_shell.percent_reflns_obs               58.400 
_refine_ls_shell.number_reflns_R_work             1211 
_refine_ls_shell.R_factor_all                     ? 
_refine_ls_shell.R_factor_R_work                  0.209 
_refine_ls_shell.R_factor_R_free                  0.252 
_refine_ls_shell.percent_reflns_R_free            9.400 
_refine_ls_shell.number_reflns_R_free             126 
_refine_ls_shell.R_factor_R_free_error            0.022 
_refine_ls_shell.number_reflns_all                ? 
_refine_ls_shell.number_reflns_obs                1337 
_refine_ls_shell.redundancy_reflns_obs            ? 
_refine_ls_shell.pdbx_refine_id                   'X-RAY DIFFRACTION' 
# 
_struct.entry_id                  3NGW 
_struct.title                     
;Crystal Structure of Molybdopterin-guanine dinucleotide biosynthesis protein A from Archaeoglobus fulgidus, Northeast Structural Genomics Consortium Target GR189
;
_struct.pdbx_model_details        ? 
_struct.pdbx_CASP_flag            Y 
_struct.pdbx_model_type_details   ? 
# 
_struct_keywords.entry_id        3NGW 
_struct_keywords.text            
;alpha-beta protein, Structural Genomics, PSI-2, Protein Structure Initiative, Northeast Structural Genomics Consortium, NESG, BIOSYNTHETIC PROTEIN
;
_struct_keywords.pdbx_keywords   'BIOSYNTHETIC PROTEIN' 
# 
loop_
_struct_asym.id 
_struct_asym.pdbx_blank_PDB_chainid_flag 
_struct_asym.pdbx_modified 
_struct_asym.entity_id 
_struct_asym.details 
A N N 1 ? 
B N N 2 ? 
C N N 2 ? 
D N N 3 ? 
# 
_struct_ref.id                         1 
_struct_ref.db_name                    UNP 
_struct_ref.db_code                    O28274_ARCFU 
_struct_ref.pdbx_db_accession          O28274 
_struct_ref.entity_id                  1 
_struct_ref.pdbx_seq_one_letter_code   
;MKVAVLVGGVGRRIGMEKTEVMLCGKKLIEWVLEKYSPFQTVFVCRDEKQAEKLSSRYEAEFIWDLHKGVGSIAGIHAAL
RHFGSCVVAAIDMPFVKPEVLEHLYKEGEKAGCDALIPKHDYPEPLLAYYAESAADELERAILQGIRKILVPLERLNVVY
YPVEKLRKFDKELISFFNINTPDDLKRAEEICSKMSTEGL
;
_struct_ref.pdbx_align_begin           1 
_struct_ref.pdbx_db_isoform            ? 
# 
_struct_ref_seq.align_id                      1 
_struct_ref_seq.ref_id                        1 
_struct_ref_seq.pdbx_PDB_id_code              3NGW 
_struct_ref_seq.pdbx_strand_id                A 
_struct_ref_seq.seq_align_beg                 1 
_struct_ref_seq.pdbx_seq_align_beg_ins_code   ? 
_struct_ref_seq.seq_align_end                 200 
_struct_ref_seq.pdbx_seq_align_end_ins_code   ? 
_struct_ref_seq.pdbx_db_accession             O28274 
_struct_ref_seq.db_align_beg                  1 
_struct_ref_seq.pdbx_db_align_beg_ins_code    ? 
_struct_ref_seq.db_align_end                  200 
_struct_ref_seq.pdbx_db_align_end_ins_code    ? 
_struct_ref_seq.pdbx_auth_seq_align_beg       1 
_struct_ref_seq.pdbx_auth_seq_align_end       200 
# 
loop_
_struct_ref_seq_dif.align_id 
_struct_ref_seq_dif.pdbx_pdb_id_code 
_struct_ref_seq_dif.mon_id 
_struct_ref_seq_dif.pdbx_pdb_strand_id 
_struct_ref_seq_dif.seq_num 
_struct_ref_seq_dif.pdbx_pdb_ins_code 
_struct_ref_seq_dif.pdbx_seq_db_name 
_struct_ref_seq_dif.pdbx_seq_db_accession_code 
_struct_ref_seq_dif.db_mon_id 
_struct_ref_seq_dif.pdbx_seq_db_seq_num 
_struct_ref_seq_dif.details 
_struct_ref_seq_dif.pdbx_auth_seq_num 
_struct_ref_seq_dif.pdbx_ordinal 
1 3NGW LEU A 201 ? UNP O28274 ? ? 'expression tag' 201 1 
1 3NGW GLU A 202 ? UNP O28274 ? ? 'expression tag' 202 2 
1 3NGW HIS A 203 ? UNP O28274 ? ? 'expression tag' 203 3 
1 3NGW HIS A 204 ? UNP O28274 ? ? 'expression tag' 204 4 
1 3NGW HIS A 205 ? UNP O28274 ? ? 'expression tag' 205 5 
1 3NGW HIS A 206 ? UNP O28274 ? ? 'expression tag' 206 6 
1 3NGW HIS A 207 ? UNP O28274 ? ? 'expression tag' 207 7 
1 3NGW HIS A 208 ? UNP O28274 ? ? 'expression tag' 208 8 
# 
loop_
_pdbx_struct_assembly.id 
_pdbx_struct_assembly.details 
_pdbx_struct_assembly.method_details 
_pdbx_struct_assembly.oligomeric_details 
_pdbx_struct_assembly.oligomeric_count 
1 author_defined_assembly   ?    monomeric 1 
2 software_defined_assembly PISA dimeric   2 
# 
loop_
_pdbx_struct_assembly_prop.biol_id 
_pdbx_struct_assembly_prop.type 
_pdbx_struct_assembly_prop.value 
_pdbx_struct_assembly_prop.details 
2 'ABSA (A^2)' 2840  ? 
2 MORE         -28   ? 
2 'SSA (A^2)'  17120 ? 
# 
loop_
_pdbx_struct_assembly_gen.assembly_id 
_pdbx_struct_assembly_gen.oper_expression 
_pdbx_struct_assembly_gen.asym_id_list 
1 1   A,B,C,D 
2 1,2 A,B,C,D 
# 
_pdbx_struct_assembly_auth_evidence.id                     1 
_pdbx_struct_assembly_auth_evidence.assembly_id            1 
_pdbx_struct_assembly_auth_evidence.experimental_support   'light scattering' 
_pdbx_struct_assembly_auth_evidence.details                ? 
# 
loop_
_pdbx_struct_oper_list.id 
_pdbx_struct_oper_list.type 
_pdbx_struct_oper_list.name 
_pdbx_struct_oper_list.symmetry_operation 
_pdbx_struct_oper_list.matrix[1][1] 
_pdbx_struct_oper_list.matrix[1][2] 
_pdbx_struct_oper_list.matrix[1][3] 
_pdbx_struct_oper_list.vector[1] 
_pdbx_struct_oper_list.matrix[2][1] 
_pdbx_struct_oper_list.matrix[2][2] 
_pdbx_struct_oper_list.matrix[2][3] 
_pdbx_struct_oper_list.vector[2] 
_pdbx_struct_oper_list.matrix[3][1] 
_pdbx_struct_oper_list.matrix[3][2] 
_pdbx_struct_oper_list.matrix[3][3] 
_pdbx_struct_oper_list.vector[3] 
1 'identity operation'         1_555  x,y,z         1.0000000000  0.0000000000  0.0000000000 0.0000000000  0.0000000000  1.0000000000 0.0000000000  0.0000000000 0.0000000000 0.0000000000  1.0000000000  0.0000000000  
2 'crystal symmetry operation' 16_566 x,-y+1,-z+3/2 -0.9600199063 -0.2797279393 0.0106798632 22.0209901251 -0.2797279393 0.9571669995 -0.0747235902 3.8172133672 0.0106798632 -0.0747235902 -0.9971470933 17.5451666474 
# 
_struct_biol.id        1 
_struct_biol.details   
;The current crystal structure reveals that the protein forms dimer, whereas the static light scattering data suggests that it forms monomer in the solution.
;
# 
loop_
_struct_conf.conf_type_id 
_struct_conf.id 
_struct_conf.pdbx_PDB_helix_id 
_struct_conf.beg_label_comp_id 
_struct_conf.beg_label_asym_id 
_struct_conf.beg_label_seq_id 
_struct_conf.pdbx_beg_PDB_ins_code 
_struct_conf.end_label_comp_id 
_struct_conf.end_label_asym_id 
_struct_conf.end_label_seq_id 
_struct_conf.pdbx_end_PDB_ins_code 
_struct_conf.beg_auth_comp_id 
_struct_conf.beg_auth_asym_id 
_struct_conf.beg_auth_seq_id 
_struct_conf.end_auth_comp_id 
_struct_conf.end_auth_asym_id 
_struct_conf.end_auth_seq_id 
_struct_conf.pdbx_PDB_helix_class 
_struct_conf.details 
_struct_conf.pdbx_PDB_helix_length 
HELX_P HELX_P1  1  GLU A 17  ? GLU A 20  ? GLU A 17  GLU A 20  5 ? 4  
HELX_P HELX_P2  2  LEU A 28  ? SER A 37  ? LEU A 28  SER A 37  1 ? 10 
HELX_P HELX_P3  3  ASP A 47  ? SER A 56  ? ASP A 47  SER A 56  1 ? 10 
HELX_P HELX_P4  4  GLY A 71  ? GLY A 84  ? GLY A 71  GLY A 84  1 ? 14 
HELX_P HELX_P5  5  LYS A 97  ? GLY A 112 ? LYS A 97  GLY A 112 1 ? 16 
HELX_P HELX_P6  6  ALA A 134 ? GLN A 144 ? ALA A 134 GLN A 144 1 ? 11 
HELX_P HELX_P7  7  ILE A 149 ? ARG A 155 ? ILE A 149 ARG A 155 1 ? 7  
HELX_P HELX_P8  8  GLU A 164 ? ARG A 167 ? GLU A 164 ARG A 167 5 ? 4  
HELX_P HELX_P9  9  LEU A 173 ? PHE A 177 ? LEU A 173 PHE A 177 5 ? 5  
HELX_P HELX_P10 10 THR A 181 ? MSE A 195 ? THR A 181 MSE A 195 1 ? 15 
# 
_struct_conf_type.id          HELX_P 
_struct_conf_type.criteria    ? 
_struct_conf_type.reference   ? 
# 
loop_
_struct_conn.id 
_struct_conn.conn_type_id 
_struct_conn.pdbx_leaving_atom_flag 
_struct_conn.pdbx_PDB_id 
_struct_conn.ptnr1_label_asym_id 
_struct_conn.ptnr1_label_comp_id 
_struct_conn.ptnr1_label_seq_id 
_struct_conn.ptnr1_label_atom_id 
_struct_conn.pdbx_ptnr1_label_alt_id 
_struct_conn.pdbx_ptnr1_PDB_ins_code 
_struct_conn.pdbx_ptnr1_standard_comp_id 
_struct_conn.ptnr1_symmetry 
_struct_conn.ptnr2_label_asym_id 
_struct_conn.ptnr2_label_comp_id 
_struct_conn.ptnr2_label_seq_id 
_struct_conn.ptnr2_label_atom_id 
_struct_conn.pdbx_ptnr2_label_alt_id 
_struct_conn.pdbx_ptnr2_PDB_ins_code 
_struct_conn.ptnr1_auth_asym_id 
_struct_conn.ptnr1_auth_comp_id 
_struct_conn.ptnr1_auth_seq_id 
_struct_conn.ptnr2_auth_asym_id 
_struct_conn.ptnr2_auth_comp_id 
_struct_conn.ptnr2_auth_seq_id 
_struct_conn.ptnr2_symmetry 
_struct_conn.pdbx_ptnr3_label_atom_id 
_struct_conn.pdbx_ptnr3_label_seq_id 
_struct_conn.pdbx_ptnr3_label_comp_id 
_struct_conn.pdbx_ptnr3_label_asym_id 
_struct_conn.pdbx_ptnr3_label_alt_id 
_struct_conn.pdbx_ptnr3_PDB_ins_code 
_struct_conn.details 
_struct_conn.pdbx_dist_value 
_struct_conn.pdbx_value_order 
_struct_conn.pdbx_role 
disulf1 disulf ?    ? A CYS 24  SG  ? ? ? 1_555 A CYS 192 SG ? ? A CYS 24  A CYS 192 1_555 ? ? ? ? ? ? ? 2.034 ? ? 
covale1 covale both ? A MSE 1   C   ? ? ? 1_555 A LYS 2   N  ? ? A MSE 1   A LYS 2   1_555 ? ? ? ? ? ? ? 1.330 ? ? 
covale2 covale both ? A GLY 15  C   ? ? ? 1_555 A MSE 16  N  ? ? A GLY 15  A MSE 16  1_555 ? ? ? ? ? ? ? 1.330 ? ? 
covale3 covale both ? A MSE 16  C   ? ? ? 1_555 A GLU 17  N  ? ? A MSE 16  A GLU 17  1_555 ? ? ? ? ? ? ? 1.330 ? ? 
covale4 covale both ? A VAL 21  C   ? ? ? 1_555 A MSE 22  N  ? ? A VAL 21  A MSE 22  1_555 ? ? ? ? ? ? ? 1.330 ? ? 
covale5 covale both ? A MSE 22  C   ? ? ? 1_555 A LEU 23  N  ? ? A MSE 22  A LEU 23  1_555 ? ? ? ? ? ? ? 1.324 ? ? 
covale6 covale both ? A ASP 92  C   ? ? ? 1_555 A MSE 93  N  ? ? A ASP 92  A MSE 93  1_555 ? ? ? ? ? ? ? 1.327 ? ? 
covale7 covale both ? A MSE 93  C   ? ? ? 1_555 A PRO 94  N  ? ? A MSE 93  A PRO 94  1_555 ? ? ? ? ? ? ? 1.341 ? ? 
covale8 covale both ? A LYS 194 C   ? ? ? 1_555 A MSE 195 N  ? ? A LYS 194 A MSE 195 1_555 ? ? ? ? ? ? ? 1.330 ? ? 
metalc1 metalc ?    ? A ASP 136 OD2 ? ? ? 1_555 B CA  .   CA ? ? A ASP 136 A CA  209 1_555 ? ? ? ? ? ? ? 2.811 ? ? 
metalc2 metalc ?    ? A ASP 136 OD1 ? ? ? 1_555 B CA  .   CA ? ? A ASP 136 A CA  209 1_555 ? ? ? ? ? ? ? 2.924 ? ? 
metalc3 metalc ?    ? A ASP 184 OD1 ? ? ? 1_555 C CA  .   CA ? ? A ASP 184 A CA  210 1_555 ? ? ? ? ? ? ? 2.652 ? ? 
metalc4 metalc ?    ? A ASP 184 OD2 ? ? ? 1_555 C CA  .   CA ? ? A ASP 184 A CA  210 1_555 ? ? ? ? ? ? ? 2.861 ? ? 
metalc5 metalc ?    ? B CA  .   CA  ? ? ? 1_555 D HOH .   O  ? ? A CA  209 A HOH 262 1_555 ? ? ? ? ? ? ? 2.869 ? ? 
metalc6 metalc ?    ? B CA  .   CA  ? ? ? 1_555 D HOH .   O  ? ? A CA  209 A HOH 263 1_555 ? ? ? ? ? ? ? 2.777 ? ? 
metalc7 metalc ?    ? B CA  .   CA  ? ? ? 1_555 D HOH .   O  ? ? A CA  209 A HOH 267 1_555 ? ? ? ? ? ? ? 2.590 ? ? 
metalc8 metalc ?    ? C CA  .   CA  ? ? ? 1_555 D HOH .   O  ? ? A CA  210 A HOH 265 1_555 ? ? ? ? ? ? ? 3.011 ? ? 
metalc9 metalc ?    ? C CA  .   CA  ? ? ? 1_555 D HOH .   O  ? ? A CA  210 A HOH 268 1_555 ? ? ? ? ? ? ? 2.940 ? ? 
# 
loop_
_struct_conn_type.id 
_struct_conn_type.criteria 
_struct_conn_type.reference 
disulf ? ? 
covale ? ? 
metalc ? ? 
# 
loop_
_pdbx_struct_conn_angle.id 
_pdbx_struct_conn_angle.ptnr1_label_atom_id 
_pdbx_struct_conn_angle.ptnr1_label_alt_id 
_pdbx_struct_conn_angle.ptnr1_label_asym_id 
_pdbx_struct_conn_angle.ptnr1_label_comp_id 
_pdbx_struct_conn_angle.ptnr1_label_seq_id 
_pdbx_struct_conn_angle.ptnr1_auth_atom_id 
_pdbx_struct_conn_angle.ptnr1_auth_asym_id 
_pdbx_struct_conn_angle.ptnr1_auth_comp_id 
_pdbx_struct_conn_angle.ptnr1_auth_seq_id 
_pdbx_struct_conn_angle.ptnr1_PDB_ins_code 
_pdbx_struct_conn_angle.ptnr1_symmetry 
_pdbx_struct_conn_angle.ptnr2_label_atom_id 
_pdbx_struct_conn_angle.ptnr2_label_alt_id 
_pdbx_struct_conn_angle.ptnr2_label_asym_id 
_pdbx_struct_conn_angle.ptnr2_label_comp_id 
_pdbx_struct_conn_angle.ptnr2_label_seq_id 
_pdbx_struct_conn_angle.ptnr2_auth_atom_id 
_pdbx_struct_conn_angle.ptnr2_auth_asym_id 
_pdbx_struct_conn_angle.ptnr2_auth_comp_id 
_pdbx_struct_conn_angle.ptnr2_auth_seq_id 
_pdbx_struct_conn_angle.ptnr2_PDB_ins_code 
_pdbx_struct_conn_angle.ptnr2_symmetry 
_pdbx_struct_conn_angle.ptnr3_label_atom_id 
_pdbx_struct_conn_angle.ptnr3_label_alt_id 
_pdbx_struct_conn_angle.ptnr3_label_asym_id 
_pdbx_struct_conn_angle.ptnr3_label_comp_id 
_pdbx_struct_conn_angle.ptnr3_label_seq_id 
_pdbx_struct_conn_angle.ptnr3_auth_atom_id 
_pdbx_struct_conn_angle.ptnr3_auth_asym_id 
_pdbx_struct_conn_angle.ptnr3_auth_comp_id 
_pdbx_struct_conn_angle.ptnr3_auth_seq_id 
_pdbx_struct_conn_angle.ptnr3_PDB_ins_code 
_pdbx_struct_conn_angle.ptnr3_symmetry 
_pdbx_struct_conn_angle.value 
_pdbx_struct_conn_angle.value_esd 
1  OD2 ? A ASP 136 ? A ASP 136 ? 1_555 CA ? B CA . ? A CA 209 ? 1_555 OD1 ? A ASP 136 ? A ASP 136 ? 1_555 45.1  ? 
2  OD2 ? A ASP 136 ? A ASP 136 ? 1_555 CA ? B CA . ? A CA 209 ? 1_555 O   ? D HOH .   ? A HOH 262 ? 1_555 75.4  ? 
3  OD1 ? A ASP 136 ? A ASP 136 ? 1_555 CA ? B CA . ? A CA 209 ? 1_555 O   ? D HOH .   ? A HOH 262 ? 1_555 69.9  ? 
4  OD2 ? A ASP 136 ? A ASP 136 ? 1_555 CA ? B CA . ? A CA 209 ? 1_555 O   ? D HOH .   ? A HOH 263 ? 1_555 100.1 ? 
5  OD1 ? A ASP 136 ? A ASP 136 ? 1_555 CA ? B CA . ? A CA 209 ? 1_555 O   ? D HOH .   ? A HOH 263 ? 1_555 71.9  ? 
6  O   ? D HOH .   ? A HOH 262 ? 1_555 CA ? B CA . ? A CA 209 ? 1_555 O   ? D HOH .   ? A HOH 263 ? 1_555 128.5 ? 
7  OD2 ? A ASP 136 ? A ASP 136 ? 1_555 CA ? B CA . ? A CA 209 ? 1_555 O   ? D HOH .   ? A HOH 267 ? 1_555 112.7 ? 
8  OD1 ? A ASP 136 ? A ASP 136 ? 1_555 CA ? B CA . ? A CA 209 ? 1_555 O   ? D HOH .   ? A HOH 267 ? 1_555 72.0  ? 
9  O   ? D HOH .   ? A HOH 262 ? 1_555 CA ? B CA . ? A CA 209 ? 1_555 O   ? D HOH .   ? A HOH 267 ? 1_555 60.6  ? 
10 O   ? D HOH .   ? A HOH 263 ? 1_555 CA ? B CA . ? A CA 209 ? 1_555 O   ? D HOH .   ? A HOH 267 ? 1_555 75.7  ? 
11 OD1 ? A ASP 184 ? A ASP 184 ? 1_555 CA ? C CA . ? A CA 210 ? 1_555 OD2 ? A ASP 184 ? A ASP 184 ? 1_555 46.6  ? 
12 OD1 ? A ASP 184 ? A ASP 184 ? 1_555 CA ? C CA . ? A CA 210 ? 1_555 O   ? D HOH .   ? A HOH 265 ? 1_555 72.3  ? 
13 OD2 ? A ASP 184 ? A ASP 184 ? 1_555 CA ? C CA . ? A CA 210 ? 1_555 O   ? D HOH .   ? A HOH 265 ? 1_555 91.1  ? 
14 OD1 ? A ASP 184 ? A ASP 184 ? 1_555 CA ? C CA . ? A CA 210 ? 1_555 O   ? D HOH .   ? A HOH 268 ? 1_555 117.7 ? 
15 OD2 ? A ASP 184 ? A ASP 184 ? 1_555 CA ? C CA . ? A CA 210 ? 1_555 O   ? D HOH .   ? A HOH 268 ? 1_555 79.2  ? 
16 O   ? D HOH .   ? A HOH 265 ? 1_555 CA ? C CA . ? A CA 210 ? 1_555 O   ? D HOH .   ? A HOH 268 ? 1_555 82.6  ? 
# 
loop_
_pdbx_modification_feature.ordinal 
_pdbx_modification_feature.label_comp_id 
_pdbx_modification_feature.label_asym_id 
_pdbx_modification_feature.label_seq_id 
_pdbx_modification_feature.label_alt_id 
_pdbx_modification_feature.modified_residue_label_comp_id 
_pdbx_modification_feature.modified_residue_label_asym_id 
_pdbx_modification_feature.modified_residue_label_seq_id 
_pdbx_modification_feature.modified_residue_label_alt_id 
_pdbx_modification_feature.auth_comp_id 
_pdbx_modification_feature.auth_asym_id 
_pdbx_modification_feature.auth_seq_id 
_pdbx_modification_feature.PDB_ins_code 
_pdbx_modification_feature.symmetry 
_pdbx_modification_feature.modified_residue_auth_comp_id 
_pdbx_modification_feature.modified_residue_auth_asym_id 
_pdbx_modification_feature.modified_residue_auth_seq_id 
_pdbx_modification_feature.modified_residue_PDB_ins_code 
_pdbx_modification_feature.modified_residue_symmetry 
_pdbx_modification_feature.comp_id_linking_atom 
_pdbx_modification_feature.modified_residue_id_linking_atom 
_pdbx_modification_feature.modified_residue_id 
_pdbx_modification_feature.ref_pcm_id 
_pdbx_modification_feature.ref_comp_id 
_pdbx_modification_feature.type 
_pdbx_modification_feature.category 
1 MSE A 1   ? .   . .   . MSE A 1   ? 1_555 .   . .   . .     .  .  MET 1 MSE Selenomethionine 'Named protein modification' 
2 MSE A 16  ? .   . .   . MSE A 16  ? 1_555 .   . .   . .     .  .  MET 1 MSE Selenomethionine 'Named protein modification' 
3 MSE A 22  ? .   . .   . MSE A 22  ? 1_555 .   . .   . .     .  .  MET 1 MSE Selenomethionine 'Named protein modification' 
4 MSE A 93  ? .   . .   . MSE A 93  ? 1_555 .   . .   . .     .  .  MET 1 MSE Selenomethionine 'Named protein modification' 
5 MSE A 195 ? .   . .   . MSE A 195 ? 1_555 .   . .   . .     .  .  MET 1 MSE Selenomethionine 'Named protein modification' 
6 CYS A 24  ? CYS A 192 ? CYS A 24  ? 1_555 CYS A 192 ? 1_555 SG SG .   . .   None             'Disulfide bridge'           
# 
loop_
_struct_sheet.id 
_struct_sheet.type 
_struct_sheet.number_strands 
_struct_sheet.details 
A ? 7 ? 
B ? 2 ? 
# 
loop_
_struct_sheet_order.sheet_id 
_struct_sheet_order.range_id_1 
_struct_sheet_order.range_id_2 
_struct_sheet_order.offset 
_struct_sheet_order.sense 
A 1 2 ? parallel      
A 2 3 ? parallel      
A 3 4 ? parallel      
A 4 5 ? anti-parallel 
A 5 6 ? anti-parallel 
A 6 7 ? parallel      
B 1 2 ? anti-parallel 
# 
loop_
_struct_sheet_range.sheet_id 
_struct_sheet_range.id 
_struct_sheet_range.beg_label_comp_id 
_struct_sheet_range.beg_label_asym_id 
_struct_sheet_range.beg_label_seq_id 
_struct_sheet_range.pdbx_beg_PDB_ins_code 
_struct_sheet_range.end_label_comp_id 
_struct_sheet_range.end_label_asym_id 
_struct_sheet_range.end_label_seq_id 
_struct_sheet_range.pdbx_end_PDB_ins_code 
_struct_sheet_range.beg_auth_comp_id 
_struct_sheet_range.beg_auth_asym_id 
_struct_sheet_range.beg_auth_seq_id 
_struct_sheet_range.end_auth_comp_id 
_struct_sheet_range.end_auth_asym_id 
_struct_sheet_range.end_auth_seq_id 
A 1 PHE A 62  ? ILE A 63  ? PHE A 62  ILE A 63  
A 2 GLN A 40  ? VAL A 44  ? GLN A 40  VAL A 44  
A 3 LYS A 2   ? LEU A 6   ? LYS A 2   LEU A 6   
A 4 CYS A 86  ? ALA A 90  ? CYS A 86  ALA A 90  
A 5 LEU A 127 ? TYR A 130 ? LEU A 127 TYR A 130 
A 6 ALA A 115 ? LYS A 119 ? ALA A 115 LYS A 119 
A 7 VAL A 158 ? PRO A 162 ? VAL A 158 PRO A 162 
B 1 MSE A 22  ? LEU A 23  ? MSE A 22  LEU A 23  
B 2 LYS A 26  ? LYS A 27  ? LYS A 26  LYS A 27  
# 
loop_
_pdbx_struct_sheet_hbond.sheet_id 
_pdbx_struct_sheet_hbond.range_id_1 
_pdbx_struct_sheet_hbond.range_id_2 
_pdbx_struct_sheet_hbond.range_1_label_atom_id 
_pdbx_struct_sheet_hbond.range_1_label_comp_id 
_pdbx_struct_sheet_hbond.range_1_label_asym_id 
_pdbx_struct_sheet_hbond.range_1_label_seq_id 
_pdbx_struct_sheet_hbond.range_1_PDB_ins_code 
_pdbx_struct_sheet_hbond.range_1_auth_atom_id 
_pdbx_struct_sheet_hbond.range_1_auth_comp_id 
_pdbx_struct_sheet_hbond.range_1_auth_asym_id 
_pdbx_struct_sheet_hbond.range_1_auth_seq_id 
_pdbx_struct_sheet_hbond.range_2_label_atom_id 
_pdbx_struct_sheet_hbond.range_2_label_comp_id 
_pdbx_struct_sheet_hbond.range_2_label_asym_id 
_pdbx_struct_sheet_hbond.range_2_label_seq_id 
_pdbx_struct_sheet_hbond.range_2_PDB_ins_code 
_pdbx_struct_sheet_hbond.range_2_auth_atom_id 
_pdbx_struct_sheet_hbond.range_2_auth_comp_id 
_pdbx_struct_sheet_hbond.range_2_auth_asym_id 
_pdbx_struct_sheet_hbond.range_2_auth_seq_id 
A 1 2 O ILE A 63  ? O ILE A 63  N PHE A 43  ? N PHE A 43  
A 2 3 O VAL A 44  ? O VAL A 44  N VAL A 5   ? N VAL A 5   
A 3 4 N ALA A 4   ? N ALA A 4   O VAL A 87  ? O VAL A 87  
A 4 5 N VAL A 88  ? N VAL A 88  O ALA A 128 ? O ALA A 128 
A 5 6 O TYR A 129 ? O TYR A 129 N LEU A 116 ? N LEU A 116 
A 6 7 N ALA A 115 ? N ALA A 115 O VAL A 159 ? O VAL A 159 
B 1 2 N LEU A 23  ? N LEU A 23  O LYS A 26  ? O LYS A 26  
# 
loop_
_struct_site.id 
_struct_site.pdbx_evidence_code 
_struct_site.pdbx_auth_asym_id 
_struct_site.pdbx_auth_comp_id 
_struct_site.pdbx_auth_seq_id 
_struct_site.pdbx_auth_ins_code 
_struct_site.pdbx_num_residues 
_struct_site.details 
AC1 Software A CA 209 ? 5 'BINDING SITE FOR RESIDUE CA A 209' 
AC2 Software A CA 210 ? 6 'BINDING SITE FOR RESIDUE CA A 210' 
# 
loop_
_struct_site_gen.id 
_struct_site_gen.site_id 
_struct_site_gen.pdbx_num_res 
_struct_site_gen.label_comp_id 
_struct_site_gen.label_asym_id 
_struct_site_gen.label_seq_id 
_struct_site_gen.pdbx_auth_ins_code 
_struct_site_gen.auth_comp_id 
_struct_site_gen.auth_asym_id 
_struct_site_gen.auth_seq_id 
_struct_site_gen.label_atom_id 
_struct_site_gen.label_alt_id 
_struct_site_gen.symmetry 
_struct_site_gen.details 
1  AC1 5 GLU A 109 ? GLU A 109 . ? 14_665 ? 
2  AC1 5 ASP A 136 ? ASP A 136 . ? 1_555  ? 
3  AC1 5 HOH D .   ? HOH A 262 . ? 1_555  ? 
4  AC1 5 HOH D .   ? HOH A 263 . ? 1_555  ? 
5  AC1 5 HOH D .   ? HOH A 267 . ? 1_555  ? 
6  AC2 6 ASP A 184 ? ASP A 184 . ? 1_555  ? 
7  AC2 6 ASP A 184 ? ASP A 184 . ? 16_566 ? 
8  AC2 6 HOH D .   ? HOH A 265 . ? 1_555  ? 
9  AC2 6 HOH D .   ? HOH A 265 . ? 16_566 ? 
10 AC2 6 HOH D .   ? HOH A 268 . ? 16_566 ? 
11 AC2 6 HOH D .   ? HOH A 268 . ? 1_555  ? 
# 
_pdbx_entry_details.entry_id                   3NGW 
_pdbx_entry_details.compound_details           ? 
_pdbx_entry_details.source_details             ? 
_pdbx_entry_details.nonpolymer_details         ? 
_pdbx_entry_details.sequence_details           ? 
_pdbx_entry_details.has_ligand_of_interest     ? 
_pdbx_entry_details.has_protein_modification   Y 
# 
loop_
_pdbx_validate_torsion.id 
_pdbx_validate_torsion.PDB_model_num 
_pdbx_validate_torsion.auth_comp_id 
_pdbx_validate_torsion.auth_asym_id 
_pdbx_validate_torsion.auth_seq_id 
_pdbx_validate_torsion.PDB_ins_code 
_pdbx_validate_torsion.label_alt_id 
_pdbx_validate_torsion.phi 
_pdbx_validate_torsion.psi 
1 1 MSE A 16  ? ? 178.74  145.89 
2 1 HIS A 67  ? ? -100.00 44.16  
3 1 LYS A 68  ? ? 38.31   50.09  
4 1 PHE A 83  ? ? -141.79 17.48  
5 1 HIS A 120 ? ? -107.86 -90.97 
6 1 LEU A 127 ? ? -155.06 66.51  
# 
_pdbx_SG_project.id                    1 
_pdbx_SG_project.project_name          'PSI, Protein Structure Initiative' 
_pdbx_SG_project.full_name_of_center   'Northeast Structural Genomics Consortium' 
_pdbx_SG_project.initial_of_center     NESG 
# 
loop_
_pdbx_struct_mod_residue.id 
_pdbx_struct_mod_residue.label_asym_id 
_pdbx_struct_mod_residue.label_comp_id 
_pdbx_struct_mod_residue.label_seq_id 
_pdbx_struct_mod_residue.auth_asym_id 
_pdbx_struct_mod_residue.auth_comp_id 
_pdbx_struct_mod_residue.auth_seq_id 
_pdbx_struct_mod_residue.PDB_ins_code 
_pdbx_struct_mod_residue.parent_comp_id 
_pdbx_struct_mod_residue.details 
1 A MSE 1   A MSE 1   ? MET SELENOMETHIONINE 
2 A MSE 16  A MSE 16  ? MET SELENOMETHIONINE 
3 A MSE 22  A MSE 22  ? MET SELENOMETHIONINE 
4 A MSE 93  A MSE 93  ? MET SELENOMETHIONINE 
5 A MSE 195 A MSE 195 ? MET SELENOMETHIONINE 
# 
_pdbx_struct_special_symmetry.id              1 
_pdbx_struct_special_symmetry.PDB_model_num   1 
_pdbx_struct_special_symmetry.auth_asym_id    A 
_pdbx_struct_special_symmetry.auth_comp_id    CA 
_pdbx_struct_special_symmetry.auth_seq_id     210 
_pdbx_struct_special_symmetry.PDB_ins_code    ? 
_pdbx_struct_special_symmetry.label_asym_id   C 
_pdbx_struct_special_symmetry.label_comp_id   CA 
_pdbx_struct_special_symmetry.label_seq_id    . 
# 
loop_
_pdbx_unobs_or_zero_occ_residues.id 
_pdbx_unobs_or_zero_occ_residues.PDB_model_num 
_pdbx_unobs_or_zero_occ_residues.polymer_flag 
_pdbx_unobs_or_zero_occ_residues.occupancy_flag 
_pdbx_unobs_or_zero_occ_residues.auth_asym_id 
_pdbx_unobs_or_zero_occ_residues.auth_comp_id 
_pdbx_unobs_or_zero_occ_residues.auth_seq_id 
_pdbx_unobs_or_zero_occ_residues.PDB_ins_code 
_pdbx_unobs_or_zero_occ_residues.label_asym_id 
_pdbx_unobs_or_zero_occ_residues.label_comp_id 
_pdbx_unobs_or_zero_occ_residues.label_seq_id 
1  1 Y 1 A SER 196 ? A SER 196 
2  1 Y 1 A THR 197 ? A THR 197 
3  1 Y 1 A GLU 198 ? A GLU 198 
4  1 Y 1 A GLY 199 ? A GLY 199 
5  1 Y 1 A LEU 200 ? A LEU 200 
6  1 Y 1 A LEU 201 ? A LEU 201 
7  1 Y 1 A GLU 202 ? A GLU 202 
8  1 Y 1 A HIS 203 ? A HIS 203 
9  1 Y 1 A HIS 204 ? A HIS 204 
10 1 Y 1 A HIS 205 ? A HIS 205 
11 1 Y 1 A HIS 206 ? A HIS 206 
12 1 Y 1 A HIS 207 ? A HIS 207 
13 1 Y 1 A HIS 208 ? A HIS 208 
# 
loop_
_chem_comp_atom.comp_id 
_chem_comp_atom.atom_id 
_chem_comp_atom.type_symbol 
_chem_comp_atom.pdbx_aromatic_flag 
_chem_comp_atom.pdbx_stereo_config 
_chem_comp_atom.pdbx_ordinal 
ALA N    N  N N 1   
ALA CA   C  N S 2   
ALA C    C  N N 3   
ALA O    O  N N 4   
ALA CB   C  N N 5   
ALA OXT  O  N N 6   
ALA H    H  N N 7   
ALA H2   H  N N 8   
ALA HA   H  N N 9   
ALA HB1  H  N N 10  
ALA HB2  H  N N 11  
ALA HB3  H  N N 12  
ALA HXT  H  N N 13  
ARG N    N  N N 14  
ARG CA   C  N S 15  
ARG C    C  N N 16  
ARG O    O  N N 17  
ARG CB   C  N N 18  
ARG CG   C  N N 19  
ARG CD   C  N N 20  
ARG NE   N  N N 21  
ARG CZ   C  N N 22  
ARG NH1  N  N N 23  
ARG NH2  N  N N 24  
ARG OXT  O  N N 25  
ARG H    H  N N 26  
ARG H2   H  N N 27  
ARG HA   H  N N 28  
ARG HB2  H  N N 29  
ARG HB3  H  N N 30  
ARG HG2  H  N N 31  
ARG HG3  H  N N 32  
ARG HD2  H  N N 33  
ARG HD3  H  N N 34  
ARG HE   H  N N 35  
ARG HH11 H  N N 36  
ARG HH12 H  N N 37  
ARG HH21 H  N N 38  
ARG HH22 H  N N 39  
ARG HXT  H  N N 40  
ASN N    N  N N 41  
ASN CA   C  N S 42  
ASN C    C  N N 43  
ASN O    O  N N 44  
ASN CB   C  N N 45  
ASN CG   C  N N 46  
ASN OD1  O  N N 47  
ASN ND2  N  N N 48  
ASN OXT  O  N N 49  
ASN H    H  N N 50  
ASN H2   H  N N 51  
ASN HA   H  N N 52  
ASN HB2  H  N N 53  
ASN HB3  H  N N 54  
ASN HD21 H  N N 55  
ASN HD22 H  N N 56  
ASN HXT  H  N N 57  
ASP N    N  N N 58  
ASP CA   C  N S 59  
ASP C    C  N N 60  
ASP O    O  N N 61  
ASP CB   C  N N 62  
ASP CG   C  N N 63  
ASP OD1  O  N N 64  
ASP OD2  O  N N 65  
ASP OXT  O  N N 66  
ASP H    H  N N 67  
ASP H2   H  N N 68  
ASP HA   H  N N 69  
ASP HB2  H  N N 70  
ASP HB3  H  N N 71  
ASP HD2  H  N N 72  
ASP HXT  H  N N 73  
CA  CA   CA N N 74  
CYS N    N  N N 75  
CYS CA   C  N R 76  
CYS C    C  N N 77  
CYS O    O  N N 78  
CYS CB   C  N N 79  
CYS SG   S  N N 80  
CYS OXT  O  N N 81  
CYS H    H  N N 82  
CYS H2   H  N N 83  
CYS HA   H  N N 84  
CYS HB2  H  N N 85  
CYS HB3  H  N N 86  
CYS HG   H  N N 87  
CYS HXT  H  N N 88  
GLN N    N  N N 89  
GLN CA   C  N S 90  
GLN C    C  N N 91  
GLN O    O  N N 92  
GLN CB   C  N N 93  
GLN CG   C  N N 94  
GLN CD   C  N N 95  
GLN OE1  O  N N 96  
GLN NE2  N  N N 97  
GLN OXT  O  N N 98  
GLN H    H  N N 99  
GLN H2   H  N N 100 
GLN HA   H  N N 101 
GLN HB2  H  N N 102 
GLN HB3  H  N N 103 
GLN HG2  H  N N 104 
GLN HG3  H  N N 105 
GLN HE21 H  N N 106 
GLN HE22 H  N N 107 
GLN HXT  H  N N 108 
GLU N    N  N N 109 
GLU CA   C  N S 110 
GLU C    C  N N 111 
GLU O    O  N N 112 
GLU CB   C  N N 113 
GLU CG   C  N N 114 
GLU CD   C  N N 115 
GLU OE1  O  N N 116 
GLU OE2  O  N N 117 
GLU OXT  O  N N 118 
GLU H    H  N N 119 
GLU H2   H  N N 120 
GLU HA   H  N N 121 
GLU HB2  H  N N 122 
GLU HB3  H  N N 123 
GLU HG2  H  N N 124 
GLU HG3  H  N N 125 
GLU HE2  H  N N 126 
GLU HXT  H  N N 127 
GLY N    N  N N 128 
GLY CA   C  N N 129 
GLY C    C  N N 130 
GLY O    O  N N 131 
GLY OXT  O  N N 132 
GLY H    H  N N 133 
GLY H2   H  N N 134 
GLY HA2  H  N N 135 
GLY HA3  H  N N 136 
GLY HXT  H  N N 137 
HIS N    N  N N 138 
HIS CA   C  N S 139 
HIS C    C  N N 140 
HIS O    O  N N 141 
HIS CB   C  N N 142 
HIS CG   C  Y N 143 
HIS ND1  N  Y N 144 
HIS CD2  C  Y N 145 
HIS CE1  C  Y N 146 
HIS NE2  N  Y N 147 
HIS OXT  O  N N 148 
HIS H    H  N N 149 
HIS H2   H  N N 150 
HIS HA   H  N N 151 
HIS HB2  H  N N 152 
HIS HB3  H  N N 153 
HIS HD1  H  N N 154 
HIS HD2  H  N N 155 
HIS HE1  H  N N 156 
HIS HE2  H  N N 157 
HIS HXT  H  N N 158 
HOH O    O  N N 159 
HOH H1   H  N N 160 
HOH H2   H  N N 161 
ILE N    N  N N 162 
ILE CA   C  N S 163 
ILE C    C  N N 164 
ILE O    O  N N 165 
ILE CB   C  N S 166 
ILE CG1  C  N N 167 
ILE CG2  C  N N 168 
ILE CD1  C  N N 169 
ILE OXT  O  N N 170 
ILE H    H  N N 171 
ILE H2   H  N N 172 
ILE HA   H  N N 173 
ILE HB   H  N N 174 
ILE HG12 H  N N 175 
ILE HG13 H  N N 176 
ILE HG21 H  N N 177 
ILE HG22 H  N N 178 
ILE HG23 H  N N 179 
ILE HD11 H  N N 180 
ILE HD12 H  N N 181 
ILE HD13 H  N N 182 
ILE HXT  H  N N 183 
LEU N    N  N N 184 
LEU CA   C  N S 185 
LEU C    C  N N 186 
LEU O    O  N N 187 
LEU CB   C  N N 188 
LEU CG   C  N N 189 
LEU CD1  C  N N 190 
LEU CD2  C  N N 191 
LEU OXT  O  N N 192 
LEU H    H  N N 193 
LEU H2   H  N N 194 
LEU HA   H  N N 195 
LEU HB2  H  N N 196 
LEU HB3  H  N N 197 
LEU HG   H  N N 198 
LEU HD11 H  N N 199 
LEU HD12 H  N N 200 
LEU HD13 H  N N 201 
LEU HD21 H  N N 202 
LEU HD22 H  N N 203 
LEU HD23 H  N N 204 
LEU HXT  H  N N 205 
LYS N    N  N N 206 
LYS CA   C  N S 207 
LYS C    C  N N 208 
LYS O    O  N N 209 
LYS CB   C  N N 210 
LYS CG   C  N N 211 
LYS CD   C  N N 212 
LYS CE   C  N N 213 
LYS NZ   N  N N 214 
LYS OXT  O  N N 215 
LYS H    H  N N 216 
LYS H2   H  N N 217 
LYS HA   H  N N 218 
LYS HB2  H  N N 219 
LYS HB3  H  N N 220 
LYS HG2  H  N N 221 
LYS HG3  H  N N 222 
LYS HD2  H  N N 223 
LYS HD3  H  N N 224 
LYS HE2  H  N N 225 
LYS HE3  H  N N 226 
LYS HZ1  H  N N 227 
LYS HZ2  H  N N 228 
LYS HZ3  H  N N 229 
LYS HXT  H  N N 230 
MSE N    N  N N 231 
MSE CA   C  N S 232 
MSE C    C  N N 233 
MSE O    O  N N 234 
MSE OXT  O  N N 235 
MSE CB   C  N N 236 
MSE CG   C  N N 237 
MSE SE   SE N N 238 
MSE CE   C  N N 239 
MSE H    H  N N 240 
MSE H2   H  N N 241 
MSE HA   H  N N 242 
MSE HXT  H  N N 243 
MSE HB2  H  N N 244 
MSE HB3  H  N N 245 
MSE HG2  H  N N 246 
MSE HG3  H  N N 247 
MSE HE1  H  N N 248 
MSE HE2  H  N N 249 
MSE HE3  H  N N 250 
PHE N    N  N N 251 
PHE CA   C  N S 252 
PHE C    C  N N 253 
PHE O    O  N N 254 
PHE CB   C  N N 255 
PHE CG   C  Y N 256 
PHE CD1  C  Y N 257 
PHE CD2  C  Y N 258 
PHE CE1  C  Y N 259 
PHE CE2  C  Y N 260 
PHE CZ   C  Y N 261 
PHE OXT  O  N N 262 
PHE H    H  N N 263 
PHE H2   H  N N 264 
PHE HA   H  N N 265 
PHE HB2  H  N N 266 
PHE HB3  H  N N 267 
PHE HD1  H  N N 268 
PHE HD2  H  N N 269 
PHE HE1  H  N N 270 
PHE HE2  H  N N 271 
PHE HZ   H  N N 272 
PHE HXT  H  N N 273 
PRO N    N  N N 274 
PRO CA   C  N S 275 
PRO C    C  N N 276 
PRO O    O  N N 277 
PRO CB   C  N N 278 
PRO CG   C  N N 279 
PRO CD   C  N N 280 
PRO OXT  O  N N 281 
PRO H    H  N N 282 
PRO HA   H  N N 283 
PRO HB2  H  N N 284 
PRO HB3  H  N N 285 
PRO HG2  H  N N 286 
PRO HG3  H  N N 287 
PRO HD2  H  N N 288 
PRO HD3  H  N N 289 
PRO HXT  H  N N 290 
SER N    N  N N 291 
SER CA   C  N S 292 
SER C    C  N N 293 
SER O    O  N N 294 
SER CB   C  N N 295 
SER OG   O  N N 296 
SER OXT  O  N N 297 
SER H    H  N N 298 
SER H2   H  N N 299 
SER HA   H  N N 300 
SER HB2  H  N N 301 
SER HB3  H  N N 302 
SER HG   H  N N 303 
SER HXT  H  N N 304 
THR N    N  N N 305 
THR CA   C  N S 306 
THR C    C  N N 307 
THR O    O  N N 308 
THR CB   C  N R 309 
THR OG1  O  N N 310 
THR CG2  C  N N 311 
THR OXT  O  N N 312 
THR H    H  N N 313 
THR H2   H  N N 314 
THR HA   H  N N 315 
THR HB   H  N N 316 
THR HG1  H  N N 317 
THR HG21 H  N N 318 
THR HG22 H  N N 319 
THR HG23 H  N N 320 
THR HXT  H  N N 321 
TRP N    N  N N 322 
TRP CA   C  N S 323 
TRP C    C  N N 324 
TRP O    O  N N 325 
TRP CB   C  N N 326 
TRP CG   C  Y N 327 
TRP CD1  C  Y N 328 
TRP CD2  C  Y N 329 
TRP NE1  N  Y N 330 
TRP CE2  C  Y N 331 
TRP CE3  C  Y N 332 
TRP CZ2  C  Y N 333 
TRP CZ3  C  Y N 334 
TRP CH2  C  Y N 335 
TRP OXT  O  N N 336 
TRP H    H  N N 337 
TRP H2   H  N N 338 
TRP HA   H  N N 339 
TRP HB2  H  N N 340 
TRP HB3  H  N N 341 
TRP HD1  H  N N 342 
TRP HE1  H  N N 343 
TRP HE3  H  N N 344 
TRP HZ2  H  N N 345 
TRP HZ3  H  N N 346 
TRP HH2  H  N N 347 
TRP HXT  H  N N 348 
TYR N    N  N N 349 
TYR CA   C  N S 350 
TYR C    C  N N 351 
TYR O    O  N N 352 
TYR CB   C  N N 353 
TYR CG   C  Y N 354 
TYR CD1  C  Y N 355 
TYR CD2  C  Y N 356 
TYR CE1  C  Y N 357 
TYR CE2  C  Y N 358 
TYR CZ   C  Y N 359 
TYR OH   O  N N 360 
TYR OXT  O  N N 361 
TYR H    H  N N 362 
TYR H2   H  N N 363 
TYR HA   H  N N 364 
TYR HB2  H  N N 365 
TYR HB3  H  N N 366 
TYR HD1  H  N N 367 
TYR HD2  H  N N 368 
TYR HE1  H  N N 369 
TYR HE2  H  N N 370 
TYR HH   H  N N 371 
TYR HXT  H  N N 372 
VAL N    N  N N 373 
VAL CA   C  N S 374 
VAL C    C  N N 375 
VAL O    O  N N 376 
VAL CB   C  N N 377 
VAL CG1  C  N N 378 
VAL CG2  C  N N 379 
VAL OXT  O  N N 380 
VAL H    H  N N 381 
VAL H2   H  N N 382 
VAL HA   H  N N 383 
VAL HB   H  N N 384 
VAL HG11 H  N N 385 
VAL HG12 H  N N 386 
VAL HG13 H  N N 387 
VAL HG21 H  N N 388 
VAL HG22 H  N N 389 
VAL HG23 H  N N 390 
VAL HXT  H  N N 391 
# 
loop_
_chem_comp_bond.comp_id 
_chem_comp_bond.atom_id_1 
_chem_comp_bond.atom_id_2 
_chem_comp_bond.value_order 
_chem_comp_bond.pdbx_aromatic_flag 
_chem_comp_bond.pdbx_stereo_config 
_chem_comp_bond.pdbx_ordinal 
ALA N   CA   sing N N 1   
ALA N   H    sing N N 2   
ALA N   H2   sing N N 3   
ALA CA  C    sing N N 4   
ALA CA  CB   sing N N 5   
ALA CA  HA   sing N N 6   
ALA C   O    doub N N 7   
ALA C   OXT  sing N N 8   
ALA CB  HB1  sing N N 9   
ALA CB  HB2  sing N N 10  
ALA CB  HB3  sing N N 11  
ALA OXT HXT  sing N N 12  
ARG N   CA   sing N N 13  
ARG N   H    sing N N 14  
ARG N   H2   sing N N 15  
ARG CA  C    sing N N 16  
ARG CA  CB   sing N N 17  
ARG CA  HA   sing N N 18  
ARG C   O    doub N N 19  
ARG C   OXT  sing N N 20  
ARG CB  CG   sing N N 21  
ARG CB  HB2  sing N N 22  
ARG CB  HB3  sing N N 23  
ARG CG  CD   sing N N 24  
ARG CG  HG2  sing N N 25  
ARG CG  HG3  sing N N 26  
ARG CD  NE   sing N N 27  
ARG CD  HD2  sing N N 28  
ARG CD  HD3  sing N N 29  
ARG NE  CZ   sing N N 30  
ARG NE  HE   sing N N 31  
ARG CZ  NH1  sing N N 32  
ARG CZ  NH2  doub N N 33  
ARG NH1 HH11 sing N N 34  
ARG NH1 HH12 sing N N 35  
ARG NH2 HH21 sing N N 36  
ARG NH2 HH22 sing N N 37  
ARG OXT HXT  sing N N 38  
ASN N   CA   sing N N 39  
ASN N   H    sing N N 40  
ASN N   H2   sing N N 41  
ASN CA  C    sing N N 42  
ASN CA  CB   sing N N 43  
ASN CA  HA   sing N N 44  
ASN C   O    doub N N 45  
ASN C   OXT  sing N N 46  
ASN CB  CG   sing N N 47  
ASN CB  HB2  sing N N 48  
ASN CB  HB3  sing N N 49  
ASN CG  OD1  doub N N 50  
ASN CG  ND2  sing N N 51  
ASN ND2 HD21 sing N N 52  
ASN ND2 HD22 sing N N 53  
ASN OXT HXT  sing N N 54  
ASP N   CA   sing N N 55  
ASP N   H    sing N N 56  
ASP N   H2   sing N N 57  
ASP CA  C    sing N N 58  
ASP CA  CB   sing N N 59  
ASP CA  HA   sing N N 60  
ASP C   O    doub N N 61  
ASP C   OXT  sing N N 62  
ASP CB  CG   sing N N 63  
ASP CB  HB2  sing N N 64  
ASP CB  HB3  sing N N 65  
ASP CG  OD1  doub N N 66  
ASP CG  OD2  sing N N 67  
ASP OD2 HD2  sing N N 68  
ASP OXT HXT  sing N N 69  
CYS N   CA   sing N N 70  
CYS N   H    sing N N 71  
CYS N   H2   sing N N 72  
CYS CA  C    sing N N 73  
CYS CA  CB   sing N N 74  
CYS CA  HA   sing N N 75  
CYS C   O    doub N N 76  
CYS C   OXT  sing N N 77  
CYS CB  SG   sing N N 78  
CYS CB  HB2  sing N N 79  
CYS CB  HB3  sing N N 80  
CYS SG  HG   sing N N 81  
CYS OXT HXT  sing N N 82  
GLN N   CA   sing N N 83  
GLN N   H    sing N N 84  
GLN N   H2   sing N N 85  
GLN CA  C    sing N N 86  
GLN CA  CB   sing N N 87  
GLN CA  HA   sing N N 88  
GLN C   O    doub N N 89  
GLN C   OXT  sing N N 90  
GLN CB  CG   sing N N 91  
GLN CB  HB2  sing N N 92  
GLN CB  HB3  sing N N 93  
GLN CG  CD   sing N N 94  
GLN CG  HG2  sing N N 95  
GLN CG  HG3  sing N N 96  
GLN CD  OE1  doub N N 97  
GLN CD  NE2  sing N N 98  
GLN NE2 HE21 sing N N 99  
GLN NE2 HE22 sing N N 100 
GLN OXT HXT  sing N N 101 
GLU N   CA   sing N N 102 
GLU N   H    sing N N 103 
GLU N   H2   sing N N 104 
GLU CA  C    sing N N 105 
GLU CA  CB   sing N N 106 
GLU CA  HA   sing N N 107 
GLU C   O    doub N N 108 
GLU C   OXT  sing N N 109 
GLU CB  CG   sing N N 110 
GLU CB  HB2  sing N N 111 
GLU CB  HB3  sing N N 112 
GLU CG  CD   sing N N 113 
GLU CG  HG2  sing N N 114 
GLU CG  HG3  sing N N 115 
GLU CD  OE1  doub N N 116 
GLU CD  OE2  sing N N 117 
GLU OE2 HE2  sing N N 118 
GLU OXT HXT  sing N N 119 
GLY N   CA   sing N N 120 
GLY N   H    sing N N 121 
GLY N   H2   sing N N 122 
GLY CA  C    sing N N 123 
GLY CA  HA2  sing N N 124 
GLY CA  HA3  sing N N 125 
GLY C   O    doub N N 126 
GLY C   OXT  sing N N 127 
GLY OXT HXT  sing N N 128 
HIS N   CA   sing N N 129 
HIS N   H    sing N N 130 
HIS N   H2   sing N N 131 
HIS CA  C    sing N N 132 
HIS CA  CB   sing N N 133 
HIS CA  HA   sing N N 134 
HIS C   O    doub N N 135 
HIS C   OXT  sing N N 136 
HIS CB  CG   sing N N 137 
HIS CB  HB2  sing N N 138 
HIS CB  HB3  sing N N 139 
HIS CG  ND1  sing Y N 140 
HIS CG  CD2  doub Y N 141 
HIS ND1 CE1  doub Y N 142 
HIS ND1 HD1  sing N N 143 
HIS CD2 NE2  sing Y N 144 
HIS CD2 HD2  sing N N 145 
HIS CE1 NE2  sing Y N 146 
HIS CE1 HE1  sing N N 147 
HIS NE2 HE2  sing N N 148 
HIS OXT HXT  sing N N 149 
HOH O   H1   sing N N 150 
HOH O   H2   sing N N 151 
ILE N   CA   sing N N 152 
ILE N   H    sing N N 153 
ILE N   H2   sing N N 154 
ILE CA  C    sing N N 155 
ILE CA  CB   sing N N 156 
ILE CA  HA   sing N N 157 
ILE C   O    doub N N 158 
ILE C   OXT  sing N N 159 
ILE CB  CG1  sing N N 160 
ILE CB  CG2  sing N N 161 
ILE CB  HB   sing N N 162 
ILE CG1 CD1  sing N N 163 
ILE CG1 HG12 sing N N 164 
ILE CG1 HG13 sing N N 165 
ILE CG2 HG21 sing N N 166 
ILE CG2 HG22 sing N N 167 
ILE CG2 HG23 sing N N 168 
ILE CD1 HD11 sing N N 169 
ILE CD1 HD12 sing N N 170 
ILE CD1 HD13 sing N N 171 
ILE OXT HXT  sing N N 172 
LEU N   CA   sing N N 173 
LEU N   H    sing N N 174 
LEU N   H2   sing N N 175 
LEU CA  C    sing N N 176 
LEU CA  CB   sing N N 177 
LEU CA  HA   sing N N 178 
LEU C   O    doub N N 179 
LEU C   OXT  sing N N 180 
LEU CB  CG   sing N N 181 
LEU CB  HB2  sing N N 182 
LEU CB  HB3  sing N N 183 
LEU CG  CD1  sing N N 184 
LEU CG  CD2  sing N N 185 
LEU CG  HG   sing N N 186 
LEU CD1 HD11 sing N N 187 
LEU CD1 HD12 sing N N 188 
LEU CD1 HD13 sing N N 189 
LEU CD2 HD21 sing N N 190 
LEU CD2 HD22 sing N N 191 
LEU CD2 HD23 sing N N 192 
LEU OXT HXT  sing N N 193 
LYS N   CA   sing N N 194 
LYS N   H    sing N N 195 
LYS N   H2   sing N N 196 
LYS CA  C    sing N N 197 
LYS CA  CB   sing N N 198 
LYS CA  HA   sing N N 199 
LYS C   O    doub N N 200 
LYS C   OXT  sing N N 201 
LYS CB  CG   sing N N 202 
LYS CB  HB2  sing N N 203 
LYS CB  HB3  sing N N 204 
LYS CG  CD   sing N N 205 
LYS CG  HG2  sing N N 206 
LYS CG  HG3  sing N N 207 
LYS CD  CE   sing N N 208 
LYS CD  HD2  sing N N 209 
LYS CD  HD3  sing N N 210 
LYS CE  NZ   sing N N 211 
LYS CE  HE2  sing N N 212 
LYS CE  HE3  sing N N 213 
LYS NZ  HZ1  sing N N 214 
LYS NZ  HZ2  sing N N 215 
LYS NZ  HZ3  sing N N 216 
LYS OXT HXT  sing N N 217 
MSE N   CA   sing N N 218 
MSE N   H    sing N N 219 
MSE N   H2   sing N N 220 
MSE CA  C    sing N N 221 
MSE CA  CB   sing N N 222 
MSE CA  HA   sing N N 223 
MSE C   O    doub N N 224 
MSE C   OXT  sing N N 225 
MSE OXT HXT  sing N N 226 
MSE CB  CG   sing N N 227 
MSE CB  HB2  sing N N 228 
MSE CB  HB3  sing N N 229 
MSE CG  SE   sing N N 230 
MSE CG  HG2  sing N N 231 
MSE CG  HG3  sing N N 232 
MSE SE  CE   sing N N 233 
MSE CE  HE1  sing N N 234 
MSE CE  HE2  sing N N 235 
MSE CE  HE3  sing N N 236 
PHE N   CA   sing N N 237 
PHE N   H    sing N N 238 
PHE N   H2   sing N N 239 
PHE CA  C    sing N N 240 
PHE CA  CB   sing N N 241 
PHE CA  HA   sing N N 242 
PHE C   O    doub N N 243 
PHE C   OXT  sing N N 244 
PHE CB  CG   sing N N 245 
PHE CB  HB2  sing N N 246 
PHE CB  HB3  sing N N 247 
PHE CG  CD1  doub Y N 248 
PHE CG  CD2  sing Y N 249 
PHE CD1 CE1  sing Y N 250 
PHE CD1 HD1  sing N N 251 
PHE CD2 CE2  doub Y N 252 
PHE CD2 HD2  sing N N 253 
PHE CE1 CZ   doub Y N 254 
PHE CE1 HE1  sing N N 255 
PHE CE2 CZ   sing Y N 256 
PHE CE2 HE2  sing N N 257 
PHE CZ  HZ   sing N N 258 
PHE OXT HXT  sing N N 259 
PRO N   CA   sing N N 260 
PRO N   CD   sing N N 261 
PRO N   H    sing N N 262 
PRO CA  C    sing N N 263 
PRO CA  CB   sing N N 264 
PRO CA  HA   sing N N 265 
PRO C   O    doub N N 266 
PRO C   OXT  sing N N 267 
PRO CB  CG   sing N N 268 
PRO CB  HB2  sing N N 269 
PRO CB  HB3  sing N N 270 
PRO CG  CD   sing N N 271 
PRO CG  HG2  sing N N 272 
PRO CG  HG3  sing N N 273 
PRO CD  HD2  sing N N 274 
PRO CD  HD3  sing N N 275 
PRO OXT HXT  sing N N 276 
SER N   CA   sing N N 277 
SER N   H    sing N N 278 
SER N   H2   sing N N 279 
SER CA  C    sing N N 280 
SER CA  CB   sing N N 281 
SER CA  HA   sing N N 282 
SER C   O    doub N N 283 
SER C   OXT  sing N N 284 
SER CB  OG   sing N N 285 
SER CB  HB2  sing N N 286 
SER CB  HB3  sing N N 287 
SER OG  HG   sing N N 288 
SER OXT HXT  sing N N 289 
THR N   CA   sing N N 290 
THR N   H    sing N N 291 
THR N   H2   sing N N 292 
THR CA  C    sing N N 293 
THR CA  CB   sing N N 294 
THR CA  HA   sing N N 295 
THR C   O    doub N N 296 
THR C   OXT  sing N N 297 
THR CB  OG1  sing N N 298 
THR CB  CG2  sing N N 299 
THR CB  HB   sing N N 300 
THR OG1 HG1  sing N N 301 
THR CG2 HG21 sing N N 302 
THR CG2 HG22 sing N N 303 
THR CG2 HG23 sing N N 304 
THR OXT HXT  sing N N 305 
TRP N   CA   sing N N 306 
TRP N   H    sing N N 307 
TRP N   H2   sing N N 308 
TRP CA  C    sing N N 309 
TRP CA  CB   sing N N 310 
TRP CA  HA   sing N N 311 
TRP C   O    doub N N 312 
TRP C   OXT  sing N N 313 
TRP CB  CG   sing N N 314 
TRP CB  HB2  sing N N 315 
TRP CB  HB3  sing N N 316 
TRP CG  CD1  doub Y N 317 
TRP CG  CD2  sing Y N 318 
TRP CD1 NE1  sing Y N 319 
TRP CD1 HD1  sing N N 320 
TRP CD2 CE2  doub Y N 321 
TRP CD2 CE3  sing Y N 322 
TRP NE1 CE2  sing Y N 323 
TRP NE1 HE1  sing N N 324 
TRP CE2 CZ2  sing Y N 325 
TRP CE3 CZ3  doub Y N 326 
TRP CE3 HE3  sing N N 327 
TRP CZ2 CH2  doub Y N 328 
TRP CZ2 HZ2  sing N N 329 
TRP CZ3 CH2  sing Y N 330 
TRP CZ3 HZ3  sing N N 331 
TRP CH2 HH2  sing N N 332 
TRP OXT HXT  sing N N 333 
TYR N   CA   sing N N 334 
TYR N   H    sing N N 335 
TYR N   H2   sing N N 336 
TYR CA  C    sing N N 337 
TYR CA  CB   sing N N 338 
TYR CA  HA   sing N N 339 
TYR C   O    doub N N 340 
TYR C   OXT  sing N N 341 
TYR CB  CG   sing N N 342 
TYR CB  HB2  sing N N 343 
TYR CB  HB3  sing N N 344 
TYR CG  CD1  doub Y N 345 
TYR CG  CD2  sing Y N 346 
TYR CD1 CE1  sing Y N 347 
TYR CD1 HD1  sing N N 348 
TYR CD2 CE2  doub Y N 349 
TYR CD2 HD2  sing N N 350 
TYR CE1 CZ   doub Y N 351 
TYR CE1 HE1  sing N N 352 
TYR CE2 CZ   sing Y N 353 
TYR CE2 HE2  sing N N 354 
TYR CZ  OH   sing N N 355 
TYR OH  HH   sing N N 356 
TYR OXT HXT  sing N N 357 
VAL N   CA   sing N N 358 
VAL N   H    sing N N 359 
VAL N   H2   sing N N 360 
VAL CA  C    sing N N 361 
VAL CA  CB   sing N N 362 
VAL CA  HA   sing N N 363 
VAL C   O    doub N N 364 
VAL C   OXT  sing N N 365 
VAL CB  CG1  sing N N 366 
VAL CB  CG2  sing N N 367 
VAL CB  HB   sing N N 368 
VAL CG1 HG11 sing N N 369 
VAL CG1 HG12 sing N N 370 
VAL CG1 HG13 sing N N 371 
VAL CG2 HG21 sing N N 372 
VAL CG2 HG22 sing N N 373 
VAL CG2 HG23 sing N N 374 
VAL OXT HXT  sing N N 375 
# 
_atom_sites.entry_id                    3NGW 
_atom_sites.fract_transf_matrix[1][1]   0.00121776 
_atom_sites.fract_transf_matrix[1][2]   -0.00852027 
_atom_sites.fract_transf_matrix[1][3]   0.00032530 
_atom_sites.fract_transf_matrix[2][1]   -0.00620731 
_atom_sites.fract_transf_matrix[2][2]   -0.00111117 
_atom_sites.fract_transf_matrix[2][3]   -0.00586672 
_atom_sites.fract_transf_matrix[3][1]   0.00584552 
_atom_sites.fract_transf_matrix[3][2]   0.00059503 
_atom_sites.fract_transf_matrix[3][3]   -0.00629758 
_atom_sites.fract_transf_vector[1]      0.434400 
_atom_sites.fract_transf_vector[2]      0.621917 
_atom_sites.fract_transf_vector[3]      0.739725 
# 
loop_
_atom_type.symbol 
C  
CA 
N  
O  
S  
SE 
# 
loop_
_atom_site.group_PDB 
_atom_site.id 
_atom_site.type_symbol 
_atom_site.label_atom_id 
_atom_site.label_alt_id 
_atom_site.label_comp_id 
_atom_site.label_asym_id 
_atom_site.label_entity_id 
_atom_site.label_seq_id 
_atom_site.pdbx_PDB_ins_code 
_atom_site.Cartn_x 
_atom_site.Cartn_y 
_atom_site.Cartn_z 
_atom_site.occupancy 
_atom_site.B_iso_or_equiv 
_atom_site.pdbx_formal_charge 
_atom_site.auth_seq_id 
_atom_site.auth_comp_id 
_atom_site.auth_asym_id 
_atom_site.auth_atom_id 
_atom_site.pdbx_PDB_model_num 
HETATM 1    N  N   . MSE A 1 1   ? -12.640 1.284   -9.323  1.00 52.03  ? 1   MSE A N   1 
HETATM 2    C  CA  . MSE A 1 1   ? -11.205 1.211   -8.934  1.00 39.07  ? 1   MSE A CA  1 
HETATM 3    C  C   . MSE A 1 1   ? -10.934 0.206   -7.825  1.00 36.90  ? 1   MSE A C   1 
HETATM 4    O  O   . MSE A 1 1   ? -11.589 0.226   -6.781  1.00 40.52  ? 1   MSE A O   1 
HETATM 5    C  CB  . MSE A 1 1   ? -10.726 2.578   -8.476  1.00 41.67  ? 1   MSE A CB  1 
HETATM 6    C  CG  . MSE A 1 1   ? -9.379  2.523   -7.798  1.00 50.45  ? 1   MSE A CG  1 
HETATM 7    SE SE  . MSE A 1 1   ? -8.928  4.167   -6.917  1.00 65.38  ? 1   MSE A SE  1 
HETATM 8    C  CE  . MSE A 1 1   ? -7.131  4.279   -7.536  1.00 65.38  ? 1   MSE A CE  1 
ATOM   9    N  N   . LYS A 1 2   ? -9.947  -0.656  -8.052  1.00 31.06  ? 2   LYS A N   1 
ATOM   10   C  CA  . LYS A 1 2   ? -9.550  -1.661  -7.067  1.00 31.12  ? 2   LYS A CA  1 
ATOM   11   C  C   . LYS A 1 2   ? -8.357  -1.154  -6.234  1.00 34.21  ? 2   LYS A C   1 
ATOM   12   O  O   . LYS A 1 2   ? -7.376  -0.643  -6.778  1.00 32.57  ? 2   LYS A O   1 
ATOM   13   C  CB  . LYS A 1 2   ? -9.168  -2.969  -7.769  1.00 30.49  ? 2   LYS A CB  1 
ATOM   14   C  CG  . LYS A 1 2   ? -10.340 -3.902  -8.030  1.00 25.61  ? 2   LYS A CG  1 
ATOM   15   C  CD  . LYS A 1 2   ? -9.962  -5.026  -8.986  1.00 29.56  ? 2   LYS A CD  1 
ATOM   16   C  CE  . LYS A 1 2   ? -9.768  -4.491  -10.401 1.00 31.26  ? 2   LYS A CE  1 
ATOM   17   N  NZ  . LYS A 1 2   ? -9.145  -5.508  -11.285 1.00 28.98  ? 2   LYS A NZ  1 
ATOM   18   N  N   . VAL A 1 3   ? -8.458  -1.313  -4.916  1.00 31.42  ? 3   VAL A N   1 
ATOM   19   C  CA  . VAL A 1 3   ? -7.432  -0.878  -3.978  1.00 23.78  ? 3   VAL A CA  1 
ATOM   20   C  C   . VAL A 1 3   ? -6.989  -2.009  -3.053  1.00 32.82  ? 3   VAL A C   1 
ATOM   21   O  O   . VAL A 1 3   ? -7.821  -2.684  -2.439  1.00 35.41  ? 3   VAL A O   1 
ATOM   22   C  CB  . VAL A 1 3   ? -7.956  0.287   -3.101  1.00 30.70  ? 3   VAL A CB  1 
ATOM   23   C  CG1 . VAL A 1 3   ? -6.872  0.770   -2.157  1.00 28.95  ? 3   VAL A CG1 1 
ATOM   24   C  CG2 . VAL A 1 3   ? -8.439  1.435   -3.985  1.00 30.73  ? 3   VAL A CG2 1 
ATOM   25   N  N   . ALA A 1 4   ? -5.678  -2.220  -2.964  1.00 30.81  ? 4   ALA A N   1 
ATOM   26   C  CA  . ALA A 1 4   ? -5.120  -3.254  -2.090  1.00 28.42  ? 4   ALA A CA  1 
ATOM   27   C  C   . ALA A 1 4   ? -4.321  -2.549  -0.999  1.00 29.54  ? 4   ALA A C   1 
ATOM   28   O  O   . ALA A 1 4   ? -3.278  -1.970  -1.272  1.00 35.51  ? 4   ALA A O   1 
ATOM   29   C  CB  . ALA A 1 4   ? -4.205  -4.188  -2.890  1.00 25.75  ? 4   ALA A CB  1 
ATOM   30   N  N   . VAL A 1 5   ? -4.809  -2.596  0.237   1.00 31.60  ? 5   VAL A N   1 
ATOM   31   C  CA  . VAL A 1 5   ? -4.123  -1.945  1.348   1.00 22.35  ? 5   VAL A CA  1 
ATOM   32   C  C   . VAL A 1 5   ? -3.233  -2.949  2.082   1.00 30.36  ? 5   VAL A C   1 
ATOM   33   O  O   . VAL A 1 5   ? -3.713  -3.966  2.583   1.00 33.57  ? 5   VAL A O   1 
ATOM   34   C  CB  . VAL A 1 5   ? -5.144  -1.324  2.330   1.00 27.65  ? 5   VAL A CB  1 
ATOM   35   C  CG1 . VAL A 1 5   ? -4.423  -0.504  3.405   1.00 25.08  ? 5   VAL A CG1 1 
ATOM   36   C  CG2 . VAL A 1 5   ? -6.124  -0.429  1.557   1.00 30.87  ? 5   VAL A CG2 1 
ATOM   37   N  N   . LEU A 1 6   ? -1.933  -2.670  2.118   1.00 28.29  ? 6   LEU A N   1 
ATOM   38   C  CA  . LEU A 1 6   ? -0.976  -3.552  2.778   1.00 30.26  ? 6   LEU A CA  1 
ATOM   39   C  C   . LEU A 1 6   ? -0.940  -3.225  4.273   1.00 32.06  ? 6   LEU A C   1 
ATOM   40   O  O   . LEU A 1 6   ? -0.425  -2.177  4.665   1.00 40.92  ? 6   LEU A O   1 
ATOM   41   C  CB  . LEU A 1 6   ? 0.416   -3.371  2.156   1.00 25.54  ? 6   LEU A CB  1 
ATOM   42   C  CG  . LEU A 1 6   ? 0.546   -3.548  0.640   1.00 32.08  ? 6   LEU A CG  1 
ATOM   43   C  CD1 . LEU A 1 6   ? 1.977   -3.266  0.217   1.00 27.93  ? 6   LEU A CD1 1 
ATOM   44   C  CD2 . LEU A 1 6   ? 0.147   -4.954  0.230   1.00 27.26  ? 6   LEU A CD2 1 
ATOM   45   N  N   . VAL A 1 7   ? -1.480  -4.121  5.101   1.00 34.97  ? 7   VAL A N   1 
ATOM   46   C  CA  . VAL A 1 7   ? -1.531  -3.899  6.548   1.00 34.51  ? 7   VAL A CA  1 
ATOM   47   C  C   . VAL A 1 7   ? -0.786  -4.946  7.374   1.00 35.46  ? 7   VAL A C   1 
ATOM   48   O  O   . VAL A 1 7   ? -0.969  -5.029  8.588   1.00 39.23  ? 7   VAL A O   1 
ATOM   49   C  CB  . VAL A 1 7   ? -3.003  -3.855  7.058   1.00 35.95  ? 7   VAL A CB  1 
ATOM   50   C  CG1 . VAL A 1 7   ? -3.831  -2.923  6.185   1.00 32.62  ? 7   VAL A CG1 1 
ATOM   51   C  CG2 . VAL A 1 7   ? -3.604  -5.254  7.078   1.00 23.85  ? 7   VAL A CG2 1 
ATOM   52   N  N   . GLY A 1 8   ? 0.057   -5.735  6.719   1.00 39.56  ? 8   GLY A N   1 
ATOM   53   C  CA  . GLY A 1 8   ? 0.795   -6.761  7.433   1.00 52.49  ? 8   GLY A CA  1 
ATOM   54   C  C   . GLY A 1 8   ? 2.077   -6.267  8.070   1.00 55.80  ? 8   GLY A C   1 
ATOM   55   O  O   . GLY A 1 8   ? 2.808   -7.026  8.715   1.00 58.17  ? 8   GLY A O   1 
ATOM   56   N  N   . GLY A 1 9   ? 2.353   -4.983  7.882   1.00 62.20  ? 9   GLY A N   1 
ATOM   57   C  CA  . GLY A 1 9   ? 3.553   -4.405  8.444   1.00 71.91  ? 9   GLY A CA  1 
ATOM   58   C  C   . GLY A 1 9   ? 3.618   -4.550  9.952   1.00 75.29  ? 9   GLY A C   1 
ATOM   59   O  O   . GLY A 1 9   ? 2.670   -4.223  10.666  1.00 77.31  ? 9   GLY A O   1 
ATOM   60   N  N   . VAL A 1 10  ? 4.740   -5.061  10.439  1.00 82.60  ? 10  VAL A N   1 
ATOM   61   C  CA  . VAL A 1 10  ? 4.933   -5.218  11.871  1.00 86.85  ? 10  VAL A CA  1 
ATOM   62   C  C   . VAL A 1 10  ? 5.776   -4.033  12.346  1.00 90.06  ? 10  VAL A C   1 
ATOM   63   O  O   . VAL A 1 10  ? 6.937   -3.889  11.962  1.00 95.41  ? 10  VAL A O   1 
ATOM   64   C  CB  . VAL A 1 10  ? 5.645   -6.555  12.200  1.00 84.26  ? 10  VAL A CB  1 
ATOM   65   C  CG1 . VAL A 1 10  ? 6.911   -6.703  11.363  1.00 80.78  ? 10  VAL A CG1 1 
ATOM   66   C  CG2 . VAL A 1 10  ? 5.975   -6.611  13.681  1.00 88.97  ? 10  VAL A CG2 1 
ATOM   67   N  N   . GLY A 1 11  ? 5.176   -3.174  13.163  1.00 86.60  ? 11  GLY A N   1 
ATOM   68   C  CA  . GLY A 1 11  ? 5.883   -2.006  13.657  1.00 78.12  ? 11  GLY A CA  1 
ATOM   69   C  C   . GLY A 1 11  ? 7.074   -2.345  14.529  1.00 73.34  ? 11  GLY A C   1 
ATOM   70   O  O   . GLY A 1 11  ? 6.943   -2.497  15.743  1.00 76.32  ? 11  GLY A O   1 
ATOM   71   N  N   . ARG A 1 12  ? 8.246   -2.459  13.914  1.00 64.93  ? 12  ARG A N   1 
ATOM   72   C  CA  . ARG A 1 12  ? 9.448   -2.794  14.658  1.00 55.05  ? 12  ARG A CA  1 
ATOM   73   C  C   . ARG A 1 12  ? 9.994   -1.590  15.401  1.00 52.79  ? 12  ARG A C   1 
ATOM   74   O  O   . ARG A 1 12  ? 10.183  -1.637  16.618  1.00 52.18  ? 12  ARG A O   1 
ATOM   75   C  CB  . ARG A 1 12  ? 10.518  -3.336  13.721  1.00 59.02  ? 12  ARG A CB  1 
ATOM   76   C  CG  . ARG A 1 12  ? 11.390  -4.381  14.368  1.00 68.27  ? 12  ARG A CG  1 
ATOM   77   C  CD  . ARG A 1 12  ? 11.258  -5.680  13.617  1.00 73.57  ? 12  ARG A CD  1 
ATOM   78   N  NE  . ARG A 1 12  ? 11.062  -6.804  14.520  1.00 81.63  ? 12  ARG A NE  1 
ATOM   79   C  CZ  . ARG A 1 12  ? 10.737  -8.028  14.118  1.00 86.76  ? 12  ARG A CZ  1 
ATOM   80   N  NH1 . ARG A 1 12  ? 10.575  -8.280  12.824  1.00 92.56  ? 12  ARG A NH1 1 
ATOM   81   N  NH2 . ARG A 1 12  ? 10.566  -8.998  15.006  1.00 87.12  ? 12  ARG A NH2 1 
ATOM   82   N  N   . ARG A 1 13  ? 10.250  -0.510  14.671  1.00 43.48  ? 13  ARG A N   1 
ATOM   83   C  CA  . ARG A 1 13  ? 10.779  0.695   15.293  1.00 44.52  ? 13  ARG A CA  1 
ATOM   84   C  C   . ARG A 1 13  ? 9.756   1.392   16.204  1.00 41.34  ? 13  ARG A C   1 
ATOM   85   O  O   . ARG A 1 13  ? 10.125  2.277   16.970  1.00 45.85  ? 13  ARG A O   1 
ATOM   86   C  CB  . ARG A 1 13  ? 11.284  1.684   14.228  1.00 42.43  ? 13  ARG A CB  1 
ATOM   87   C  CG  . ARG A 1 13  ? 12.562  1.283   13.466  1.00 45.61  ? 13  ARG A CG  1 
ATOM   88   C  CD  . ARG A 1 13  ? 13.759  1.039   14.393  1.00 41.74  ? 13  ARG A CD  1 
ATOM   89   N  NE  . ARG A 1 13  ? 13.716  1.906   15.566  1.00 43.30  ? 13  ARG A NE  1 
ATOM   90   C  CZ  . ARG A 1 13  ? 14.000  3.206   15.565  1.00 43.09  ? 13  ARG A CZ  1 
ATOM   91   N  NH1 . ARG A 1 13  ? 13.916  3.905   16.688  1.00 41.02  ? 13  ARG A NH1 1 
ATOM   92   N  NH2 . ARG A 1 13  ? 14.388  3.809   14.456  1.00 41.36  ? 13  ARG A NH2 1 
ATOM   93   N  N   . ILE A 1 14  ? 8.480   1.004   16.136  1.00 43.61  ? 14  ILE A N   1 
ATOM   94   C  CA  . ILE A 1 14  ? 7.468   1.629   16.996  1.00 48.50  ? 14  ILE A CA  1 
ATOM   95   C  C   . ILE A 1 14  ? 6.973   0.735   18.129  1.00 47.57  ? 14  ILE A C   1 
ATOM   96   O  O   . ILE A 1 14  ? 6.120   1.136   18.925  1.00 53.27  ? 14  ILE A O   1 
ATOM   97   C  CB  . ILE A 1 14  ? 6.243   2.147   16.201  1.00 46.53  ? 14  ILE A CB  1 
ATOM   98   C  CG1 . ILE A 1 14  ? 5.824   1.138   15.145  1.00 48.87  ? 14  ILE A CG1 1 
ATOM   99   C  CG2 . ILE A 1 14  ? 6.577   3.496   15.566  1.00 48.27  ? 14  ILE A CG2 1 
ATOM   100  C  CD1 . ILE A 1 14  ? 6.730   1.126   13.919  1.00 69.59  ? 14  ILE A CD1 1 
ATOM   101  N  N   . GLY A 1 15  ? 7.518   -0.475  18.199  1.00 55.08  ? 15  GLY A N   1 
ATOM   102  C  CA  . GLY A 1 15  ? 7.157   -1.412  19.250  1.00 58.01  ? 15  GLY A CA  1 
ATOM   103  C  C   . GLY A 1 15  ? 5.696   -1.795  19.371  1.00 59.73  ? 15  GLY A C   1 
ATOM   104  O  O   . GLY A 1 15  ? 5.182   -1.924  20.483  1.00 53.79  ? 15  GLY A O   1 
HETATM 105  N  N   . MSE A 1 16  ? 5.033   -1.986  18.233  1.00 56.06  ? 16  MSE A N   1 
HETATM 106  C  CA  . MSE A 1 16  ? 3.628   -2.374  18.215  1.00 53.72  ? 16  MSE A CA  1 
HETATM 107  C  C   . MSE A 1 16  ? 3.128   -2.489  16.780  1.00 50.43  ? 16  MSE A C   1 
HETATM 108  O  O   . MSE A 1 16  ? 3.558   -1.739  15.905  1.00 42.62  ? 16  MSE A O   1 
HETATM 109  C  CB  . MSE A 1 16  ? 2.781   -1.355  18.970  1.00 61.11  ? 16  MSE A CB  1 
HETATM 110  C  CG  . MSE A 1 16  ? 2.729   0.010   18.318  1.00 78.13  ? 16  MSE A CG  1 
HETATM 111  SE SE  . MSE A 1 16  ? 1.397   1.134   19.149  1.00 108.57 ? 16  MSE A SE  1 
HETATM 112  C  CE  . MSE A 1 16  ? 2.580   2.184   20.275  1.00 97.60  ? 16  MSE A CE  1 
ATOM   113  N  N   . GLU A 1 17  ? 2.219   -3.429  16.540  1.00 44.92  ? 17  GLU A N   1 
ATOM   114  C  CA  . GLU A 1 17  ? 1.682   -3.624  15.202  1.00 48.74  ? 17  GLU A CA  1 
ATOM   115  C  C   . GLU A 1 17  ? 1.127   -2.328  14.650  1.00 38.21  ? 17  GLU A C   1 
ATOM   116  O  O   . GLU A 1 17  ? 0.457   -1.575  15.352  1.00 41.60  ? 17  GLU A O   1 
ATOM   117  C  CB  . GLU A 1 17  ? 0.606   -4.705  15.211  1.00 55.59  ? 17  GLU A CB  1 
ATOM   118  C  CG  . GLU A 1 17  ? 1.181   -6.103  15.334  1.00 54.78  ? 17  GLU A CG  1 
ATOM   119  C  CD  . GLU A 1 17  ? 0.122   -7.173  15.282  1.00 51.10  ? 17  GLU A CD  1 
ATOM   120  O  OE1 . GLU A 1 17  ? -0.619  -7.238  14.278  1.00 61.05  ? 17  GLU A OE1 1 
ATOM   121  O  OE2 . GLU A 1 17  ? 0.031   -7.955  16.248  1.00 65.63  ? 17  GLU A OE2 1 
ATOM   122  N  N   . LYS A 1 18  ? 1.411   -2.075  13.383  1.00 38.01  ? 18  LYS A N   1 
ATOM   123  C  CA  . LYS A 1 18  ? 0.970   -0.850  12.742  1.00 38.27  ? 18  LYS A CA  1 
ATOM   124  C  C   . LYS A 1 18  ? -0.521  -0.580  12.881  1.00 43.44  ? 18  LYS A C   1 
ATOM   125  O  O   . LYS A 1 18  ? -0.937  0.561   13.106  1.00 47.58  ? 18  LYS A O   1 
ATOM   126  C  CB  . LYS A 1 18  ? 1.334   -0.873  11.265  1.00 32.60  ? 18  LYS A CB  1 
ATOM   127  C  CG  . LYS A 1 18  ? 2.160   0.312   10.828  1.00 42.96  ? 18  LYS A CG  1 
ATOM   128  C  CD  . LYS A 1 18  ? 3.602   0.154   11.245  1.00 46.31  ? 18  LYS A CD  1 
ATOM   129  C  CE  . LYS A 1 18  ? 4.461   1.152   10.518  1.00 41.84  ? 18  LYS A CE  1 
ATOM   130  N  NZ  . LYS A 1 18  ? 5.836   0.630   10.335  1.00 54.33  ? 18  LYS A NZ  1 
ATOM   131  N  N   . THR A 1 19  ? -1.323  -1.628  12.743  1.00 39.52  ? 19  THR A N   1 
ATOM   132  C  CA  . THR A 1 19  ? -2.771  -1.499  12.826  1.00 38.03  ? 19  THR A CA  1 
ATOM   133  C  C   . THR A 1 19  ? -3.240  -0.919  14.153  1.00 42.13  ? 19  THR A C   1 
ATOM   134  O  O   . THR A 1 19  ? -4.219  -0.173  14.213  1.00 39.10  ? 19  THR A O   1 
ATOM   135  C  CB  . THR A 1 19  ? -3.454  -2.865  12.614  1.00 37.67  ? 19  THR A CB  1 
ATOM   136  O  OG1 . THR A 1 19  ? -2.986  -3.794  13.598  1.00 43.57  ? 19  THR A OG1 1 
ATOM   137  C  CG2 . THR A 1 19  ? -3.137  -3.410  11.236  1.00 27.45  ? 19  THR A CG2 1 
ATOM   138  N  N   . GLU A 1 20  ? -2.520  -1.251  15.214  1.00 43.66  ? 20  GLU A N   1 
ATOM   139  C  CA  . GLU A 1 20  ? -2.877  -0.792  16.544  1.00 44.76  ? 20  GLU A CA  1 
ATOM   140  C  C   . GLU A 1 20  ? -2.405  0.616   16.910  1.00 39.41  ? 20  GLU A C   1 
ATOM   141  O  O   . GLU A 1 20  ? -2.852  1.175   17.909  1.00 47.59  ? 20  GLU A O   1 
ATOM   142  C  CB  . GLU A 1 20  ? -2.378  -1.814  17.570  1.00 38.13  ? 20  GLU A CB  1 
ATOM   143  C  CG  . GLU A 1 20  ? -2.857  -3.240  17.278  1.00 46.95  ? 20  GLU A CG  1 
ATOM   144  C  CD  . GLU A 1 20  ? -4.332  -3.299  16.863  1.00 54.31  ? 20  GLU A CD  1 
ATOM   145  O  OE1 . GLU A 1 20  ? -5.190  -2.824  17.634  1.00 50.90  ? 20  GLU A OE1 1 
ATOM   146  O  OE2 . GLU A 1 20  ? -4.633  -3.819  15.766  1.00 49.60  ? 20  GLU A OE2 1 
ATOM   147  N  N   . VAL A 1 21  ? -1.514  1.187   16.108  1.00 37.54  ? 21  VAL A N   1 
ATOM   148  C  CA  . VAL A 1 21  ? -1.005  2.533   16.365  1.00 37.67  ? 21  VAL A CA  1 
ATOM   149  C  C   . VAL A 1 21  ? -2.147  3.542   16.484  1.00 43.90  ? 21  VAL A C   1 
ATOM   150  O  O   . VAL A 1 21  ? -3.058  3.567   15.654  1.00 44.80  ? 21  VAL A O   1 
ATOM   151  C  CB  . VAL A 1 21  ? -0.059  2.995   15.242  1.00 45.75  ? 21  VAL A CB  1 
ATOM   152  C  CG1 . VAL A 1 21  ? 0.431   4.405   15.514  1.00 48.62  ? 21  VAL A CG1 1 
ATOM   153  C  CG2 . VAL A 1 21  ? 1.107   2.034   15.126  1.00 50.48  ? 21  VAL A CG2 1 
HETATM 154  N  N   . MSE A 1 22  ? -2.085  4.373   17.519  1.00 50.89  ? 22  MSE A N   1 
HETATM 155  C  CA  . MSE A 1 22  ? -3.115  5.379   17.770  1.00 52.92  ? 22  MSE A CA  1 
HETATM 156  C  C   . MSE A 1 22  ? -2.812  6.709   17.109  1.00 46.80  ? 22  MSE A C   1 
HETATM 157  O  O   . MSE A 1 22  ? -1.857  7.387   17.475  1.00 50.53  ? 22  MSE A O   1 
HETATM 158  C  CB  . MSE A 1 22  ? -3.275  5.600   19.273  1.00 56.19  ? 22  MSE A CB  1 
HETATM 159  C  CG  . MSE A 1 22  ? -3.939  4.449   19.987  1.00 69.22  ? 22  MSE A CG  1 
HETATM 160  SE SE  . MSE A 1 22  ? -5.815  4.327   19.536  1.00 87.53  ? 22  MSE A SE  1 
HETATM 161  C  CE  . MSE A 1 22  ? -6.490  5.587   20.864  1.00 81.24  ? 22  MSE A CE  1 
ATOM   162  N  N   . LEU A 1 23  ? -3.637  7.080   16.143  1.00 43.77  ? 23  LEU A N   1 
ATOM   163  C  CA  . LEU A 1 23  ? -3.463  8.336   15.442  1.00 42.54  ? 23  LEU A CA  1 
ATOM   164  C  C   . LEU A 1 23  ? -4.684  9.190   15.739  1.00 47.84  ? 23  LEU A C   1 
ATOM   165  O  O   . LEU A 1 23  ? -5.788  8.866   15.308  1.00 53.73  ? 23  LEU A O   1 
ATOM   166  C  CB  . LEU A 1 23  ? -3.372  8.093   13.945  1.00 46.28  ? 23  LEU A CB  1 
ATOM   167  C  CG  . LEU A 1 23  ? -2.285  8.833   13.171  1.00 47.22  ? 23  LEU A CG  1 
ATOM   168  C  CD1 . LEU A 1 23  ? -2.739  8.912   11.729  1.00 51.58  ? 23  LEU A CD1 1 
ATOM   169  C  CD2 . LEU A 1 23  ? -2.045  10.227  13.726  1.00 53.47  ? 23  LEU A CD2 1 
ATOM   170  N  N   . CYS A 1 24  ? -4.484  10.273  16.479  1.00 45.23  ? 24  CYS A N   1 
ATOM   171  C  CA  . CYS A 1 24  ? -5.577  11.164  16.836  1.00 47.49  ? 24  CYS A CA  1 
ATOM   172  C  C   . CYS A 1 24  ? -6.731  10.394  17.456  1.00 47.24  ? 24  CYS A C   1 
ATOM   173  O  O   . CYS A 1 24  ? -7.887  10.591  17.090  1.00 47.51  ? 24  CYS A O   1 
ATOM   174  C  CB  . CYS A 1 24  ? -6.066  11.940  15.609  1.00 49.81  ? 24  CYS A CB  1 
ATOM   175  S  SG  . CYS A 1 24  ? -5.241  13.557  15.400  1.00 54.09  ? 24  CYS A SG  1 
ATOM   176  N  N   . GLY A 1 25  ? -6.400  9.509   18.394  1.00 41.79  ? 25  GLY A N   1 
ATOM   177  C  CA  . GLY A 1 25  ? -7.412  8.733   19.088  1.00 38.16  ? 25  GLY A CA  1 
ATOM   178  C  C   . GLY A 1 25  ? -8.063  7.603   18.316  1.00 42.96  ? 25  GLY A C   1 
ATOM   179  O  O   . GLY A 1 25  ? -9.043  7.016   18.782  1.00 43.79  ? 25  GLY A O   1 
ATOM   180  N  N   . LYS A 1 26  ? -7.527  7.286   17.143  1.00 38.01  ? 26  LYS A N   1 
ATOM   181  C  CA  . LYS A 1 26  ? -8.085  6.213   16.323  1.00 44.75  ? 26  LYS A CA  1 
ATOM   182  C  C   . LYS A 1 26  ? -6.958  5.320   15.806  1.00 35.97  ? 26  LYS A C   1 
ATOM   183  O  O   . LYS A 1 26  ? -5.912  5.811   15.404  1.00 40.81  ? 26  LYS A O   1 
ATOM   184  C  CB  . LYS A 1 26  ? -8.857  6.815   15.146  1.00 41.90  ? 26  LYS A CB  1 
ATOM   185  C  CG  . LYS A 1 26  ? -9.589  5.803   14.278  1.00 42.56  ? 26  LYS A CG  1 
ATOM   186  C  CD  . LYS A 1 26  ? -9.917  6.415   12.921  1.00 42.49  ? 26  LYS A CD  1 
ATOM   187  C  CE  . LYS A 1 26  ? -10.760 7.672   13.055  1.00 42.53  ? 26  LYS A CE  1 
ATOM   188  N  NZ  . LYS A 1 26  ? -10.887 8.402   11.765  1.00 47.70  ? 26  LYS A NZ  1 
ATOM   189  N  N   . LYS A 1 27  ? -7.174  4.011   15.829  1.00 31.06  ? 27  LYS A N   1 
ATOM   190  C  CA  . LYS A 1 27  ? -6.170  3.064   15.361  1.00 37.99  ? 27  LYS A CA  1 
ATOM   191  C  C   . LYS A 1 27  ? -5.882  3.248   13.874  1.00 35.14  ? 27  LYS A C   1 
ATOM   192  O  O   . LYS A 1 27  ? -6.748  3.692   13.123  1.00 42.71  ? 27  LYS A O   1 
ATOM   193  C  CB  . LYS A 1 27  ? -6.647  1.636   15.615  1.00 29.39  ? 27  LYS A CB  1 
ATOM   194  C  CG  . LYS A 1 27  ? -6.794  1.279   17.079  1.00 34.00  ? 27  LYS A CG  1 
ATOM   195  C  CD  . LYS A 1 27  ? -7.136  -0.198  17.237  1.00 38.59  ? 27  LYS A CD  1 
ATOM   196  C  CE  . LYS A 1 27  ? -7.256  -0.580  18.705  1.00 43.26  ? 27  LYS A CE  1 
ATOM   197  N  NZ  . LYS A 1 27  ? -7.532  -2.035  18.896  1.00 41.16  ? 27  LYS A NZ  1 
ATOM   198  N  N   . LEU A 1 28  ? -4.675  2.904   13.440  1.00 43.71  ? 28  LEU A N   1 
ATOM   199  C  CA  . LEU A 1 28  ? -4.349  3.054   12.030  1.00 38.16  ? 28  LEU A CA  1 
ATOM   200  C  C   . LEU A 1 28  ? -5.211  2.182   11.143  1.00 29.40  ? 28  LEU A C   1 
ATOM   201  O  O   . LEU A 1 28  ? -5.577  2.592   10.048  1.00 35.73  ? 28  LEU A O   1 
ATOM   202  C  CB  . LEU A 1 28  ? -2.879  2.746   11.773  1.00 38.60  ? 28  LEU A CB  1 
ATOM   203  C  CG  . LEU A 1 28  ? -1.940  3.931   11.975  1.00 39.47  ? 28  LEU A CG  1 
ATOM   204  C  CD1 . LEU A 1 28  ? -0.529  3.492   11.634  1.00 36.37  ? 28  LEU A CD1 1 
ATOM   205  C  CD2 . LEU A 1 28  ? -2.362  5.108   11.103  1.00 42.21  ? 28  LEU A CD2 1 
ATOM   206  N  N   . ILE A 1 29  ? -5.534  0.979   11.599  1.00 34.08  ? 29  ILE A N   1 
ATOM   207  C  CA  . ILE A 1 29  ? -6.368  0.109   10.780  1.00 34.42  ? 29  ILE A CA  1 
ATOM   208  C  C   . ILE A 1 29  ? -7.743  0.739   10.541  1.00 33.03  ? 29  ILE A C   1 
ATOM   209  O  O   . ILE A 1 29  ? -8.314  0.588   9.464   1.00 36.31  ? 29  ILE A O   1 
ATOM   210  C  CB  . ILE A 1 29  ? -6.548  -1.284  11.410  1.00 30.97  ? 29  ILE A CB  1 
ATOM   211  C  CG1 . ILE A 1 29  ? -7.385  -2.154  10.480  1.00 30.97  ? 29  ILE A CG1 1 
ATOM   212  C  CG2 . ILE A 1 29  ? -7.180  -1.167  12.788  1.00 35.06  ? 29  ILE A CG2 1 
ATOM   213  C  CD1 . ILE A 1 29  ? -6.747  -2.385  9.095   1.00 25.68  ? 29  ILE A CD1 1 
ATOM   214  N  N   . GLU A 1 30  ? -8.269  1.459   11.527  1.00 35.43  ? 30  GLU A N   1 
ATOM   215  C  CA  . GLU A 1 30  ? -9.574  2.090   11.362  1.00 40.26  ? 30  GLU A CA  1 
ATOM   216  C  C   . GLU A 1 30  ? -9.457  3.293   10.432  1.00 39.24  ? 30  GLU A C   1 
ATOM   217  O  O   . GLU A 1 30  ? -10.420 3.667   9.765   1.00 45.92  ? 30  GLU A O   1 
ATOM   218  C  CB  . GLU A 1 30  ? -10.145 2.483   12.726  1.00 40.90  ? 30  GLU A CB  1 
ATOM   219  C  CG  . GLU A 1 30  ? -10.066 1.323   13.704  1.00 52.34  ? 30  GLU A CG  1 
ATOM   220  C  CD  . GLU A 1 30  ? -10.792 1.551   15.018  1.00 55.74  ? 30  GLU A CD  1 
ATOM   221  O  OE1 . GLU A 1 30  ? -10.878 2.716   15.478  1.00 49.19  ? 30  GLU A OE1 1 
ATOM   222  O  OE2 . GLU A 1 30  ? -11.251 0.541   15.600  1.00 47.77  ? 30  GLU A OE2 1 
ATOM   223  N  N   . TRP A 1 31  ? -8.271  3.884   10.379  1.00 35.58  ? 31  TRP A N   1 
ATOM   224  C  CA  . TRP A 1 31  ? -8.034  5.010   9.492   1.00 34.60  ? 31  TRP A CA  1 
ATOM   225  C  C   . TRP A 1 31  ? -8.172  4.589   8.031   1.00 35.23  ? 31  TRP A C   1 
ATOM   226  O  O   . TRP A 1 31  ? -8.896  5.223   7.269   1.00 45.94  ? 31  TRP A O   1 
ATOM   227  C  CB  . TRP A 1 31  ? -6.632  5.570   9.700   1.00 39.89  ? 31  TRP A CB  1 
ATOM   228  C  CG  . TRP A 1 31  ? -6.562  6.729   10.632  1.00 43.82  ? 31  TRP A CG  1 
ATOM   229  C  CD1 . TRP A 1 31  ? -6.585  6.699   12.002  1.00 39.53  ? 31  TRP A CD1 1 
ATOM   230  C  CD2 . TRP A 1 31  ? -6.442  8.107   10.261  1.00 49.35  ? 31  TRP A CD2 1 
ATOM   231  N  NE1 . TRP A 1 31  ? -6.484  7.980   12.506  1.00 41.87  ? 31  TRP A NE1 1 
ATOM   232  C  CE2 . TRP A 1 31  ? -6.400  8.860   11.461  1.00 47.35  ? 31  TRP A CE2 1 
ATOM   233  C  CE3 . TRP A 1 31  ? -6.374  8.780   9.033   1.00 52.82  ? 31  TRP A CE3 1 
ATOM   234  C  CZ2 . TRP A 1 31  ? -6.282  10.256  11.460  1.00 56.13  ? 31  TRP A CZ2 1 
ATOM   235  C  CZ3 . TRP A 1 31  ? -6.256  10.171  9.034   1.00 51.63  ? 31  TRP A CZ3 1 
ATOM   236  C  CH2 . TRP A 1 31  ? -6.217  10.892  10.242  1.00 50.39  ? 31  TRP A CH2 1 
ATOM   237  N  N   . VAL A 1 32  ? -7.466  3.525   7.643   1.00 35.80  ? 32  VAL A N   1 
ATOM   238  C  CA  . VAL A 1 32  ? -7.508  3.042   6.264   1.00 38.05  ? 32  VAL A CA  1 
ATOM   239  C  C   . VAL A 1 32  ? -8.827  2.343   5.938   1.00 35.74  ? 32  VAL A C   1 
ATOM   240  O  O   . VAL A 1 32  ? -9.272  2.351   4.796   1.00 39.23  ? 32  VAL A O   1 
ATOM   241  C  CB  . VAL A 1 32  ? -6.296  2.103   5.948   1.00 36.82  ? 32  VAL A CB  1 
ATOM   242  C  CG1 . VAL A 1 32  ? -4.996  2.885   6.099   1.00 28.93  ? 32  VAL A CG1 1 
ATOM   243  C  CG2 . VAL A 1 32  ? -6.292  0.890   6.869   1.00 34.28  ? 32  VAL A CG2 1 
ATOM   244  N  N   . LEU A 1 33  ? -9.453  1.754   6.950   1.00 36.03  ? 33  LEU A N   1 
ATOM   245  C  CA  . LEU A 1 33  ? -10.734 1.090   6.777   1.00 35.11  ? 33  LEU A CA  1 
ATOM   246  C  C   . LEU A 1 33  ? -11.720 2.140   6.266   1.00 39.09  ? 33  LEU A C   1 
ATOM   247  O  O   . LEU A 1 33  ? -12.344 1.956   5.221   1.00 37.76  ? 33  LEU A O   1 
ATOM   248  C  CB  . LEU A 1 33  ? -11.197 0.517   8.118   1.00 35.27  ? 33  LEU A CB  1 
ATOM   249  C  CG  . LEU A 1 33  ? -11.489 -0.981  8.279   1.00 37.29  ? 33  LEU A CG  1 
ATOM   250  C  CD1 . LEU A 1 33  ? -10.686 -1.815  7.314   1.00 26.76  ? 33  LEU A CD1 1 
ATOM   251  C  CD2 . LEU A 1 33  ? -11.183 -1.392  9.725   1.00 33.88  ? 33  LEU A CD2 1 
ATOM   252  N  N   . GLU A 1 34  ? -11.834 3.251   6.995   1.00 37.43  ? 34  GLU A N   1 
ATOM   253  C  CA  . GLU A 1 34  ? -12.721 4.360   6.623   1.00 36.48  ? 34  GLU A CA  1 
ATOM   254  C  C   . GLU A 1 34  ? -12.390 4.957   5.270   1.00 33.62  ? 34  GLU A C   1 
ATOM   255  O  O   . GLU A 1 34  ? -13.269 5.154   4.437   1.00 36.77  ? 34  GLU A O   1 
ATOM   256  C  CB  . GLU A 1 34  ? -12.618 5.502   7.638   1.00 33.51  ? 34  GLU A CB  1 
ATOM   257  C  CG  . GLU A 1 34  ? -13.363 5.304   8.921   1.00 47.80  ? 34  GLU A CG  1 
ATOM   258  C  CD  . GLU A 1 34  ? -13.096 6.425   9.926   1.00 43.73  ? 34  GLU A CD  1 
ATOM   259  O  OE1 . GLU A 1 34  ? -13.032 7.604   9.514   1.00 33.99  ? 34  GLU A OE1 1 
ATOM   260  O  OE2 . GLU A 1 34  ? -12.971 6.119   11.129  1.00 40.31  ? 34  GLU A OE2 1 
ATOM   261  N  N   . LYS A 1 35  ? -11.111 5.264   5.079   1.00 37.04  ? 35  LYS A N   1 
ATOM   262  C  CA  . LYS A 1 35  ? -10.627 5.897   3.854   1.00 36.12  ? 35  LYS A CA  1 
ATOM   263  C  C   . LYS A 1 35  ? -10.846 5.118   2.551   1.00 35.55  ? 35  LYS A C   1 
ATOM   264  O  O   . LYS A 1 35  ? -11.129 5.719   1.516   1.00 41.22  ? 35  LYS A O   1 
ATOM   265  C  CB  . LYS A 1 35  ? -9.135  6.229   4.010   1.00 35.91  ? 35  LYS A CB  1 
ATOM   266  C  CG  . LYS A 1 35  ? -8.492  6.828   2.766   1.00 30.06  ? 35  LYS A CG  1 
ATOM   267  C  CD  . LYS A 1 35  ? -6.985  7.000   2.905   1.00 43.64  ? 35  LYS A CD  1 
ATOM   268  C  CE  . LYS A 1 35  ? -6.599  8.206   3.746   1.00 43.06  ? 35  LYS A CE  1 
ATOM   269  N  NZ  . LYS A 1 35  ? -6.946  8.016   5.169   1.00 61.74  ? 35  LYS A NZ  1 
ATOM   270  N  N   . TYR A 1 36  ? -10.748 3.794   2.613   1.00 34.20  ? 36  TYR A N   1 
ATOM   271  C  CA  . TYR A 1 36  ? -10.873 2.956   1.432   1.00 32.85  ? 36  TYR A CA  1 
ATOM   272  C  C   . TYR A 1 36  ? -12.154 2.146   1.324   1.00 33.82  ? 36  TYR A C   1 
ATOM   273  O  O   . TYR A 1 36  ? -12.330 1.395   0.360   1.00 29.70  ? 36  TYR A O   1 
ATOM   274  C  CB  . TYR A 1 36  ? -9.672  2.000   1.363   1.00 37.49  ? 36  TYR A CB  1 
ATOM   275  C  CG  . TYR A 1 36  ? -8.328  2.701   1.344   1.00 28.18  ? 36  TYR A CG  1 
ATOM   276  C  CD1 . TYR A 1 36  ? -7.942  3.491   0.254   1.00 32.09  ? 36  TYR A CD1 1 
ATOM   277  C  CD2 . TYR A 1 36  ? -7.464  2.611   2.431   1.00 29.09  ? 36  TYR A CD2 1 
ATOM   278  C  CE1 . TYR A 1 36  ? -6.723  4.178   0.254   1.00 29.14  ? 36  TYR A CE1 1 
ATOM   279  C  CE2 . TYR A 1 36  ? -6.250  3.293   2.446   1.00 33.43  ? 36  TYR A CE2 1 
ATOM   280  C  CZ  . TYR A 1 36  ? -5.887  4.076   1.357   1.00 35.25  ? 36  TYR A CZ  1 
ATOM   281  O  OH  . TYR A 1 36  ? -4.699  4.769   1.388   1.00 35.74  ? 36  TYR A OH  1 
ATOM   282  N  N   . SER A 1 37  ? -13.048 2.270   2.299   1.00 31.06  ? 37  SER A N   1 
ATOM   283  C  CA  . SER A 1 37  ? -14.293 1.501   2.235   1.00 42.55  ? 37  SER A CA  1 
ATOM   284  C  C   . SER A 1 37  ? -15.145 1.800   0.990   1.00 38.00  ? 37  SER A C   1 
ATOM   285  O  O   . SER A 1 37  ? -15.817 0.910   0.473   1.00 46.92  ? 37  SER A O   1 
ATOM   286  C  CB  . SER A 1 37  ? -15.138 1.696   3.515   1.00 39.44  ? 37  SER A CB  1 
ATOM   287  O  OG  . SER A 1 37  ? -15.465 3.051   3.744   1.00 54.82  ? 37  SER A OG  1 
ATOM   288  N  N   . PRO A 1 38  ? -15.116 3.048   0.486   1.00 34.96  ? 38  PRO A N   1 
ATOM   289  C  CA  . PRO A 1 38  ? -15.906 3.399   -0.701  1.00 31.95  ? 38  PRO A CA  1 
ATOM   290  C  C   . PRO A 1 38  ? -15.508 2.684   -1.999  1.00 40.21  ? 38  PRO A C   1 
ATOM   291  O  O   . PRO A 1 38  ? -16.291 2.652   -2.948  1.00 47.19  ? 38  PRO A O   1 
ATOM   292  C  CB  . PRO A 1 38  ? -15.700 4.908   -0.820  1.00 31.12  ? 38  PRO A CB  1 
ATOM   293  C  CG  . PRO A 1 38  ? -15.461 5.333   0.579   1.00 41.03  ? 38  PRO A CG  1 
ATOM   294  C  CD  . PRO A 1 38  ? -14.533 4.261   1.086   1.00 33.25  ? 38  PRO A CD  1 
ATOM   295  N  N   . PHE A 1 39  ? -14.308 2.113   -2.048  1.00 32.33  ? 39  PHE A N   1 
ATOM   296  C  CA  . PHE A 1 39  ? -13.835 1.456   -3.267  1.00 36.48  ? 39  PHE A CA  1 
ATOM   297  C  C   . PHE A 1 39  ? -13.913 -0.067  -3.217  1.00 34.08  ? 39  PHE A C   1 
ATOM   298  O  O   . PHE A 1 39  ? -14.467 -0.640  -2.280  1.00 41.47  ? 39  PHE A O   1 
ATOM   299  C  CB  . PHE A 1 39  ? -12.394 1.896   -3.540  1.00 37.72  ? 39  PHE A CB  1 
ATOM   300  C  CG  . PHE A 1 39  ? -12.153 3.353   -3.260  1.00 37.83  ? 39  PHE A CG  1 
ATOM   301  C  CD1 . PHE A 1 39  ? -12.677 4.336   -4.098  1.00 43.95  ? 39  PHE A CD1 1 
ATOM   302  C  CD2 . PHE A 1 39  ? -11.469 3.745   -2.116  1.00 38.77  ? 39  PHE A CD2 1 
ATOM   303  C  CE1 . PHE A 1 39  ? -12.526 5.689   -3.799  1.00 38.32  ? 39  PHE A CE1 1 
ATOM   304  C  CE2 . PHE A 1 39  ? -11.313 5.091   -1.807  1.00 34.92  ? 39  PHE A CE2 1 
ATOM   305  C  CZ  . PHE A 1 39  ? -11.845 6.067   -2.651  1.00 41.62  ? 39  PHE A CZ  1 
ATOM   306  N  N   . GLN A 1 40  ? -13.383 -0.717  -4.251  1.00 35.98  ? 40  GLN A N   1 
ATOM   307  C  CA  . GLN A 1 40  ? -13.364 -2.180  -4.322  1.00 29.60  ? 40  GLN A CA  1 
ATOM   308  C  C   . GLN A 1 40  ? -12.023 -2.539  -3.717  1.00 31.35  ? 40  GLN A C   1 
ATOM   309  O  O   . GLN A 1 40  ? -11.032 -2.750  -4.418  1.00 29.19  ? 40  GLN A O   1 
ATOM   310  C  CB  . GLN A 1 40  ? -13.430 -2.649  -5.763  1.00 30.99  ? 40  GLN A CB  1 
ATOM   311  C  CG  . GLN A 1 40  ? -13.711 -4.127  -5.870  1.00 32.48  ? 40  GLN A CG  1 
ATOM   312  C  CD  . GLN A 1 40  ? -13.651 -4.609  -7.296  1.00 38.37  ? 40  GLN A CD  1 
ATOM   313  O  OE1 . GLN A 1 40  ? -13.857 -3.828  -8.225  1.00 39.68  ? 40  GLN A OE1 1 
ATOM   314  N  NE2 . GLN A 1 40  ? -13.384 -5.902  -7.483  1.00 33.12  ? 40  GLN A NE2 1 
ATOM   315  N  N   . THR A 1 41  ? -12.028 -2.630  -2.396  1.00 33.03  ? 41  THR A N   1 
ATOM   316  C  CA  . THR A 1 41  ? -10.826 -2.839  -1.609  1.00 34.62  ? 41  THR A CA  1 
ATOM   317  C  C   . THR A 1 41  ? -10.645 -4.158  -0.874  1.00 30.43  ? 41  THR A C   1 
ATOM   318  O  O   . THR A 1 41  ? -11.606 -4.762  -0.420  1.00 32.48  ? 41  THR A O   1 
ATOM   319  C  CB  . THR A 1 41  ? -10.752 -1.714  -0.559  1.00 31.20  ? 41  THR A CB  1 
ATOM   320  O  OG1 . THR A 1 41  ? -10.936 -0.458  -1.220  1.00 32.49  ? 41  THR A OG1 1 
ATOM   321  C  CG2 . THR A 1 41  ? -9.434  -1.729  0.173   1.00 26.48  ? 41  THR A CG2 1 
ATOM   322  N  N   . VAL A 1 42  ? -9.395  -4.601  -0.778  1.00 34.24  ? 42  VAL A N   1 
ATOM   323  C  CA  . VAL A 1 42  ? -9.048  -5.783  0.002   1.00 33.50  ? 42  VAL A CA  1 
ATOM   324  C  C   . VAL A 1 42  ? -7.888  -5.335  0.867   1.00 30.69  ? 42  VAL A C   1 
ATOM   325  O  O   . VAL A 1 42  ? -7.092  -4.492  0.465   1.00 31.42  ? 42  VAL A O   1 
ATOM   326  C  CB  . VAL A 1 42  ? -8.593  -7.006  -0.847  1.00 32.30  ? 42  VAL A CB  1 
ATOM   327  C  CG1 . VAL A 1 42  ? -9.736  -7.503  -1.698  1.00 23.62  ? 42  VAL A CG1 1 
ATOM   328  C  CG2 . VAL A 1 42  ? -7.382  -6.648  -1.695  1.00 30.48  ? 42  VAL A CG2 1 
ATOM   329  N  N   . PHE A 1 43  ? -7.819  -5.877  2.071   1.00 34.95  ? 43  PHE A N   1 
ATOM   330  C  CA  . PHE A 1 43  ? -6.746  -5.546  2.985   1.00 31.65  ? 43  PHE A CA  1 
ATOM   331  C  C   . PHE A 1 43  ? -5.859  -6.776  3.056   1.00 34.85  ? 43  PHE A C   1 
ATOM   332  O  O   . PHE A 1 43  ? -6.295  -7.847  3.485   1.00 33.41  ? 43  PHE A O   1 
ATOM   333  C  CB  . PHE A 1 43  ? -7.334  -5.192  4.343   1.00 36.56  ? 43  PHE A CB  1 
ATOM   334  C  CG  . PHE A 1 43  ? -8.164  -3.944  4.320   1.00 30.86  ? 43  PHE A CG  1 
ATOM   335  C  CD1 . PHE A 1 43  ? -7.585  -2.699  4.556   1.00 36.34  ? 43  PHE A CD1 1 
ATOM   336  C  CD2 . PHE A 1 43  ? -9.514  -4.005  3.991   1.00 30.49  ? 43  PHE A CD2 1 
ATOM   337  C  CE1 . PHE A 1 43  ? -8.350  -1.521  4.462   1.00 38.56  ? 43  PHE A CE1 1 
ATOM   338  C  CE2 . PHE A 1 43  ? -10.286 -2.847  3.892   1.00 24.44  ? 43  PHE A CE2 1 
ATOM   339  C  CZ  . PHE A 1 43  ? -9.704  -1.600  4.127   1.00 27.97  ? 43  PHE A CZ  1 
ATOM   340  N  N   . VAL A 1 44  ? -4.619  -6.616  2.603   1.00 34.77  ? 44  VAL A N   1 
ATOM   341  C  CA  . VAL A 1 44  ? -3.662  -7.712  2.564   1.00 31.44  ? 44  VAL A CA  1 
ATOM   342  C  C   . VAL A 1 44  ? -2.849  -7.855  3.843   1.00 32.96  ? 44  VAL A C   1 
ATOM   343  O  O   . VAL A 1 44  ? -2.004  -7.017  4.159   1.00 31.06  ? 44  VAL A O   1 
ATOM   344  C  CB  . VAL A 1 44  ? -2.699  -7.545  1.379   1.00 33.40  ? 44  VAL A CB  1 
ATOM   345  C  CG1 . VAL A 1 44  ? -1.843  -8.805  1.225   1.00 18.87  ? 44  VAL A CG1 1 
ATOM   346  C  CG2 . VAL A 1 44  ? -3.493  -7.266  0.112   1.00 21.12  ? 44  VAL A CG2 1 
ATOM   347  N  N   . CYS A 1 45  ? -3.117  -8.935  4.565   1.00 30.60  ? 45  CYS A N   1 
ATOM   348  C  CA  . CYS A 1 45  ? -2.448  -9.233  5.826   1.00 36.84  ? 45  CYS A CA  1 
ATOM   349  C  C   . CYS A 1 45  ? -1.183  -10.042 5.602   1.00 35.95  ? 45  CYS A C   1 
ATOM   350  O  O   . CYS A 1 45  ? -1.001  -10.641 4.541   1.00 41.08  ? 45  CYS A O   1 
ATOM   351  C  CB  . CYS A 1 45  ? -3.394  -10.015 6.736   1.00 29.97  ? 45  CYS A CB  1 
ATOM   352  S  SG  . CYS A 1 45  ? -4.995  -9.216  6.948   1.00 37.26  ? 45  CYS A SG  1 
ATOM   353  N  N   . ARG A 1 46  ? -0.315  -10.077 6.608   1.00 39.21  ? 46  ARG A N   1 
ATOM   354  C  CA  . ARG A 1 46  ? 0.937   -10.827 6.501   1.00 42.11  ? 46  ARG A CA  1 
ATOM   355  C  C   . ARG A 1 46  ? 0.720   -12.334 6.492   1.00 41.48  ? 46  ARG A C   1 
ATOM   356  O  O   . ARG A 1 46  ? 1.539   -13.075 5.952   1.00 41.29  ? 46  ARG A O   1 
ATOM   357  C  CB  . ARG A 1 46  ? 1.876   -10.446 7.641   1.00 35.79  ? 46  ARG A CB  1 
ATOM   358  C  CG  . ARG A 1 46  ? 1.264   -10.603 8.995   1.00 39.91  ? 46  ARG A CG  1 
ATOM   359  C  CD  . ARG A 1 46  ? 2.259   -10.300 10.075  1.00 33.91  ? 46  ARG A CD  1 
ATOM   360  N  NE  . ARG A 1 46  ? 1.572   -10.251 11.352  1.00 49.18  ? 46  ARG A NE  1 
ATOM   361  C  CZ  . ARG A 1 46  ? 1.078   -9.145  11.898  1.00 46.04  ? 46  ARG A CZ  1 
ATOM   362  N  NH1 . ARG A 1 46  ? 1.208   -7.975  11.283  1.00 32.56  ? 46  ARG A NH1 1 
ATOM   363  N  NH2 . ARG A 1 46  ? 0.420   -9.223  13.047  1.00 44.86  ? 46  ARG A NH2 1 
ATOM   364  N  N   . ASP A 1 47  ? -0.378  -12.785 7.091   1.00 39.73  ? 47  ASP A N   1 
ATOM   365  C  CA  . ASP A 1 47  ? -0.713  -14.208 7.126   1.00 38.42  ? 47  ASP A CA  1 
ATOM   366  C  C   . ASP A 1 47  ? -2.173  -14.371 7.508   1.00 37.52  ? 47  ASP A C   1 
ATOM   367  O  O   . ASP A 1 47  ? -2.811  -13.422 7.956   1.00 38.53  ? 47  ASP A O   1 
ATOM   368  C  CB  . ASP A 1 47  ? 0.179   -14.958 8.120   1.00 42.13  ? 47  ASP A CB  1 
ATOM   369  C  CG  . ASP A 1 47  ? 0.087   -14.402 9.520   1.00 39.39  ? 47  ASP A CG  1 
ATOM   370  O  OD1 . ASP A 1 47  ? 0.976   -14.707 10.337  1.00 51.05  ? 47  ASP A OD1 1 
ATOM   371  O  OD2 . ASP A 1 47  ? -0.875  -13.669 9.808   1.00 51.64  ? 47  ASP A OD2 1 
ATOM   372  N  N   . GLU A 1 48  ? -2.697  -15.575 7.318   1.00 34.35  ? 48  GLU A N   1 
ATOM   373  C  CA  . GLU A 1 48  ? -4.093  -15.875 7.610   1.00 33.66  ? 48  GLU A CA  1 
ATOM   374  C  C   . GLU A 1 48  ? -4.444  -15.611 9.069   1.00 37.23  ? 48  GLU A C   1 
ATOM   375  O  O   . GLU A 1 48  ? -5.582  -15.278 9.400   1.00 44.26  ? 48  GLU A O   1 
ATOM   376  C  CB  . GLU A 1 48  ? -4.383  -17.330 7.234   1.00 33.77  ? 48  GLU A CB  1 
ATOM   377  C  CG  . GLU A 1 48  ? -5.798  -17.793 7.515   1.00 49.18  ? 48  GLU A CG  1 
ATOM   378  C  CD  . GLU A 1 48  ? -6.123  -19.122 6.840   1.00 56.87  ? 48  GLU A CD  1 
ATOM   379  O  OE1 . GLU A 1 48  ? -5.284  -20.049 6.888   1.00 65.21  ? 48  GLU A OE1 1 
ATOM   380  O  OE2 . GLU A 1 48  ? -7.226  -19.246 6.268   1.00 59.53  ? 48  GLU A OE2 1 
ATOM   381  N  N   . LYS A 1 49  ? -3.455  -15.752 9.939   1.00 37.34  ? 49  LYS A N   1 
ATOM   382  C  CA  . LYS A 1 49  ? -3.642  -15.521 11.362  1.00 36.17  ? 49  LYS A CA  1 
ATOM   383  C  C   . LYS A 1 49  ? -4.101  -14.073 11.587  1.00 32.86  ? 49  LYS A C   1 
ATOM   384  O  O   . LYS A 1 49  ? -5.079  -13.821 12.290  1.00 34.22  ? 49  LYS A O   1 
ATOM   385  C  CB  . LYS A 1 49  ? -2.324  -15.800 12.082  1.00 35.99  ? 49  LYS A CB  1 
ATOM   386  C  CG  . LYS A 1 49  ? -2.363  -15.687 13.592  1.00 53.56  ? 49  LYS A CG  1 
ATOM   387  C  CD  . LYS A 1 49  ? -1.150  -16.376 14.231  1.00 53.99  ? 49  LYS A CD  1 
ATOM   388  C  CE  . LYS A 1 49  ? 0.176   -15.768 13.776  1.00 55.26  ? 49  LYS A CE  1 
ATOM   389  N  NZ  . LYS A 1 49  ? 1.324   -16.375 14.505  1.00 51.94  ? 49  LYS A NZ  1 
ATOM   390  N  N   . GLN A 1 50  ? -3.396  -13.128 10.975  1.00 31.44  ? 50  GLN A N   1 
ATOM   391  C  CA  . GLN A 1 50  ? -3.748  -11.723 11.098  1.00 29.16  ? 50  GLN A CA  1 
ATOM   392  C  C   . GLN A 1 50  ? -5.119  -11.461 10.461  1.00 33.15  ? 50  GLN A C   1 
ATOM   393  O  O   . GLN A 1 50  ? -5.934  -10.717 11.000  1.00 35.40  ? 50  GLN A O   1 
ATOM   394  C  CB  . GLN A 1 50  ? -2.679  -10.841 10.433  1.00 31.14  ? 50  GLN A CB  1 
ATOM   395  C  CG  . GLN A 1 50  ? -3.068  -9.367  10.390  1.00 33.48  ? 50  GLN A CG  1 
ATOM   396  C  CD  . GLN A 1 50  ? -1.973  -8.478  9.876   1.00 29.37  ? 50  GLN A CD  1 
ATOM   397  O  OE1 . GLN A 1 50  ? -1.294  -8.811  8.907   1.00 36.85  ? 50  GLN A OE1 1 
ATOM   398  N  NE2 . GLN A 1 50  ? -1.801  -7.326  10.512  1.00 25.28  ? 50  GLN A NE2 1 
ATOM   399  N  N   . ALA A 1 51  ? -5.369  -12.077 9.311   1.00 39.56  ? 51  ALA A N   1 
ATOM   400  C  CA  . ALA A 1 51  ? -6.644  -11.912 8.622   1.00 39.41  ? 51  ALA A CA  1 
ATOM   401  C  C   . ALA A 1 51  ? -7.768  -12.364 9.536   1.00 36.13  ? 51  ALA A C   1 
ATOM   402  O  O   . ALA A 1 51  ? -8.821  -11.734 9.593   1.00 39.37  ? 51  ALA A O   1 
ATOM   403  C  CB  . ALA A 1 51  ? -6.659  -12.727 7.329   1.00 31.86  ? 51  ALA A CB  1 
ATOM   404  N  N   . GLU A 1 52  ? -7.556  -13.462 10.253  1.00 44.18  ? 52  GLU A N   1 
ATOM   405  C  CA  . GLU A 1 52  ? -8.588  -13.949 11.160  1.00 45.23  ? 52  GLU A CA  1 
ATOM   406  C  C   . GLU A 1 52  ? -8.815  -12.976 12.313  1.00 38.22  ? 52  GLU A C   1 
ATOM   407  O  O   . GLU A 1 52  ? -9.958  -12.708 12.679  1.00 41.54  ? 52  GLU A O   1 
ATOM   408  C  CB  . GLU A 1 52  ? -8.227  -15.328 11.718  1.00 49.86  ? 52  GLU A CB  1 
ATOM   409  C  CG  . GLU A 1 52  ? -8.528  -16.495 10.795  1.00 64.78  ? 52  GLU A CG  1 
ATOM   410  C  CD  . GLU A 1 52  ? -8.237  -17.832 11.459  1.00 78.55  ? 52  GLU A CD  1 
ATOM   411  O  OE1 . GLU A 1 52  ? -8.820  -18.095 12.537  1.00 87.31  ? 52  GLU A OE1 1 
ATOM   412  O  OE2 . GLU A 1 52  ? -7.429  -18.621 10.914  1.00 77.91  ? 52  GLU A OE2 1 
ATOM   413  N  N   . LYS A 1 53  ? -7.740  -12.441 12.883  1.00 39.64  ? 53  LYS A N   1 
ATOM   414  C  CA  . LYS A 1 53  ? -7.895  -11.503 13.989  1.00 37.45  ? 53  LYS A CA  1 
ATOM   415  C  C   . LYS A 1 53  ? -8.550  -10.204 13.535  1.00 38.36  ? 53  LYS A C   1 
ATOM   416  O  O   . LYS A 1 53  ? -9.413  -9.666  14.221  1.00 42.75  ? 53  LYS A O   1 
ATOM   417  C  CB  . LYS A 1 53  ? -6.548  -11.224 14.659  1.00 39.14  ? 53  LYS A CB  1 
ATOM   418  C  CG  . LYS A 1 53  ? -5.969  -12.455 15.355  1.00 56.41  ? 53  LYS A CG  1 
ATOM   419  C  CD  . LYS A 1 53  ? -4.517  -12.269 15.803  1.00 58.78  ? 53  LYS A CD  1 
ATOM   420  C  CE  . LYS A 1 53  ? -3.968  -13.554 16.425  1.00 60.96  ? 53  LYS A CE  1 
ATOM   421  N  NZ  . LYS A 1 53  ? -2.522  -13.492 16.794  1.00 67.06  ? 53  LYS A NZ  1 
ATOM   422  N  N   . LEU A 1 54  ? -8.173  -9.700  12.371  1.00 40.50  ? 54  LEU A N   1 
ATOM   423  C  CA  . LEU A 1 54  ? -8.789  -8.473  11.921  1.00 37.51  ? 54  LEU A CA  1 
ATOM   424  C  C   . LEU A 1 54  ? -10.241 -8.702  11.497  1.00 34.86  ? 54  LEU A C   1 
ATOM   425  O  O   . LEU A 1 54  ? -11.110 -7.936  11.882  1.00 38.10  ? 54  LEU A O   1 
ATOM   426  C  CB  . LEU A 1 54  ? -7.977  -7.848  10.782  1.00 36.89  ? 54  LEU A CB  1 
ATOM   427  C  CG  . LEU A 1 54  ? -6.538  -7.434  11.148  1.00 47.41  ? 54  LEU A CG  1 
ATOM   428  C  CD1 . LEU A 1 54  ? -5.881  -6.800  9.945   1.00 26.97  ? 54  LEU A CD1 1 
ATOM   429  C  CD2 . LEU A 1 54  ? -6.516  -6.459  12.337  1.00 42.99  ? 54  LEU A CD2 1 
ATOM   430  N  N   . SER A 1 55  ? -10.513 -9.757  10.728  1.00 42.74  ? 55  SER A N   1 
ATOM   431  C  CA  . SER A 1 55  ? -11.878 -10.029 10.255  1.00 43.05  ? 55  SER A CA  1 
ATOM   432  C  C   . SER A 1 55  ? -12.889 -10.236 11.377  1.00 38.79  ? 55  SER A C   1 
ATOM   433  O  O   . SER A 1 55  ? -14.089 -10.019 11.190  1.00 44.01  ? 55  SER A O   1 
ATOM   434  C  CB  . SER A 1 55  ? -11.913 -11.251 9.334   1.00 37.03  ? 55  SER A CB  1 
ATOM   435  O  OG  . SER A 1 55  ? -11.713 -12.434 10.083  1.00 63.13  ? 55  SER A OG  1 
ATOM   436  N  N   . SER A 1 56  ? -12.422 -10.672 12.537  1.00 37.24  ? 56  SER A N   1 
ATOM   437  C  CA  . SER A 1 56  ? -13.348 -10.865 13.641  1.00 41.46  ? 56  SER A CA  1 
ATOM   438  C  C   . SER A 1 56  ? -13.586 -9.511  14.306  1.00 44.12  ? 56  SER A C   1 
ATOM   439  O  O   . SER A 1 56  ? -14.447 -9.374  15.167  1.00 40.35  ? 56  SER A O   1 
ATOM   440  C  CB  . SER A 1 56  ? -12.802 -11.886 14.652  1.00 45.30  ? 56  SER A CB  1 
ATOM   441  O  OG  . SER A 1 56  ? -11.558 -11.476 15.193  1.00 56.11  ? 56  SER A OG  1 
ATOM   442  N  N   . ARG A 1 57  ? -12.831 -8.500  13.886  1.00 40.62  ? 57  ARG A N   1 
ATOM   443  C  CA  . ARG A 1 57  ? -12.991 -7.162  14.439  1.00 35.65  ? 57  ARG A CA  1 
ATOM   444  C  C   . ARG A 1 57  ? -13.753 -6.247  13.492  1.00 32.90  ? 57  ARG A C   1 
ATOM   445  O  O   . ARG A 1 57  ? -14.573 -5.442  13.923  1.00 40.26  ? 57  ARG A O   1 
ATOM   446  C  CB  . ARG A 1 57  ? -11.622 -6.537  14.747  1.00 34.48  ? 57  ARG A CB  1 
ATOM   447  C  CG  . ARG A 1 57  ? -11.077 -6.860  16.130  1.00 43.22  ? 57  ARG A CG  1 
ATOM   448  C  CD  . ARG A 1 57  ? -9.584  -6.566  16.253  1.00 37.29  ? 57  ARG A CD  1 
ATOM   449  N  NE  . ARG A 1 57  ? -9.262  -5.155  16.075  1.00 50.80  ? 57  ARG A NE  1 
ATOM   450  C  CZ  . ARG A 1 57  ? -8.025  -4.669  16.008  1.00 50.32  ? 57  ARG A CZ  1 
ATOM   451  N  NH1 . ARG A 1 57  ? -6.984  -5.487  16.105  1.00 37.38  ? 57  ARG A NH1 1 
ATOM   452  N  NH2 . ARG A 1 57  ? -7.827  -3.365  15.838  1.00 44.87  ? 57  ARG A NH2 1 
ATOM   453  N  N   . TYR A 1 58  ? -13.490 -6.385  12.201  1.00 36.90  ? 58  TYR A N   1 
ATOM   454  C  CA  . TYR A 1 58  ? -14.112 -5.531  11.201  1.00 32.84  ? 58  TYR A CA  1 
ATOM   455  C  C   . TYR A 1 58  ? -14.673 -6.323  10.029  1.00 33.97  ? 58  TYR A C   1 
ATOM   456  O  O   . TYR A 1 58  ? -14.103 -7.332  9.622   1.00 40.32  ? 58  TYR A O   1 
ATOM   457  C  CB  . TYR A 1 58  ? -13.072 -4.549  10.673  1.00 31.33  ? 58  TYR A CB  1 
ATOM   458  C  CG  . TYR A 1 58  ? -12.281 -3.861  11.756  1.00 29.50  ? 58  TYR A CG  1 
ATOM   459  C  CD1 . TYR A 1 58  ? -12.871 -2.907  12.565  1.00 25.36  ? 58  TYR A CD1 1 
ATOM   460  C  CD2 . TYR A 1 58  ? -10.942 -4.163  11.974  1.00 31.69  ? 58  TYR A CD2 1 
ATOM   461  C  CE1 . TYR A 1 58  ? -12.149 -2.271  13.564  1.00 34.03  ? 58  TYR A CE1 1 
ATOM   462  C  CE2 . TYR A 1 58  ? -10.205 -3.527  12.978  1.00 25.30  ? 58  TYR A CE2 1 
ATOM   463  C  CZ  . TYR A 1 58  ? -10.813 -2.587  13.765  1.00 31.92  ? 58  TYR A CZ  1 
ATOM   464  O  OH  . TYR A 1 58  ? -10.120 -1.950  14.766  1.00 33.13  ? 58  TYR A OH  1 
ATOM   465  N  N   . GLU A 1 59  ? -15.788 -5.846  9.491   1.00 29.67  ? 59  GLU A N   1 
ATOM   466  C  CA  . GLU A 1 59  ? -16.433 -6.465  8.350   1.00 28.17  ? 59  GLU A CA  1 
ATOM   467  C  C   . GLU A 1 59  ? -15.789 -5.875  7.096   1.00 31.97  ? 59  GLU A C   1 
ATOM   468  O  O   . GLU A 1 59  ? -16.220 -4.826  6.606   1.00 34.79  ? 59  GLU A O   1 
ATOM   469  C  CB  . GLU A 1 59  ? -17.914 -6.120  8.355   1.00 40.63  ? 59  GLU A CB  1 
ATOM   470  C  CG  . GLU A 1 59  ? -18.776 -6.962  7.449   1.00 54.35  ? 59  GLU A CG  1 
ATOM   471  C  CD  . GLU A 1 59  ? -19.343 -8.165  8.174   1.00 76.72  ? 59  GLU A CD  1 
ATOM   472  O  OE1 . GLU A 1 59  ? -18.546 -9.064  8.533   1.00 81.10  ? 59  GLU A OE1 1 
ATOM   473  O  OE2 . GLU A 1 59  ? -20.581 -8.205  8.395   1.00 77.79  ? 59  GLU A OE2 1 
ATOM   474  N  N   . ALA A 1 60  ? -14.743 -6.530  6.596   1.00 33.02  ? 60  ALA A N   1 
ATOM   475  C  CA  . ALA A 1 60  ? -14.033 -6.083  5.396   1.00 30.27  ? 60  ALA A CA  1 
ATOM   476  C  C   . ALA A 1 60  ? -13.386 -7.310  4.783   1.00 31.33  ? 60  ALA A C   1 
ATOM   477  O  O   . ALA A 1 60  ? -13.371 -8.367  5.396   1.00 41.88  ? 60  ALA A O   1 
ATOM   478  C  CB  . ALA A 1 60  ? -12.969 -5.043  5.757   1.00 20.88  ? 60  ALA A CB  1 
ATOM   479  N  N   . GLU A 1 61  ? -12.861 -7.175  3.576   1.00 28.08  ? 61  GLU A N   1 
ATOM   480  C  CA  . GLU A 1 61  ? -12.229 -8.294  2.895   1.00 27.12  ? 61  GLU A CA  1 
ATOM   481  C  C   . GLU A 1 61  ? -10.734 -8.389  3.253   1.00 29.67  ? 61  GLU A C   1 
ATOM   482  O  O   . GLU A 1 61  ? -9.929  -7.580  2.796   1.00 35.15  ? 61  GLU A O   1 
ATOM   483  C  CB  . GLU A 1 61  ? -12.423 -8.111  1.383   1.00 39.36  ? 61  GLU A CB  1 
ATOM   484  C  CG  . GLU A 1 61  ? -11.805 -9.186  0.493   1.00 57.92  ? 61  GLU A CG  1 
ATOM   485  C  CD  . GLU A 1 61  ? -12.817 -10.214 -0.004  1.00 62.26  ? 61  GLU A CD  1 
ATOM   486  O  OE1 . GLU A 1 61  ? -13.459 -10.869 0.841   1.00 69.32  ? 61  GLU A OE1 1 
ATOM   487  O  OE2 . GLU A 1 61  ? -12.960 -10.367 -1.237  1.00 60.08  ? 61  GLU A OE2 1 
ATOM   488  N  N   . PHE A 1 62  ? -10.371 -9.364  4.084   1.00 30.22  ? 62  PHE A N   1 
ATOM   489  C  CA  . PHE A 1 62  ? -8.978  -9.557  4.475   1.00 28.82  ? 62  PHE A CA  1 
ATOM   490  C  C   . PHE A 1 62  ? -8.403  -10.778 3.795   1.00 35.65  ? 62  PHE A C   1 
ATOM   491  O  O   . PHE A 1 62  ? -8.908  -11.886 3.960   1.00 38.99  ? 62  PHE A O   1 
ATOM   492  C  CB  . PHE A 1 62  ? -8.837  -9.720  5.990   1.00 27.48  ? 62  PHE A CB  1 
ATOM   493  C  CG  . PHE A 1 62  ? -9.227  -8.505  6.763   1.00 33.18  ? 62  PHE A CG  1 
ATOM   494  C  CD1 . PHE A 1 62  ? -10.462 -8.446  7.404   1.00 33.50  ? 62  PHE A CD1 1 
ATOM   495  C  CD2 . PHE A 1 62  ? -8.386  -7.402  6.816   1.00 23.39  ? 62  PHE A CD2 1 
ATOM   496  C  CE1 . PHE A 1 62  ? -10.860 -7.310  8.097   1.00 25.13  ? 62  PHE A CE1 1 
ATOM   497  C  CE2 . PHE A 1 62  ? -8.772  -6.256  7.506   1.00 40.57  ? 62  PHE A CE2 1 
ATOM   498  C  CZ  . PHE A 1 62  ? -10.022 -6.209  8.147   1.00 35.87  ? 62  PHE A CZ  1 
ATOM   499  N  N   . ILE A 1 63  ? -7.337  -10.572 3.033   1.00 34.95  ? 63  ILE A N   1 
ATOM   500  C  CA  . ILE A 1 63  ? -6.699  -11.663 2.312   1.00 40.02  ? 63  ILE A CA  1 
ATOM   501  C  C   . ILE A 1 63  ? -5.221  -11.801 2.716   1.00 41.44  ? 63  ILE A C   1 
ATOM   502  O  O   . ILE A 1 63  ? -4.701  -10.995 3.489   1.00 38.22  ? 63  ILE A O   1 
ATOM   503  C  CB  . ILE A 1 63  ? -6.829  -11.432 0.783   1.00 33.15  ? 63  ILE A CB  1 
ATOM   504  C  CG1 . ILE A 1 63  ? -6.091  -10.153 0.367   1.00 33.90  ? 63  ILE A CG1 1 
ATOM   505  C  CG2 . ILE A 1 63  ? -8.305  -11.290 0.415   1.00 31.22  ? 63  ILE A CG2 1 
ATOM   506  C  CD1 . ILE A 1 63  ? -6.021  -9.946  -1.135  1.00 27.80  ? 63  ILE A CD1 1 
ATOM   507  N  N   . TRP A 1 64  ? -4.555  -12.822 2.187   1.00 36.71  ? 64  TRP A N   1 
ATOM   508  C  CA  . TRP A 1 64  ? -3.157  -13.072 2.499   1.00 39.80  ? 64  TRP A CA  1 
ATOM   509  C  C   . TRP A 1 64  ? -2.531  -13.892 1.372   1.00 40.13  ? 64  TRP A C   1 
ATOM   510  O  O   . TRP A 1 64  ? -3.254  -14.486 0.571   1.00 42.44  ? 64  TRP A O   1 
ATOM   511  C  CB  . TRP A 1 64  ? -3.062  -13.825 3.830   1.00 29.95  ? 64  TRP A CB  1 
ATOM   512  C  CG  . TRP A 1 64  ? -3.720  -15.184 3.806   1.00 46.17  ? 64  TRP A CG  1 
ATOM   513  C  CD1 . TRP A 1 64  ? -3.151  -16.366 3.416   1.00 51.70  ? 64  TRP A CD1 1 
ATOM   514  C  CD2 . TRP A 1 64  ? -5.082  -15.493 4.142   1.00 36.56  ? 64  TRP A CD2 1 
ATOM   515  N  NE1 . TRP A 1 64  ? -4.070  -17.388 3.489   1.00 43.37  ? 64  TRP A NE1 1 
ATOM   516  C  CE2 . TRP A 1 64  ? -5.263  -16.878 3.933   1.00 40.99  ? 64  TRP A CE2 1 
ATOM   517  C  CE3 . TRP A 1 64  ? -6.164  -14.733 4.601   1.00 35.69  ? 64  TRP A CE3 1 
ATOM   518  C  CZ2 . TRP A 1 64  ? -6.477  -17.520 4.160   1.00 39.10  ? 64  TRP A CZ2 1 
ATOM   519  C  CZ3 . TRP A 1 64  ? -7.379  -15.371 4.831   1.00 43.83  ? 64  TRP A CZ3 1 
ATOM   520  C  CH2 . TRP A 1 64  ? -7.523  -16.756 4.611   1.00 41.78  ? 64  TRP A CH2 1 
ATOM   521  N  N   . ASP A 1 65  ? -1.198  -13.912 1.298   1.00 45.27  ? 65  ASP A N   1 
ATOM   522  C  CA  . ASP A 1 65  ? -0.493  -14.675 0.265   1.00 44.60  ? 65  ASP A CA  1 
ATOM   523  C  C   . ASP A 1 65  ? -0.728  -16.168 0.494   1.00 47.50  ? 65  ASP A C   1 
ATOM   524  O  O   . ASP A 1 65  ? -0.335  -16.713 1.527   1.00 41.64  ? 65  ASP A O   1 
ATOM   525  C  CB  . ASP A 1 65  ? 1.009   -14.381 0.309   1.00 42.26  ? 65  ASP A CB  1 
ATOM   526  C  CG  . ASP A 1 65  ? 1.750   -14.919 -0.917  1.00 54.94  ? 65  ASP A CG  1 
ATOM   527  O  OD1 . ASP A 1 65  ? 1.551   -14.372 -2.026  1.00 59.44  ? 65  ASP A OD1 1 
ATOM   528  O  OD2 . ASP A 1 65  ? 2.523   -15.888 -0.776  1.00 45.89  ? 65  ASP A OD2 1 
ATOM   529  N  N   . LEU A 1 66  ? -1.358  -16.819 -0.483  1.00 50.58  ? 66  LEU A N   1 
ATOM   530  C  CA  . LEU A 1 66  ? -1.686  -18.244 -0.399  1.00 52.33  ? 66  LEU A CA  1 
ATOM   531  C  C   . LEU A 1 66  ? -0.498  -19.116 -0.013  1.00 51.39  ? 66  LEU A C   1 
ATOM   532  O  O   . LEU A 1 66  ? -0.641  -20.053 0.772   1.00 53.67  ? 66  LEU A O   1 
ATOM   533  C  CB  . LEU A 1 66  ? -2.253  -18.751 -1.733  1.00 53.29  ? 66  LEU A CB  1 
ATOM   534  C  CG  . LEU A 1 66  ? -3.423  -19.751 -1.675  1.00 70.50  ? 66  LEU A CG  1 
ATOM   535  C  CD1 . LEU A 1 66  ? -3.647  -20.353 -3.070  1.00 67.61  ? 66  LEU A CD1 1 
ATOM   536  C  CD2 . LEU A 1 66  ? -3.142  -20.865 -0.672  1.00 68.18  ? 66  LEU A CD2 1 
ATOM   537  N  N   . HIS A 1 67  ? 0.672   -18.821 -0.568  1.00 47.43  ? 67  HIS A N   1 
ATOM   538  C  CA  . HIS A 1 67  ? 1.840   -19.621 -0.250  1.00 58.23  ? 67  HIS A CA  1 
ATOM   539  C  C   . HIS A 1 67  ? 2.749   -18.975 0.791   1.00 60.59  ? 67  HIS A C   1 
ATOM   540  O  O   . HIS A 1 67  ? 3.976   -18.957 0.663   1.00 61.58  ? 67  HIS A O   1 
ATOM   541  C  CB  . HIS A 1 67  ? 2.608   -19.965 -1.530  1.00 70.38  ? 67  HIS A CB  1 
ATOM   542  C  CG  . HIS A 1 67  ? 1.818   -20.802 -2.491  1.00 81.20  ? 67  HIS A CG  1 
ATOM   543  N  ND1 . HIS A 1 67  ? 1.117   -21.922 -2.100  1.00 79.41  ? 67  HIS A ND1 1 
ATOM   544  C  CD2 . HIS A 1 67  ? 1.617   -20.679 -3.826  1.00 84.21  ? 67  HIS A CD2 1 
ATOM   545  C  CE1 . HIS A 1 67  ? 0.517   -22.454 -3.151  1.00 81.73  ? 67  HIS A CE1 1 
ATOM   546  N  NE2 . HIS A 1 67  ? 0.805   -21.720 -4.211  1.00 83.59  ? 67  HIS A NE2 1 
ATOM   547  N  N   . LYS A 1 68  ? 2.109   -18.448 1.828   1.00 57.57  ? 68  LYS A N   1 
ATOM   548  C  CA  . LYS A 1 68  ? 2.783   -17.821 2.950   1.00 53.23  ? 68  LYS A CA  1 
ATOM   549  C  C   . LYS A 1 68  ? 4.017   -16.988 2.592   1.00 53.12  ? 68  LYS A C   1 
ATOM   550  O  O   . LYS A 1 68  ? 5.083   -17.157 3.187   1.00 53.66  ? 68  LYS A O   1 
ATOM   551  C  CB  . LYS A 1 68  ? 3.150   -18.903 3.975   1.00 48.48  ? 68  LYS A CB  1 
ATOM   552  C  CG  . LYS A 1 68  ? 2.061   -19.963 4.164   1.00 57.12  ? 68  LYS A CG  1 
ATOM   553  C  CD  . LYS A 1 68  ? 2.242   -20.757 5.459   1.00 67.27  ? 68  LYS A CD  1 
ATOM   554  C  CE  . LYS A 1 68  ? 1.560   -20.073 6.659   1.00 73.13  ? 68  LYS A CE  1 
ATOM   555  N  NZ  . LYS A 1 68  ? 1.993   -18.654 6.903   1.00 61.38  ? 68  LYS A NZ  1 
ATOM   556  N  N   . GLY A 1 69  ? 3.873   -16.092 1.619   1.00 51.34  ? 69  GLY A N   1 
ATOM   557  C  CA  . GLY A 1 69  ? 4.982   -15.232 1.237   1.00 49.74  ? 69  GLY A CA  1 
ATOM   558  C  C   . GLY A 1 69  ? 5.106   -14.099 2.249   1.00 53.17  ? 69  GLY A C   1 
ATOM   559  O  O   . GLY A 1 69  ? 4.104   -13.664 2.817   1.00 52.09  ? 69  GLY A O   1 
ATOM   560  N  N   . VAL A 1 70  ? 6.321   -13.610 2.478   1.00 52.02  ? 70  VAL A N   1 
ATOM   561  C  CA  . VAL A 1 70  ? 6.531   -12.537 3.451   1.00 48.71  ? 70  VAL A CA  1 
ATOM   562  C  C   . VAL A 1 70  ? 7.040   -11.223 2.839   1.00 50.16  ? 70  VAL A C   1 
ATOM   563  O  O   . VAL A 1 70  ? 7.858   -11.230 1.918   1.00 46.25  ? 70  VAL A O   1 
ATOM   564  C  CB  . VAL A 1 70  ? 7.533   -12.982 4.549   1.00 55.09  ? 70  VAL A CB  1 
ATOM   565  C  CG1 . VAL A 1 70  ? 7.528   -11.980 5.689   1.00 51.36  ? 70  VAL A CG1 1 
ATOM   566  C  CG2 . VAL A 1 70  ? 7.177   -14.377 5.059   1.00 54.82  ? 70  VAL A CG2 1 
ATOM   567  N  N   . GLY A 1 71  ? 6.551   -10.096 3.358   1.00 44.33  ? 71  GLY A N   1 
ATOM   568  C  CA  . GLY A 1 71  ? 6.986   -8.796  2.866   1.00 42.56  ? 71  GLY A CA  1 
ATOM   569  C  C   . GLY A 1 71  ? 6.006   -8.086  1.948   1.00 40.25  ? 71  GLY A C   1 
ATOM   570  O  O   . GLY A 1 71  ? 4.898   -8.561  1.729   1.00 38.52  ? 71  GLY A O   1 
ATOM   571  N  N   . SER A 1 72  ? 6.424   -6.954  1.394   1.00 35.72  ? 72  SER A N   1 
ATOM   572  C  CA  . SER A 1 72  ? 5.574   -6.169  0.512   1.00 39.21  ? 72  SER A CA  1 
ATOM   573  C  C   . SER A 1 72  ? 5.291   -6.847  -0.827  1.00 37.19  ? 72  SER A C   1 
ATOM   574  O  O   . SER A 1 72  ? 4.152   -6.857  -1.294  1.00 37.40  ? 72  SER A O   1 
ATOM   575  C  CB  . SER A 1 72  ? 6.207   -4.800  0.280   1.00 41.30  ? 72  SER A CB  1 
ATOM   576  O  OG  . SER A 1 72  ? 6.374   -4.127  1.511   1.00 52.02  ? 72  SER A OG  1 
ATOM   577  N  N   . ILE A 1 73  ? 6.333   -7.399  -1.443  1.00 38.59  ? 73  ILE A N   1 
ATOM   578  C  CA  . ILE A 1 73  ? 6.201   -8.089  -2.723  1.00 35.93  ? 73  ILE A CA  1 
ATOM   579  C  C   . ILE A 1 73  ? 5.163   -9.216  -2.644  1.00 37.74  ? 73  ILE A C   1 
ATOM   580  O  O   . ILE A 1 73  ? 4.421   -9.455  -3.594  1.00 35.10  ? 73  ILE A O   1 
ATOM   581  C  CB  . ILE A 1 73  ? 7.540   -8.714  -3.164  1.00 36.02  ? 73  ILE A CB  1 
ATOM   582  C  CG1 . ILE A 1 73  ? 8.623   -7.643  -3.272  1.00 40.94  ? 73  ILE A CG1 1 
ATOM   583  C  CG2 . ILE A 1 73  ? 7.374   -9.390  -4.509  1.00 30.21  ? 73  ILE A CG2 1 
ATOM   584  C  CD1 . ILE A 1 73  ? 10.002  -8.216  -3.611  1.00 29.17  ? 73  ILE A CD1 1 
ATOM   585  N  N   . ALA A 1 74  ? 5.119   -9.907  -1.510  1.00 29.03  ? 74  ALA A N   1 
ATOM   586  C  CA  . ALA A 1 74  ? 4.180   -11.002 -1.327  1.00 31.51  ? 74  ALA A CA  1 
ATOM   587  C  C   . ALA A 1 74  ? 2.765   -10.472 -1.158  1.00 35.28  ? 74  ALA A C   1 
ATOM   588  O  O   . ALA A 1 74  ? 1.793   -11.136 -1.523  1.00 36.14  ? 74  ALA A O   1 
ATOM   589  C  CB  . ALA A 1 74  ? 4.577   -11.828 -0.113  1.00 23.99  ? 74  ALA A CB  1 
ATOM   590  N  N   . GLY A 1 75  ? 2.666   -9.271  -0.595  1.00 34.57  ? 75  GLY A N   1 
ATOM   591  C  CA  . GLY A 1 75  ? 1.378   -8.648  -0.371  1.00 35.26  ? 75  GLY A CA  1 
ATOM   592  C  C   . GLY A 1 75  ? 0.791   -8.126  -1.667  1.00 33.19  ? 75  GLY A C   1 
ATOM   593  O  O   . GLY A 1 75  ? -0.401  -8.280  -1.907  1.00 32.35  ? 75  GLY A O   1 
ATOM   594  N  N   . ILE A 1 76  ? 1.626   -7.504  -2.496  1.00 29.57  ? 76  ILE A N   1 
ATOM   595  C  CA  . ILE A 1 76  ? 1.174   -6.976  -3.777  1.00 26.61  ? 76  ILE A CA  1 
ATOM   596  C  C   . ILE A 1 76  ? 0.772   -8.150  -4.663  1.00 34.24  ? 76  ILE A C   1 
ATOM   597  O  O   . ILE A 1 76  ? -0.305  -8.152  -5.269  1.00 39.26  ? 76  ILE A O   1 
ATOM   598  C  CB  . ILE A 1 76  ? 2.291   -6.161  -4.461  1.00 26.49  ? 76  ILE A CB  1 
ATOM   599  C  CG1 . ILE A 1 76  ? 2.582   -4.905  -3.639  1.00 29.92  ? 76  ILE A CG1 1 
ATOM   600  C  CG2 . ILE A 1 76  ? 1.880   -5.770  -5.877  1.00 25.56  ? 76  ILE A CG2 1 
ATOM   601  C  CD1 . ILE A 1 76  ? 3.828   -4.149  -4.093  1.00 30.33  ? 76  ILE A CD1 1 
ATOM   602  N  N   . HIS A 1 77  ? 1.637   -9.159  -4.717  1.00 29.76  ? 77  HIS A N   1 
ATOM   603  C  CA  . HIS A 1 77  ? 1.384   -10.361 -5.503  1.00 35.00  ? 77  HIS A CA  1 
ATOM   604  C  C   . HIS A 1 77  ? 0.045   -10.975 -5.113  1.00 34.40  ? 77  HIS A C   1 
ATOM   605  O  O   . HIS A 1 77  ? -0.747  -11.349 -5.973  1.00 30.94  ? 77  HIS A O   1 
ATOM   606  C  CB  . HIS A 1 77  ? 2.510   -11.383 -5.274  1.00 45.35  ? 77  HIS A CB  1 
ATOM   607  C  CG  . HIS A 1 77  ? 2.251   -12.726 -5.886  1.00 29.44  ? 77  HIS A CG  1 
ATOM   608  N  ND1 . HIS A 1 77  ? 1.773   -13.796 -5.160  1.00 28.06  ? 77  HIS A ND1 1 
ATOM   609  C  CD2 . HIS A 1 77  ? 2.385   -13.166 -7.162  1.00 26.85  ? 77  HIS A CD2 1 
ATOM   610  C  CE1 . HIS A 1 77  ? 1.624   -14.838 -5.961  1.00 28.34  ? 77  HIS A CE1 1 
ATOM   611  N  NE2 . HIS A 1 77  ? 1.988   -14.482 -7.181  1.00 30.10  ? 77  HIS A NE2 1 
ATOM   612  N  N   . ALA A 1 78  ? -0.194  -11.068 -3.810  1.00 32.71  ? 78  ALA A N   1 
ATOM   613  C  CA  . ALA A 1 78  ? -1.434  -11.630 -3.299  1.00 28.42  ? 78  ALA A CA  1 
ATOM   614  C  C   . ALA A 1 78  ? -2.638  -10.871 -3.849  1.00 30.16  ? 78  ALA A C   1 
ATOM   615  O  O   . ALA A 1 78  ? -3.627  -11.476 -4.272  1.00 29.55  ? 78  ALA A O   1 
ATOM   616  C  CB  . ALA A 1 78  ? -1.440  -11.584 -1.770  1.00 25.51  ? 78  ALA A CB  1 
ATOM   617  N  N   . ALA A 1 79  ? -2.564  -9.546  -3.835  1.00 22.98  ? 79  ALA A N   1 
ATOM   618  C  CA  . ALA A 1 79  ? -3.667  -8.734  -4.345  1.00 29.20  ? 79  ALA A CA  1 
ATOM   619  C  C   . ALA A 1 79  ? -3.864  -8.964  -5.845  1.00 24.36  ? 79  ALA A C   1 
ATOM   620  O  O   . ALA A 1 79  ? -4.989  -9.076  -6.312  1.00 29.35  ? 79  ALA A O   1 
ATOM   621  C  CB  . ALA A 1 79  ? -3.409  -7.247  -4.063  1.00 21.96  ? 79  ALA A CB  1 
ATOM   622  N  N   . LEU A 1 80  ? -2.775  -9.031  -6.604  1.00 29.26  ? 80  LEU A N   1 
ATOM   623  C  CA  . LEU A 1 80  ? -2.906  -9.260  -8.033  1.00 23.76  ? 80  LEU A CA  1 
ATOM   624  C  C   . LEU A 1 80  ? -3.553  -10.610 -8.323  1.00 32.32  ? 80  LEU A C   1 
ATOM   625  O  O   . LEU A 1 80  ? -4.376  -10.724 -9.236  1.00 32.94  ? 80  LEU A O   1 
ATOM   626  C  CB  . LEU A 1 80  ? -1.546  -9.168  -8.723  1.00 28.95  ? 80  LEU A CB  1 
ATOM   627  C  CG  . LEU A 1 80  ? -0.925  -7.770  -8.640  1.00 28.04  ? 80  LEU A CG  1 
ATOM   628  C  CD1 . LEU A 1 80  ? 0.415   -7.781  -9.326  1.00 30.15  ? 80  LEU A CD1 1 
ATOM   629  C  CD2 . LEU A 1 80  ? -1.844  -6.735  -9.279  1.00 28.36  ? 80  LEU A CD2 1 
ATOM   630  N  N   . ARG A 1 81  ? -3.195  -11.632 -7.544  1.00 28.56  ? 81  ARG A N   1 
ATOM   631  C  CA  . ARG A 1 81  ? -3.765  -12.967 -7.739  1.00 28.85  ? 81  ARG A CA  1 
ATOM   632  C  C   . ARG A 1 81  ? -5.219  -13.028 -7.263  1.00 24.47  ? 81  ARG A C   1 
ATOM   633  O  O   . ARG A 1 81  ? -5.980  -13.899 -7.678  1.00 34.99  ? 81  ARG A O   1 
ATOM   634  C  CB  . ARG A 1 81  ? -2.941  -14.024 -6.987  1.00 37.64  ? 81  ARG A CB  1 
ATOM   635  C  CG  . ARG A 1 81  ? -1.510  -14.185 -7.468  1.00 32.33  ? 81  ARG A CG  1 
ATOM   636  C  CD  . ARG A 1 81  ? -1.433  -14.555 -8.940  1.00 31.99  ? 81  ARG A CD  1 
ATOM   637  N  NE  . ARG A 1 81  ? -0.056  -14.824 -9.362  1.00 42.86  ? 81  ARG A NE  1 
ATOM   638  C  CZ  . ARG A 1 81  ? 0.351   -14.863 -10.629 1.00 43.31  ? 81  ARG A CZ  1 
ATOM   639  N  NH1 . ARG A 1 81  ? -0.507  -14.649 -11.620 1.00 42.29  ? 81  ARG A NH1 1 
ATOM   640  N  NH2 . ARG A 1 81  ? 1.618   -15.122 -10.912 1.00 44.18  ? 81  ARG A NH2 1 
ATOM   641  N  N   . HIS A 1 82  ? -5.600  -12.099 -6.396  1.00 29.16  ? 82  HIS A N   1 
ATOM   642  C  CA  . HIS A 1 82  ? -6.957  -12.055 -5.870  1.00 27.83  ? 82  HIS A CA  1 
ATOM   643  C  C   . HIS A 1 82  ? -7.977  -11.431 -6.816  1.00 28.02  ? 82  HIS A C   1 
ATOM   644  O  O   . HIS A 1 82  ? -9.018  -12.026 -7.082  1.00 28.68  ? 82  HIS A O   1 
ATOM   645  C  CB  . HIS A 1 82  ? -6.989  -11.291 -4.548  1.00 34.12  ? 82  HIS A CB  1 
ATOM   646  C  CG  . HIS A 1 82  ? -8.360  -11.162 -3.970  1.00 30.44  ? 82  HIS A CG  1 
ATOM   647  N  ND1 . HIS A 1 82  ? -9.068  -12.244 -3.487  1.00 37.24  ? 82  HIS A ND1 1 
ATOM   648  C  CD2 . HIS A 1 82  ? -9.181  -10.094 -3.852  1.00 24.60  ? 82  HIS A CD2 1 
ATOM   649  C  CE1 . HIS A 1 82  ? -10.263 -11.846 -3.101  1.00 29.19  ? 82  HIS A CE1 1 
ATOM   650  N  NE2 . HIS A 1 82  ? -10.359 -10.544 -3.311  1.00 28.75  ? 82  HIS A NE2 1 
ATOM   651  N  N   . PHE A 1 83  ? -7.693  -10.229 -7.309  1.00 28.50  ? 83  PHE A N   1 
ATOM   652  C  CA  . PHE A 1 83  ? -8.632  -9.575  -8.202  1.00 28.94  ? 83  PHE A CA  1 
ATOM   653  C  C   . PHE A 1 83  ? -8.041  -8.786  -9.367  1.00 28.41  ? 83  PHE A C   1 
ATOM   654  O  O   . PHE A 1 83  ? -8.729  -7.968  -9.976  1.00 37.60  ? 83  PHE A O   1 
ATOM   655  C  CB  . PHE A 1 83  ? -9.609  -8.693  -7.399  1.00 32.77  ? 83  PHE A CB  1 
ATOM   656  C  CG  . PHE A 1 83  ? -8.959  -7.577  -6.607  1.00 30.43  ? 83  PHE A CG  1 
ATOM   657  C  CD1 . PHE A 1 83  ? -7.598  -7.322  -6.693  1.00 29.42  ? 83  PHE A CD1 1 
ATOM   658  C  CD2 . PHE A 1 83  ? -9.737  -6.770  -5.773  1.00 25.49  ? 83  PHE A CD2 1 
ATOM   659  C  CE1 . PHE A 1 83  ? -7.024  -6.277  -5.963  1.00 30.21  ? 83  PHE A CE1 1 
ATOM   660  C  CE2 . PHE A 1 83  ? -9.169  -5.723  -5.039  1.00 30.36  ? 83  PHE A CE2 1 
ATOM   661  C  CZ  . PHE A 1 83  ? -7.813  -5.481  -5.133  1.00 27.92  ? 83  PHE A CZ  1 
ATOM   662  N  N   . GLY A 1 84  ? -6.777  -9.039  -9.689  1.00 29.83  ? 84  GLY A N   1 
ATOM   663  C  CA  . GLY A 1 84  ? -6.145  -8.359  -10.807 1.00 27.35  ? 84  GLY A CA  1 
ATOM   664  C  C   . GLY A 1 84  ? -5.484  -7.018  -10.532 1.00 33.04  ? 84  GLY A C   1 
ATOM   665  O  O   . GLY A 1 84  ? -4.947  -6.789  -9.447  1.00 32.41  ? 84  GLY A O   1 
ATOM   666  N  N   . SER A 1 85  ? -5.525  -6.137  -11.532 1.00 33.91  ? 85  SER A N   1 
ATOM   667  C  CA  . SER A 1 85  ? -4.927  -4.810  -11.440 1.00 34.37  ? 85  SER A CA  1 
ATOM   668  C  C   . SER A 1 85  ? -5.551  -4.016  -10.308 1.00 36.13  ? 85  SER A C   1 
ATOM   669  O  O   . SER A 1 85  ? -6.741  -4.153  -10.013 1.00 41.05  ? 85  SER A O   1 
ATOM   670  C  CB  . SER A 1 85  ? -5.094  -4.045  -12.761 1.00 28.99  ? 85  SER A CB  1 
ATOM   671  O  OG  . SER A 1 85  ? -6.429  -3.595  -12.953 1.00 31.89  ? 85  SER A OG  1 
ATOM   672  N  N   . CYS A 1 86  ? -4.737  -3.181  -9.678  1.00 34.63  ? 86  CYS A N   1 
ATOM   673  C  CA  . CYS A 1 86  ? -5.195  -2.365  -8.565  1.00 31.87  ? 86  CYS A CA  1 
ATOM   674  C  C   . CYS A 1 86  ? -4.118  -1.363  -8.242  1.00 31.71  ? 86  CYS A C   1 
ATOM   675  O  O   . CYS A 1 86  ? -3.052  -1.377  -8.844  1.00 33.64  ? 86  CYS A O   1 
ATOM   676  C  CB  . CYS A 1 86  ? -5.404  -3.238  -7.331  1.00 23.05  ? 86  CYS A CB  1 
ATOM   677  S  SG  . CYS A 1 86  ? -3.876  -4.077  -6.790  1.00 33.84  ? 86  CYS A SG  1 
ATOM   678  N  N   . VAL A 1 87  ? -4.417  -0.493  -7.287  1.00 38.96  ? 87  VAL A N   1 
ATOM   679  C  CA  . VAL A 1 87  ? -3.458  0.484   -6.810  1.00 40.14  ? 87  VAL A CA  1 
ATOM   680  C  C   . VAL A 1 87  ? -3.164  0.001   -5.401  1.00 36.60  ? 87  VAL A C   1 
ATOM   681  O  O   . VAL A 1 87  ? -4.076  -0.426  -4.689  1.00 36.12  ? 87  VAL A O   1 
ATOM   682  C  CB  . VAL A 1 87  ? -4.041  1.919   -6.769  1.00 45.01  ? 87  VAL A CB  1 
ATOM   683  C  CG1 . VAL A 1 87  ? -4.065  2.506   -8.167  1.00 43.96  ? 87  VAL A CG1 1 
ATOM   684  C  CG2 . VAL A 1 87  ? -5.441  1.894   -6.181  1.00 46.56  ? 87  VAL A CG2 1 
ATOM   685  N  N   . VAL A 1 88  ? -1.890  0.037   -5.017  1.00 33.87  ? 88  VAL A N   1 
ATOM   686  C  CA  . VAL A 1 88  ? -1.468  -0.414  -3.698  1.00 29.83  ? 88  VAL A CA  1 
ATOM   687  C  C   . VAL A 1 88  ? -1.224  0.780   -2.794  1.00 32.46  ? 88  VAL A C   1 
ATOM   688  O  O   . VAL A 1 88  ? -0.755  1.824   -3.232  1.00 37.82  ? 88  VAL A O   1 
ATOM   689  C  CB  . VAL A 1 88  ? -0.177  -1.266  -3.787  1.00 37.27  ? 88  VAL A CB  1 
ATOM   690  C  CG1 . VAL A 1 88  ? 0.288   -1.672  -2.393  1.00 36.05  ? 88  VAL A CG1 1 
ATOM   691  C  CG2 . VAL A 1 88  ? -0.435  -2.505  -4.634  1.00 28.59  ? 88  VAL A CG2 1 
ATOM   692  N  N   . ALA A 1 89  ? -1.571  0.622   -1.530  1.00 36.61  ? 89  ALA A N   1 
ATOM   693  C  CA  . ALA A 1 89  ? -1.378  1.674   -0.560  1.00 42.06  ? 89  ALA A CA  1 
ATOM   694  C  C   . ALA A 1 89  ? -1.028  0.972   0.740   1.00 46.12  ? 89  ALA A C   1 
ATOM   695  O  O   . ALA A 1 89  ? -1.719  0.046   1.161   1.00 50.44  ? 89  ALA A O   1 
ATOM   696  C  CB  . ALA A 1 89  ? -2.641  2.485   -0.403  1.00 30.89  ? 89  ALA A CB  1 
ATOM   697  N  N   . ALA A 1 90  ? 0.061   1.391   1.367   1.00 44.71  ? 90  ALA A N   1 
ATOM   698  C  CA  . ALA A 1 90  ? 0.455   0.778   2.617   1.00 39.94  ? 90  ALA A CA  1 
ATOM   699  C  C   . ALA A 1 90  ? -0.227  1.507   3.765   1.00 40.99  ? 90  ALA A C   1 
ATOM   700  O  O   . ALA A 1 90  ? -0.505  2.705   3.680   1.00 44.03  ? 90  ALA A O   1 
ATOM   701  C  CB  . ALA A 1 90  ? 1.954   0.832   2.765   1.00 31.44  ? 90  ALA A CB  1 
ATOM   702  N  N   . ILE A 1 91  ? -0.510  0.767   4.828   1.00 31.28  ? 91  ILE A N   1 
ATOM   703  C  CA  . ILE A 1 91  ? -1.139  1.324   6.009   1.00 34.51  ? 91  ILE A CA  1 
ATOM   704  C  C   . ILE A 1 91  ? -0.207  2.359   6.629   1.00 38.09  ? 91  ILE A C   1 
ATOM   705  O  O   . ILE A 1 91  ? -0.652  3.223   7.376   1.00 42.44  ? 91  ILE A O   1 
ATOM   706  C  CB  . ILE A 1 91  ? -1.412  0.222   7.046   1.00 31.86  ? 91  ILE A CB  1 
ATOM   707  C  CG1 . ILE A 1 91  ? -2.275  0.769   8.175   1.00 34.64  ? 91  ILE A CG1 1 
ATOM   708  C  CG2 . ILE A 1 91  ? -0.094  -0.290  7.611   1.00 33.20  ? 91  ILE A CG2 1 
ATOM   709  C  CD1 . ILE A 1 91  ? -2.825  -0.307  9.102   1.00 27.90  ? 91  ILE A CD1 1 
ATOM   710  N  N   . ASP A 1 92  ? 1.083   2.258   6.313   1.00 40.83  ? 92  ASP A N   1 
ATOM   711  C  CA  . ASP A 1 92  ? 2.091   3.173   6.837   1.00 43.57  ? 92  ASP A CA  1 
ATOM   712  C  C   . ASP A 1 92  ? 1.830   4.612   6.405   1.00 43.19  ? 92  ASP A C   1 
ATOM   713  O  O   . ASP A 1 92  ? 2.367   5.549   6.995   1.00 49.93  ? 92  ASP A O   1 
ATOM   714  C  CB  . ASP A 1 92  ? 3.491   2.759   6.373   1.00 47.20  ? 92  ASP A CB  1 
ATOM   715  C  CG  . ASP A 1 92  ? 3.818   1.313   6.704   1.00 55.68  ? 92  ASP A CG  1 
ATOM   716  O  OD1 . ASP A 1 92  ? 3.119   0.403   6.201   1.00 55.90  ? 92  ASP A OD1 1 
ATOM   717  O  OD2 . ASP A 1 92  ? 4.783   1.079   7.463   1.00 61.00  ? 92  ASP A OD2 1 
HETATM 718  N  N   . MSE A 1 93  ? 1.020   4.784   5.369   1.00 38.19  ? 93  MSE A N   1 
HETATM 719  C  CA  . MSE A 1 93  ? 0.671   6.110   4.867   1.00 40.39  ? 93  MSE A CA  1 
HETATM 720  C  C   . MSE A 1 93  ? -0.822  6.334   5.144   1.00 36.83  ? 93  MSE A C   1 
HETATM 721  O  O   . MSE A 1 93  ? -1.670  6.010   4.315   1.00 39.90  ? 93  MSE A O   1 
HETATM 722  C  CB  . MSE A 1 93  ? 0.964   6.181   3.362   1.00 33.01  ? 93  MSE A CB  1 
HETATM 723  C  CG  . MSE A 1 93  ? 2.450   6.184   3.028   1.00 38.88  ? 93  MSE A CG  1 
HETATM 724  SE SE  . MSE A 1 93  ? 2.884   5.964   1.145   1.00 55.12  ? 93  MSE A SE  1 
HETATM 725  C  CE  . MSE A 1 93  ? 3.336   4.075   1.152   1.00 44.57  ? 93  MSE A CE  1 
ATOM   726  N  N   . PRO A 1 94  ? -1.159  6.885   6.320   1.00 31.00  ? 94  PRO A N   1 
ATOM   727  C  CA  . PRO A 1 94  ? -2.551  7.137   6.702   1.00 37.51  ? 94  PRO A CA  1 
ATOM   728  C  C   . PRO A 1 94  ? -3.197  8.391   6.123   1.00 42.26  ? 94  PRO A C   1 
ATOM   729  O  O   . PRO A 1 94  ? -4.407  8.567   6.247   1.00 38.79  ? 94  PRO A O   1 
ATOM   730  C  CB  . PRO A 1 94  ? -2.469  7.215   8.213   1.00 31.17  ? 94  PRO A CB  1 
ATOM   731  C  CG  . PRO A 1 94  ? -1.202  7.976   8.386   1.00 31.37  ? 94  PRO A CG  1 
ATOM   732  C  CD  . PRO A 1 94  ? -0.260  7.245   7.430   1.00 32.75  ? 94  PRO A CD  1 
ATOM   733  N  N   . PHE A 1 95  ? -2.402  9.257   5.499   1.00 38.92  ? 95  PHE A N   1 
ATOM   734  C  CA  . PHE A 1 95  ? -2.934  10.494  4.938   1.00 34.04  ? 95  PHE A CA  1 
ATOM   735  C  C   . PHE A 1 95  ? -3.101  10.477  3.432   1.00 42.58  ? 95  PHE A C   1 
ATOM   736  O  O   . PHE A 1 95  ? -3.284  11.530  2.825   1.00 42.13  ? 95  PHE A O   1 
ATOM   737  C  CB  . PHE A 1 95  ? -2.038  11.668  5.325   1.00 42.14  ? 95  PHE A CB  1 
ATOM   738  C  CG  . PHE A 1 95  ? -1.826  11.794  6.796   1.00 43.24  ? 95  PHE A CG  1 
ATOM   739  C  CD1 . PHE A 1 95  ? -2.916  11.850  7.661   1.00 41.94  ? 95  PHE A CD1 1 
ATOM   740  C  CD2 . PHE A 1 95  ? -0.542  11.833  7.324   1.00 44.37  ? 95  PHE A CD2 1 
ATOM   741  C  CE1 . PHE A 1 95  ? -2.732  11.952  9.035   1.00 45.54  ? 95  PHE A CE1 1 
ATOM   742  C  CE2 . PHE A 1 95  ? -0.343  11.936  8.693   1.00 50.45  ? 95  PHE A CE2 1 
ATOM   743  C  CZ  . PHE A 1 95  ? -1.443  11.991  9.553   1.00 54.43  ? 95  PHE A CZ  1 
ATOM   744  N  N   . VAL A 1 96  ? -3.043  9.293   2.829   1.00 38.59  ? 96  VAL A N   1 
ATOM   745  C  CA  . VAL A 1 96  ? -3.185  9.188   1.388   1.00 34.78  ? 96  VAL A CA  1 
ATOM   746  C  C   . VAL A 1 96  ? -4.478  9.813   0.907   1.00 38.97  ? 96  VAL A C   1 
ATOM   747  O  O   . VAL A 1 96  ? -5.529  9.632   1.516   1.00 36.92  ? 96  VAL A O   1 
ATOM   748  C  CB  . VAL A 1 96  ? -3.154  7.733   0.915   1.00 37.68  ? 96  VAL A CB  1 
ATOM   749  C  CG1 . VAL A 1 96  ? -3.543  7.668   -0.554  1.00 32.62  ? 96  VAL A CG1 1 
ATOM   750  C  CG2 . VAL A 1 96  ? -1.762  7.150   1.117   1.00 33.35  ? 96  VAL A CG2 1 
ATOM   751  N  N   . LYS A 1 97  ? -4.386  10.558  -0.190  1.00 39.77  ? 97  LYS A N   1 
ATOM   752  C  CA  . LYS A 1 97  ? -5.550  11.204  -0.773  1.00 43.84  ? 97  LYS A CA  1 
ATOM   753  C  C   . LYS A 1 97  ? -6.147  10.359  -1.889  1.00 43.86  ? 97  LYS A C   1 
ATOM   754  O  O   . LYS A 1 97  ? -5.474  10.022  -2.863  1.00 41.43  ? 97  LYS A O   1 
ATOM   755  C  CB  . LYS A 1 97  ? -5.188  12.600  -1.287  1.00 42.49  ? 97  LYS A CB  1 
ATOM   756  C  CG  . LYS A 1 97  ? -5.329  13.661  -0.208  1.00 36.35  ? 97  LYS A CG  1 
ATOM   757  C  CD  . LYS A 1 97  ? -5.128  15.069  -0.728  1.00 47.10  ? 97  LYS A CD  1 
ATOM   758  C  CE  . LYS A 1 97  ? -5.971  16.064  0.081   1.00 64.60  ? 97  LYS A CE  1 
ATOM   759  N  NZ  . LYS A 1 97  ? -5.809  15.893  1.569   1.00 66.09  ? 97  LYS A NZ  1 
ATOM   760  N  N   . PRO A 1 98  ? -7.430  9.998   -1.749  1.00 48.33  ? 98  PRO A N   1 
ATOM   761  C  CA  . PRO A 1 98  ? -8.143  9.182   -2.736  1.00 42.14  ? 98  PRO A CA  1 
ATOM   762  C  C   . PRO A 1 98  ? -8.020  9.743   -4.147  1.00 41.59  ? 98  PRO A C   1 
ATOM   763  O  O   . PRO A 1 98  ? -7.981  8.986   -5.114  1.00 45.81  ? 98  PRO A O   1 
ATOM   764  C  CB  . PRO A 1 98  ? -9.580  9.196   -2.217  1.00 43.98  ? 98  PRO A CB  1 
ATOM   765  C  CG  . PRO A 1 98  ? -9.388  9.265   -0.723  1.00 45.04  ? 98  PRO A CG  1 
ATOM   766  C  CD  . PRO A 1 98  ? -8.312  10.333  -0.614  1.00 42.05  ? 98  PRO A CD  1 
ATOM   767  N  N   . GLU A 1 99  ? -7.951  11.065  -4.256  1.00 34.54  ? 99  GLU A N   1 
ATOM   768  C  CA  . GLU A 1 99  ? -7.823  11.696  -5.557  1.00 39.94  ? 99  GLU A CA  1 
ATOM   769  C  C   . GLU A 1 99  ? -6.517  11.246  -6.192  1.00 40.00  ? 99  GLU A C   1 
ATOM   770  O  O   . GLU A 1 99  ? -6.466  10.987  -7.394  1.00 40.18  ? 99  GLU A O   1 
ATOM   771  C  CB  . GLU A 1 99  ? -7.819  13.226  -5.444  1.00 46.28  ? 99  GLU A CB  1 
ATOM   772  C  CG  . GLU A 1 99  ? -8.873  13.832  -4.500  1.00 69.40  ? 99  GLU A CG  1 
ATOM   773  C  CD  . GLU A 1 99  ? -8.481  13.718  -3.024  1.00 75.57  ? 99  GLU A CD  1 
ATOM   774  O  OE1 . GLU A 1 99  ? -8.714  12.647  -2.419  1.00 68.18  ? 99  GLU A OE1 1 
ATOM   775  O  OE2 . GLU A 1 99  ? -7.924  14.701  -2.478  1.00 80.56  ? 99  GLU A OE2 1 
ATOM   776  N  N   . VAL A 1 100 ? -5.463  11.163  -5.377  1.00 34.96  ? 100 VAL A N   1 
ATOM   777  C  CA  . VAL A 1 100 ? -4.143  10.738  -5.854  1.00 40.84  ? 100 VAL A CA  1 
ATOM   778  C  C   . VAL A 1 100 ? -4.233  9.308   -6.382  1.00 40.39  ? 100 VAL A C   1 
ATOM   779  O  O   . VAL A 1 100 ? -3.764  9.007   -7.487  1.00 44.35  ? 100 VAL A O   1 
ATOM   780  C  CB  . VAL A 1 100 ? -3.058  10.800  -4.729  1.00 39.55  ? 100 VAL A CB  1 
ATOM   781  C  CG1 . VAL A 1 100 ? -1.745  10.210  -5.237  1.00 41.10  ? 100 VAL A CG1 1 
ATOM   782  C  CG2 . VAL A 1 100 ? -2.832  12.242  -4.289  1.00 28.47  ? 100 VAL A CG2 1 
ATOM   783  N  N   . LEU A 1 101 ? -4.867  8.433   -5.605  1.00 39.25  ? 101 LEU A N   1 
ATOM   784  C  CA  . LEU A 1 101 ? -5.016  7.034   -6.001  1.00 41.18  ? 101 LEU A CA  1 
ATOM   785  C  C   . LEU A 1 101 ? -5.824  6.899   -7.278  1.00 42.51  ? 101 LEU A C   1 
ATOM   786  O  O   . LEU A 1 101 ? -5.430  6.187   -8.204  1.00 42.73  ? 101 LEU A O   1 
ATOM   787  C  CB  . LEU A 1 101 ? -5.680  6.227   -4.880  1.00 40.87  ? 101 LEU A CB  1 
ATOM   788  C  CG  . LEU A 1 101 ? -4.743  5.755   -3.759  1.00 41.89  ? 101 LEU A CG  1 
ATOM   789  C  CD1 . LEU A 1 101 ? -5.546  5.154   -2.625  1.00 42.07  ? 101 LEU A CD1 1 
ATOM   790  C  CD2 . LEU A 1 101 ? -3.764  4.729   -4.318  1.00 46.66  ? 101 LEU A CD2 1 
ATOM   791  N  N   . GLU A 1 102 ? -6.960  7.582   -7.320  1.00 44.63  ? 102 GLU A N   1 
ATOM   792  C  CA  . GLU A 1 102 ? -7.827  7.539   -8.487  1.00 41.60  ? 102 GLU A CA  1 
ATOM   793  C  C   . GLU A 1 102 ? -7.005  7.894   -9.732  1.00 31.33  ? 102 GLU A C   1 
ATOM   794  O  O   . GLU A 1 102 ? -7.083  7.222   -10.760 1.00 38.88  ? 102 GLU A O   1 
ATOM   795  C  CB  . GLU A 1 102 ? -8.988  8.524   -8.306  1.00 39.06  ? 102 GLU A CB  1 
ATOM   796  C  CG  . GLU A 1 102 ? -10.303 8.026   -8.877  1.00 60.40  ? 102 GLU A CG  1 
ATOM   797  C  CD  . GLU A 1 102 ? -11.307 7.621   -7.806  1.00 65.79  ? 102 GLU A CD  1 
ATOM   798  O  OE1 . GLU A 1 102 ? -12.086 6.669   -8.053  1.00 66.32  ? 102 GLU A OE1 1 
ATOM   799  O  OE2 . GLU A 1 102 ? -11.332 8.264   -6.728  1.00 66.22  ? 102 GLU A OE2 1 
ATOM   800  N  N   . HIS A 1 103 ? -6.200  8.944   -9.631  1.00 36.19  ? 103 HIS A N   1 
ATOM   801  C  CA  . HIS A 1 103 ? -5.372  9.358   -10.754 1.00 34.48  ? 103 HIS A CA  1 
ATOM   802  C  C   . HIS A 1 103 ? -4.395  8.248   -11.154 1.00 44.48  ? 103 HIS A C   1 
ATOM   803  O  O   . HIS A 1 103 ? -4.325  7.868   -12.322 1.00 42.38  ? 103 HIS A O   1 
ATOM   804  C  CB  . HIS A 1 103 ? -4.600  10.629  -10.397 1.00 38.91  ? 103 HIS A CB  1 
ATOM   805  C  CG  . HIS A 1 103 ? -3.772  11.169  -11.521 1.00 51.33  ? 103 HIS A CG  1 
ATOM   806  N  ND1 . HIS A 1 103 ? -4.320  11.606  -12.710 1.00 56.22  ? 103 HIS A ND1 1 
ATOM   807  C  CD2 . HIS A 1 103 ? -2.434  11.335  -11.641 1.00 50.29  ? 103 HIS A CD2 1 
ATOM   808  C  CE1 . HIS A 1 103 ? -3.355  12.013  -13.513 1.00 54.56  ? 103 HIS A CE1 1 
ATOM   809  N  NE2 . HIS A 1 103 ? -2.200  11.859  -12.889 1.00 55.76  ? 103 HIS A NE2 1 
ATOM   810  N  N   . LEU A 1 104 ? -3.652  7.725   -10.178 1.00 44.90  ? 104 LEU A N   1 
ATOM   811  C  CA  . LEU A 1 104 ? -2.684  6.664   -10.439 1.00 41.43  ? 104 LEU A CA  1 
ATOM   812  C  C   . LEU A 1 104 ? -3.295  5.468   -11.164 1.00 43.05  ? 104 LEU A C   1 
ATOM   813  O  O   . LEU A 1 104 ? -2.704  4.949   -12.113 1.00 44.88  ? 104 LEU A O   1 
ATOM   814  C  CB  . LEU A 1 104 ? -2.035  6.205   -9.126  1.00 37.84  ? 104 LEU A CB  1 
ATOM   815  C  CG  . LEU A 1 104 ? -1.094  7.221   -8.466  1.00 47.04  ? 104 LEU A CG  1 
ATOM   816  C  CD1 . LEU A 1 104 ? -0.529  6.666   -7.166  1.00 34.64  ? 104 LEU A CD1 1 
ATOM   817  C  CD2 . LEU A 1 104 ? 0.039   7.560   -9.441  1.00 37.19  ? 104 LEU A CD2 1 
ATOM   818  N  N   . TYR A 1 105 ? -4.475  5.038   -10.722 1.00 40.92  ? 105 TYR A N   1 
ATOM   819  C  CA  . TYR A 1 105 ? -5.161  3.896   -11.324 1.00 40.87  ? 105 TYR A CA  1 
ATOM   820  C  C   . TYR A 1 105 ? -5.535  4.161   -12.773 1.00 46.93  ? 105 TYR A C   1 
ATOM   821  O  O   . TYR A 1 105 ? -5.232  3.367   -13.668 1.00 43.65  ? 105 TYR A O   1 
ATOM   822  C  CB  . TYR A 1 105 ? -6.434  3.565   -10.553 1.00 40.65  ? 105 TYR A CB  1 
ATOM   823  C  CG  . TYR A 1 105 ? -7.020  2.229   -10.925 1.00 43.92  ? 105 TYR A CG  1 
ATOM   824  C  CD1 . TYR A 1 105 ? -6.386  1.050   -10.553 1.00 40.73  ? 105 TYR A CD1 1 
ATOM   825  C  CD2 . TYR A 1 105 ? -8.204  2.140   -11.657 1.00 49.75  ? 105 TYR A CD2 1 
ATOM   826  C  CE1 . TYR A 1 105 ? -6.913  -0.190  -10.897 1.00 48.23  ? 105 TYR A CE1 1 
ATOM   827  C  CE2 . TYR A 1 105 ? -8.747  0.900   -12.011 1.00 44.59  ? 105 TYR A CE2 1 
ATOM   828  C  CZ  . TYR A 1 105 ? -8.093  -0.263  -11.625 1.00 52.85  ? 105 TYR A CZ  1 
ATOM   829  O  OH  . TYR A 1 105 ? -8.602  -1.501  -11.959 1.00 45.07  ? 105 TYR A OH  1 
ATOM   830  N  N   . LYS A 1 106 ? -6.205  5.284   -12.995 1.00 46.79  ? 106 LYS A N   1 
ATOM   831  C  CA  . LYS A 1 106 ? -6.640  5.671   -14.332 1.00 47.02  ? 106 LYS A CA  1 
ATOM   832  C  C   . LYS A 1 106 ? -5.435  5.769   -15.259 1.00 48.49  ? 106 LYS A C   1 
ATOM   833  O  O   . LYS A 1 106 ? -5.411  5.156   -16.325 1.00 51.50  ? 106 LYS A O   1 
ATOM   834  C  CB  . LYS A 1 106 ? -7.368  7.019   -14.268 1.00 46.79  ? 106 LYS A CB  1 
ATOM   835  C  CG  . LYS A 1 106 ? -8.050  7.421   -15.560 1.00 56.74  ? 106 LYS A CG  1 
ATOM   836  C  CD  . LYS A 1 106 ? -8.600  8.842   -15.474 1.00 69.54  ? 106 LYS A CD  1 
ATOM   837  C  CE  . LYS A 1 106 ? -7.469  9.875   -15.419 1.00 78.32  ? 106 LYS A CE  1 
ATOM   838  N  NZ  . LYS A 1 106 ? -7.977  11.282  -15.424 1.00 84.10  ? 106 LYS A NZ  1 
ATOM   839  N  N   . GLU A 1 107 ? -4.432  6.538   -14.842 1.00 46.65  ? 107 GLU A N   1 
ATOM   840  C  CA  . GLU A 1 107 ? -3.228  6.714   -15.638 1.00 45.87  ? 107 GLU A CA  1 
ATOM   841  C  C   . GLU A 1 107 ? -2.512  5.393   -15.844 1.00 50.28  ? 107 GLU A C   1 
ATOM   842  O  O   . GLU A 1 107 ? -1.966  5.131   -16.916 1.00 52.09  ? 107 GLU A O   1 
ATOM   843  C  CB  . GLU A 1 107 ? -2.278  7.708   -14.970 1.00 54.41  ? 107 GLU A CB  1 
ATOM   844  C  CG  . GLU A 1 107 ? -2.658  9.165   -15.181 1.00 64.16  ? 107 GLU A CG  1 
ATOM   845  C  CD  . GLU A 1 107 ? -2.696  9.545   -16.655 1.00 62.08  ? 107 GLU A CD  1 
ATOM   846  O  OE1 . GLU A 1 107 ? -1.650  9.445   -17.328 1.00 48.60  ? 107 GLU A OE1 1 
ATOM   847  O  OE2 . GLU A 1 107 ? -3.778  9.940   -17.135 1.00 75.32  ? 107 GLU A OE2 1 
ATOM   848  N  N   . GLY A 1 108 ? -2.519  4.560   -14.812 1.00 49.62  ? 108 GLY A N   1 
ATOM   849  C  CA  . GLY A 1 108 ? -1.861  3.276   -14.910 1.00 42.84  ? 108 GLY A CA  1 
ATOM   850  C  C   . GLY A 1 108 ? -2.534  2.394   -15.938 1.00 46.29  ? 108 GLY A C   1 
ATOM   851  O  O   . GLY A 1 108 ? -1.865  1.813   -16.795 1.00 43.93  ? 108 GLY A O   1 
ATOM   852  N  N   . GLU A 1 109 ? -3.858  2.295   -15.850 1.00 40.07  ? 109 GLU A N   1 
ATOM   853  C  CA  . GLU A 1 109 ? -4.641  1.471   -16.769 1.00 47.70  ? 109 GLU A CA  1 
ATOM   854  C  C   . GLU A 1 109 ? -4.483  1.915   -18.220 1.00 55.71  ? 109 GLU A C   1 
ATOM   855  O  O   . GLU A 1 109 ? -4.222  1.097   -19.096 1.00 65.30  ? 109 GLU A O   1 
ATOM   856  C  CB  . GLU A 1 109 ? -6.128  1.502   -16.394 1.00 39.53  ? 109 GLU A CB  1 
ATOM   857  C  CG  . GLU A 1 109 ? -6.493  0.732   -15.132 1.00 40.35  ? 109 GLU A CG  1 
ATOM   858  C  CD  . GLU A 1 109 ? -6.778  -0.751  -15.379 1.00 56.08  ? 109 GLU A CD  1 
ATOM   859  O  OE1 . GLU A 1 109 ? -7.849  -1.079  -15.936 1.00 53.85  ? 109 GLU A OE1 1 
ATOM   860  O  OE2 . GLU A 1 109 ? -5.933  -1.598  -15.016 1.00 53.37  ? 109 GLU A OE2 1 
ATOM   861  N  N   . LYS A 1 110 ? -4.638  3.208   -18.479 1.00 55.87  ? 110 LYS A N   1 
ATOM   862  C  CA  . LYS A 1 110 ? -4.513  3.692   -19.845 1.00 59.91  ? 110 LYS A CA  1 
ATOM   863  C  C   . LYS A 1 110 ? -3.096  3.508   -20.378 1.00 60.43  ? 110 LYS A C   1 
ATOM   864  O  O   . LYS A 1 110 ? -2.910  3.087   -21.517 1.00 63.83  ? 110 LYS A O   1 
ATOM   865  C  CB  . LYS A 1 110 ? -4.923  5.167   -19.940 1.00 53.64  ? 110 LYS A CB  1 
ATOM   866  C  CG  . LYS A 1 110 ? -4.022  6.111   -19.177 1.00 73.91  ? 110 LYS A CG  1 
ATOM   867  C  CD  . LYS A 1 110 ? -4.295  7.572   -19.532 1.00 72.07  ? 110 LYS A CD  1 
ATOM   868  C  CE  . LYS A 1 110 ? -5.656  8.040   -19.047 1.00 76.63  ? 110 LYS A CE  1 
ATOM   869  N  NZ  . LYS A 1 110 ? -5.844  9.502   -19.273 1.00 73.84  ? 110 LYS A NZ  1 
ATOM   870  N  N   . ALA A 1 111 ? -2.101  3.802   -19.547 1.00 61.32  ? 111 ALA A N   1 
ATOM   871  C  CA  . ALA A 1 111 ? -0.696  3.691   -19.946 1.00 53.58  ? 111 ALA A CA  1 
ATOM   872  C  C   . ALA A 1 111 ? -0.287  2.325   -20.492 1.00 58.43  ? 111 ALA A C   1 
ATOM   873  O  O   . ALA A 1 111 ? 0.664   2.223   -21.269 1.00 47.85  ? 111 ALA A O   1 
ATOM   874  C  CB  . ALA A 1 111 ? 0.203   4.061   -18.774 1.00 58.26  ? 111 ALA A CB  1 
ATOM   875  N  N   . GLY A 1 112 ? -0.999  1.276   -20.086 1.00 59.02  ? 112 GLY A N   1 
ATOM   876  C  CA  . GLY A 1 112 ? -0.671  -0.065  -20.547 1.00 56.65  ? 112 GLY A CA  1 
ATOM   877  C  C   . GLY A 1 112 ? 0.742   -0.468  -20.150 1.00 58.40  ? 112 GLY A C   1 
ATOM   878  O  O   . GLY A 1 112 ? 1.588   -0.753  -21.000 1.00 63.15  ? 112 GLY A O   1 
ATOM   879  N  N   . CYS A 1 113 ? 0.992   -0.498  -18.846 1.00 51.40  ? 113 CYS A N   1 
ATOM   880  C  CA  . CYS A 1 113 ? 2.301   -0.839  -18.299 1.00 42.41  ? 113 CYS A CA  1 
ATOM   881  C  C   . CYS A 1 113 ? 2.103   -1.847  -17.183 1.00 40.15  ? 113 CYS A C   1 
ATOM   882  O  O   . CYS A 1 113 ? 0.984   -2.035  -16.722 1.00 31.68  ? 113 CYS A O   1 
ATOM   883  C  CB  . CYS A 1 113 ? 2.942   0.411   -17.712 1.00 41.69  ? 113 CYS A CB  1 
ATOM   884  S  SG  . CYS A 1 113 ? 1.876   1.184   -16.467 1.00 45.18  ? 113 CYS A SG  1 
ATOM   885  N  N   . ASP A 1 114 ? 3.179   -2.489  -16.733 1.00 40.13  ? 114 ASP A N   1 
ATOM   886  C  CA  . ASP A 1 114 ? 3.038   -3.450  -15.646 1.00 36.64  ? 114 ASP A CA  1 
ATOM   887  C  C   . ASP A 1 114 ? 2.835   -2.724  -14.313 1.00 28.33  ? 114 ASP A C   1 
ATOM   888  O  O   . ASP A 1 114 ? 2.152   -3.223  -13.424 1.00 34.39  ? 114 ASP A O   1 
ATOM   889  C  CB  . ASP A 1 114 ? 4.249   -4.377  -15.562 1.00 39.21  ? 114 ASP A CB  1 
ATOM   890  C  CG  . ASP A 1 114 ? 4.450   -5.181  -16.823 1.00 36.42  ? 114 ASP A CG  1 
ATOM   891  O  OD1 . ASP A 1 114 ? 3.470   -5.770  -17.324 1.00 36.41  ? 114 ASP A OD1 1 
ATOM   892  O  OD2 . ASP A 1 114 ? 5.595   -5.227  -17.306 1.00 45.28  ? 114 ASP A OD2 1 
ATOM   893  N  N   . ALA A 1 115 ? 3.423   -1.544  -14.177 1.00 28.87  ? 115 ALA A N   1 
ATOM   894  C  CA  . ALA A 1 115 ? 3.275   -0.760  -12.955 1.00 34.64  ? 115 ALA A CA  1 
ATOM   895  C  C   . ALA A 1 115 ? 3.551   0.718   -13.206 1.00 35.17  ? 115 ALA A C   1 
ATOM   896  O  O   . ALA A 1 115 ? 4.372   1.081   -14.051 1.00 34.41  ? 115 ALA A O   1 
ATOM   897  C  CB  . ALA A 1 115 ? 4.218   -1.294  -11.865 1.00 27.63  ? 115 ALA A CB  1 
ATOM   898  N  N   . LEU A 1 116 ? 2.837   1.562   -12.475 1.00 39.69  ? 116 LEU A N   1 
ATOM   899  C  CA  . LEU A 1 116 ? 2.995   3.007   -12.555 1.00 41.54  ? 116 LEU A CA  1 
ATOM   900  C  C   . LEU A 1 116 ? 3.339   3.408   -11.124 1.00 37.97  ? 116 LEU A C   1 
ATOM   901  O  O   . LEU A 1 116 ? 2.487   3.344   -10.234 1.00 34.09  ? 116 LEU A O   1 
ATOM   902  C  CB  . LEU A 1 116 ? 1.688   3.680   -12.988 1.00 45.14  ? 116 LEU A CB  1 
ATOM   903  C  CG  . LEU A 1 116 ? 1.747   5.215   -13.010 1.00 44.08  ? 116 LEU A CG  1 
ATOM   904  C  CD1 . LEU A 1 116 ? 2.481   5.650   -14.253 1.00 48.45  ? 116 LEU A CD1 1 
ATOM   905  C  CD2 . LEU A 1 116 ? 0.350   5.814   -12.990 1.00 55.48  ? 116 LEU A CD2 1 
ATOM   906  N  N   . ILE A 1 117 ? 4.587   3.815   -10.913 1.00 36.22  ? 117 ILE A N   1 
ATOM   907  C  CA  . ILE A 1 117 ? 5.082   4.158   -9.584  1.00 36.43  ? 117 ILE A CA  1 
ATOM   908  C  C   . ILE A 1 117 ? 5.549   5.601   -9.450  1.00 38.18  ? 117 ILE A C   1 
ATOM   909  O  O   . ILE A 1 117 ? 6.388   6.068   -10.222 1.00 40.31  ? 117 ILE A O   1 
ATOM   910  C  CB  . ILE A 1 117 ? 6.254   3.210   -9.212  1.00 37.80  ? 117 ILE A CB  1 
ATOM   911  C  CG1 . ILE A 1 117 ? 5.761   1.761   -9.263  1.00 36.49  ? 117 ILE A CG1 1 
ATOM   912  C  CG2 . ILE A 1 117 ? 6.808   3.556   -7.844  1.00 29.20  ? 117 ILE A CG2 1 
ATOM   913  C  CD1 . ILE A 1 117 ? 6.847   0.722   -9.068  1.00 32.82  ? 117 ILE A CD1 1 
ATOM   914  N  N   . PRO A 1 118 ? 5.008   6.330   -8.462  1.00 34.87  ? 118 PRO A N   1 
ATOM   915  C  CA  . PRO A 1 118 ? 5.367   7.730   -8.213  1.00 41.41  ? 118 PRO A CA  1 
ATOM   916  C  C   . PRO A 1 118 ? 6.855   7.857   -7.894  1.00 47.94  ? 118 PRO A C   1 
ATOM   917  O  O   . PRO A 1 118 ? 7.431   6.989   -7.235  1.00 45.92  ? 118 PRO A O   1 
ATOM   918  C  CB  . PRO A 1 118 ? 4.481   8.109   -7.025  1.00 40.26  ? 118 PRO A CB  1 
ATOM   919  C  CG  . PRO A 1 118 ? 3.276   7.225   -7.216  1.00 39.07  ? 118 PRO A CG  1 
ATOM   920  C  CD  . PRO A 1 118 ? 3.913   5.907   -7.575  1.00 33.04  ? 118 PRO A CD  1 
ATOM   921  N  N   . LYS A 1 119 ? 7.477   8.937   -8.358  1.00 48.11  ? 119 LYS A N   1 
ATOM   922  C  CA  . LYS A 1 119 ? 8.900   9.117   -8.123  1.00 48.33  ? 119 LYS A CA  1 
ATOM   923  C  C   . LYS A 1 119 ? 9.421   10.545  -8.195  1.00 49.83  ? 119 LYS A C   1 
ATOM   924  O  O   . LYS A 1 119 ? 9.082   11.301  -9.106  1.00 50.45  ? 119 LYS A O   1 
ATOM   925  C  CB  . LYS A 1 119 ? 9.689   8.263   -9.116  1.00 47.68  ? 119 LYS A CB  1 
ATOM   926  C  CG  . LYS A 1 119 ? 11.183  8.500   -9.078  1.00 54.05  ? 119 LYS A CG  1 
ATOM   927  C  CD  . LYS A 1 119 ? 11.897  7.733   -10.164 1.00 51.04  ? 119 LYS A CD  1 
ATOM   928  C  CE  . LYS A 1 119 ? 13.398  7.956   -10.063 1.00 63.10  ? 119 LYS A CE  1 
ATOM   929  N  NZ  . LYS A 1 119 ? 14.158  7.264   -11.149 1.00 78.13  ? 119 LYS A NZ  1 
ATOM   930  N  N   . HIS A 1 120 ? 10.248  10.899  -7.217  1.00 48.36  ? 120 HIS A N   1 
ATOM   931  C  CA  . HIS A 1 120 ? 10.899  12.202  -7.172  1.00 59.88  ? 120 HIS A CA  1 
ATOM   932  C  C   . HIS A 1 120 ? 12.348  11.859  -7.509  1.00 61.71  ? 120 HIS A C   1 
ATOM   933  O  O   . HIS A 1 120 ? 12.733  11.828  -8.681  1.00 70.01  ? 120 HIS A O   1 
ATOM   934  C  CB  . HIS A 1 120 ? 10.801  12.825  -5.778  1.00 60.86  ? 120 HIS A CB  1 
ATOM   935  C  CG  . HIS A 1 120 ? 10.886  11.835  -4.659  1.00 67.99  ? 120 HIS A CG  1 
ATOM   936  N  ND1 . HIS A 1 120 ? 9.824   11.037  -4.290  1.00 72.65  ? 120 HIS A ND1 1 
ATOM   937  C  CD2 . HIS A 1 120 ? 11.906  11.509  -3.830  1.00 70.28  ? 120 HIS A CD2 1 
ATOM   938  C  CE1 . HIS A 1 120 ? 10.186  10.264  -3.281  1.00 68.17  ? 120 HIS A CE1 1 
ATOM   939  N  NE2 . HIS A 1 120 ? 11.445  10.531  -2.983  1.00 69.08  ? 120 HIS A NE2 1 
ATOM   940  N  N   . ASP A 1 121 ? 13.148  11.590  -6.483  1.00 62.24  ? 121 ASP A N   1 
ATOM   941  C  CA  . ASP A 1 121 ? 14.536  11.190  -6.687  1.00 54.71  ? 121 ASP A CA  1 
ATOM   942  C  C   . ASP A 1 121 ? 14.537  9.671   -6.536  1.00 53.38  ? 121 ASP A C   1 
ATOM   943  O  O   . ASP A 1 121 ? 15.332  8.964   -7.155  1.00 49.93  ? 121 ASP A O   1 
ATOM   944  C  CB  . ASP A 1 121 ? 15.450  11.819  -5.625  1.00 67.97  ? 121 ASP A CB  1 
ATOM   945  C  CG  . ASP A 1 121 ? 15.751  13.287  -5.898  1.00 73.50  ? 121 ASP A CG  1 
ATOM   946  O  OD1 . ASP A 1 121 ? 16.360  13.591  -6.947  1.00 63.87  ? 121 ASP A OD1 1 
ATOM   947  O  OD2 . ASP A 1 121 ? 15.377  14.134  -5.057  1.00 84.19  ? 121 ASP A OD2 1 
ATOM   948  N  N   . TYR A 1 122 ? 13.617  9.188   -5.707  1.00 44.62  ? 122 TYR A N   1 
ATOM   949  C  CA  . TYR A 1 122 ? 13.472  7.768   -5.450  1.00 45.08  ? 122 TYR A CA  1 
ATOM   950  C  C   . TYR A 1 122 ? 12.006  7.372   -5.598  1.00 45.06  ? 122 TYR A C   1 
ATOM   951  O  O   . TYR A 1 122 ? 11.114  8.165   -5.291  1.00 43.51  ? 122 TYR A O   1 
ATOM   952  C  CB  . TYR A 1 122 ? 13.968  7.437   -4.046  1.00 44.67  ? 122 TYR A CB  1 
ATOM   953  C  CG  . TYR A 1 122 ? 15.429  7.754   -3.826  1.00 53.78  ? 122 TYR A CG  1 
ATOM   954  C  CD1 . TYR A 1 122 ? 15.845  9.042   -3.469  1.00 57.23  ? 122 TYR A CD1 1 
ATOM   955  C  CD2 . TYR A 1 122 ? 16.399  6.758   -3.955  1.00 56.30  ? 122 TYR A CD2 1 
ATOM   956  C  CE1 . TYR A 1 122 ? 17.195  9.325   -3.240  1.00 50.82  ? 122 TYR A CE1 1 
ATOM   957  C  CE2 . TYR A 1 122 ? 17.746  7.030   -3.730  1.00 61.49  ? 122 TYR A CE2 1 
ATOM   958  C  CZ  . TYR A 1 122 ? 18.139  8.310   -3.371  1.00 58.64  ? 122 TYR A CZ  1 
ATOM   959  O  OH  . TYR A 1 122 ? 19.473  8.554   -3.116  1.00 62.73  ? 122 TYR A OH  1 
ATOM   960  N  N   . PRO A 1 123 ? 11.738  6.135   -6.064  1.00 41.19  ? 123 PRO A N   1 
ATOM   961  C  CA  . PRO A 1 123 ? 10.372  5.644   -6.253  1.00 32.92  ? 123 PRO A CA  1 
ATOM   962  C  C   . PRO A 1 123 ? 9.692   5.261   -4.952  1.00 38.92  ? 123 PRO A C   1 
ATOM   963  O  O   . PRO A 1 123 ? 10.352  5.016   -3.946  1.00 43.20  ? 123 PRO A O   1 
ATOM   964  C  CB  . PRO A 1 123 ? 10.573  4.445   -7.163  1.00 40.65  ? 123 PRO A CB  1 
ATOM   965  C  CG  . PRO A 1 123 ? 11.868  3.883   -6.646  1.00 39.35  ? 123 PRO A CG  1 
ATOM   966  C  CD  . PRO A 1 123 ? 12.719  5.115   -6.481  1.00 39.60  ? 123 PRO A CD  1 
ATOM   967  N  N   . GLU A 1 124 ? 8.366   5.238   -4.971  1.00 35.72  ? 124 GLU A N   1 
ATOM   968  C  CA  . GLU A 1 124 ? 7.588   4.846   -3.804  1.00 28.21  ? 124 GLU A CA  1 
ATOM   969  C  C   . GLU A 1 124 ? 6.675   3.732   -4.281  1.00 31.03  ? 124 GLU A C   1 
ATOM   970  O  O   . GLU A 1 124 ? 5.547   3.983   -4.696  1.00 41.81  ? 124 GLU A O   1 
ATOM   971  C  CB  . GLU A 1 124 ? 6.761   6.011   -3.282  1.00 26.87  ? 124 GLU A CB  1 
ATOM   972  C  CG  . GLU A 1 124 ? 5.797   5.600   -2.196  1.00 24.27  ? 124 GLU A CG  1 
ATOM   973  C  CD  . GLU A 1 124 ? 6.439   4.711   -1.153  1.00 25.22  ? 124 GLU A CD  1 
ATOM   974  O  OE1 . GLU A 1 124 ? 6.589   3.500   -1.408  1.00 35.58  ? 124 GLU A OE1 1 
ATOM   975  O  OE2 . GLU A 1 124 ? 6.807   5.219   -0.075  1.00 36.10  ? 124 GLU A OE2 1 
ATOM   976  N  N   . PRO A 1 125 ? 7.157   2.478   -4.230  1.00 32.01  ? 125 PRO A N   1 
ATOM   977  C  CA  . PRO A 1 125 ? 6.426   1.282   -4.662  1.00 25.53  ? 125 PRO A CA  1 
ATOM   978  C  C   . PRO A 1 125 ? 5.162   0.899   -3.893  1.00 32.75  ? 125 PRO A C   1 
ATOM   979  O  O   . PRO A 1 125 ? 4.308   0.193   -4.433  1.00 28.70  ? 125 PRO A O   1 
ATOM   980  C  CB  . PRO A 1 125 ? 7.481   0.180   -4.572  1.00 30.18  ? 125 PRO A CB  1 
ATOM   981  C  CG  . PRO A 1 125 ? 8.788   0.916   -4.670  1.00 37.22  ? 125 PRO A CG  1 
ATOM   982  C  CD  . PRO A 1 125 ? 8.527   2.125   -3.816  1.00 31.78  ? 125 PRO A CD  1 
ATOM   983  N  N   . LEU A 1 126 ? 5.051   1.338   -2.642  1.00 27.26  ? 126 LEU A N   1 
ATOM   984  C  CA  . LEU A 1 126 ? 3.893   0.994   -1.834  1.00 31.81  ? 126 LEU A CA  1 
ATOM   985  C  C   . LEU A 1 126 ? 2.758   2.007   -1.950  1.00 35.47  ? 126 LEU A C   1 
ATOM   986  O  O   . LEU A 1 126 ? 1.883   2.091   -1.092  1.00 33.16  ? 126 LEU A O   1 
ATOM   987  C  CB  . LEU A 1 126 ? 4.310   0.804   -0.372  1.00 26.65  ? 126 LEU A CB  1 
ATOM   988  C  CG  . LEU A 1 126 ? 5.333   -0.318  -0.199  1.00 30.83  ? 126 LEU A CG  1 
ATOM   989  C  CD1 . LEU A 1 126 ? 5.529   -0.627  1.265   1.00 25.88  ? 126 LEU A CD1 1 
ATOM   990  C  CD2 . LEU A 1 126 ? 4.847   -1.561  -0.939  1.00 34.19  ? 126 LEU A CD2 1 
ATOM   991  N  N   . LEU A 1 127 ? 2.780   2.773   -3.031  1.00 35.60  ? 127 LEU A N   1 
ATOM   992  C  CA  . LEU A 1 127 ? 1.744   3.755   -3.304  1.00 31.73  ? 127 LEU A CA  1 
ATOM   993  C  C   . LEU A 1 127 ? 1.776   3.924   -4.817  1.00 33.94  ? 127 LEU A C   1 
ATOM   994  O  O   . LEU A 1 127 ? 2.145   4.977   -5.337  1.00 24.82  ? 127 LEU A O   1 
ATOM   995  C  CB  . LEU A 1 127 ? 2.053   5.069   -2.588  1.00 35.45  ? 127 LEU A CB  1 
ATOM   996  C  CG  . LEU A 1 127 ? 0.882   6.013   -2.290  1.00 34.22  ? 127 LEU A CG  1 
ATOM   997  C  CD1 . LEU A 1 127 ? 0.591   6.903   -3.459  1.00 43.67  ? 127 LEU A CD1 1 
ATOM   998  C  CD2 . LEU A 1 127 ? -0.339  5.186   -1.920  1.00 36.45  ? 127 LEU A CD2 1 
ATOM   999  N  N   . ALA A 1 128 ? 1.401   2.852   -5.516  1.00 33.96  ? 128 ALA A N   1 
ATOM   1000 C  CA  . ALA A 1 128 ? 1.398   2.840   -6.977  1.00 37.30  ? 128 ALA A CA  1 
ATOM   1001 C  C   . ALA A 1 128 ? 0.428   1.835   -7.598  1.00 30.74  ? 128 ALA A C   1 
ATOM   1002 O  O   . ALA A 1 128 ? -0.170  1.007   -6.915  1.00 33.14  ? 128 ALA A O   1 
ATOM   1003 C  CB  . ALA A 1 128 ? 2.806   2.565   -7.483  1.00 30.45  ? 128 ALA A CB  1 
ATOM   1004 N  N   . TYR A 1 129 ? 0.300   1.932   -8.916  1.00 33.88  ? 129 TYR A N   1 
ATOM   1005 C  CA  . TYR A 1 129 ? -0.558  1.065   -9.708  1.00 30.42  ? 129 TYR A CA  1 
ATOM   1006 C  C   . TYR A 1 129 ? 0.222   -0.160  -10.194 1.00 33.09  ? 129 TYR A C   1 
ATOM   1007 O  O   . TYR A 1 129 ? 1.367   -0.045  -10.643 1.00 32.31  ? 129 TYR A O   1 
ATOM   1008 C  CB  . TYR A 1 129 ? -1.084  1.842   -10.919 1.00 33.05  ? 129 TYR A CB  1 
ATOM   1009 C  CG  . TYR A 1 129 ? -1.674  0.966   -12.001 1.00 30.43  ? 129 TYR A CG  1 
ATOM   1010 C  CD1 . TYR A 1 129 ? -2.997  0.516   -11.935 1.00 26.26  ? 129 TYR A CD1 1 
ATOM   1011 C  CD2 . TYR A 1 129 ? -0.881  0.516   -13.055 1.00 26.07  ? 129 TYR A CD2 1 
ATOM   1012 C  CE1 . TYR A 1 129 ? -3.505  -0.370  -12.899 1.00 25.70  ? 129 TYR A CE1 1 
ATOM   1013 C  CE2 . TYR A 1 129 ? -1.379  -0.363  -14.008 1.00 27.77  ? 129 TYR A CE2 1 
ATOM   1014 C  CZ  . TYR A 1 129 ? -2.682  -0.801  -13.925 1.00 22.23  ? 129 TYR A CZ  1 
ATOM   1015 O  OH  . TYR A 1 129 ? -3.126  -1.691  -14.874 1.00 35.39  ? 129 TYR A OH  1 
ATOM   1016 N  N   . TYR A 1 130 ? -0.397  -1.331  -10.086 1.00 28.75  ? 130 TYR A N   1 
ATOM   1017 C  CA  . TYR A 1 130 ? 0.209   -2.576  -10.549 1.00 33.73  ? 130 TYR A CA  1 
ATOM   1018 C  C   . TYR A 1 130 ? -0.851  -3.303  -11.368 1.00 28.16  ? 130 TYR A C   1 
ATOM   1019 O  O   . TYR A 1 130 ? -2.008  -3.384  -10.959 1.00 22.48  ? 130 TYR A O   1 
ATOM   1020 C  CB  . TYR A 1 130 ? 0.653   -3.478  -9.373  1.00 33.94  ? 130 TYR A CB  1 
ATOM   1021 C  CG  . TYR A 1 130 ? 1.843   -2.965  -8.568  1.00 33.70  ? 130 TYR A CG  1 
ATOM   1022 C  CD1 . TYR A 1 130 ? 1.674   -2.058  -7.520  1.00 29.29  ? 130 TYR A CD1 1 
ATOM   1023 C  CD2 . TYR A 1 130 ? 3.147   -3.353  -8.887  1.00 35.32  ? 130 TYR A CD2 1 
ATOM   1024 C  CE1 . TYR A 1 130 ? 2.774   -1.549  -6.814  1.00 23.95  ? 130 TYR A CE1 1 
ATOM   1025 C  CE2 . TYR A 1 130 ? 4.246   -2.845  -8.190  1.00 24.63  ? 130 TYR A CE2 1 
ATOM   1026 C  CZ  . TYR A 1 130 ? 4.051   -1.946  -7.161  1.00 26.34  ? 130 TYR A CZ  1 
ATOM   1027 O  OH  . TYR A 1 130 ? 5.140   -1.424  -6.499  1.00 37.39  ? 130 TYR A OH  1 
ATOM   1028 N  N   . ALA A 1 131 ? -0.459  -3.800  -12.534 1.00 26.89  ? 131 ALA A N   1 
ATOM   1029 C  CA  . ALA A 1 131 ? -1.371  -4.537  -13.394 1.00 26.21  ? 131 ALA A CA  1 
ATOM   1030 C  C   . ALA A 1 131 ? -1.105  -6.015  -13.148 1.00 28.14  ? 131 ALA A C   1 
ATOM   1031 O  O   . ALA A 1 131 ? -0.054  -6.378  -12.622 1.00 33.83  ? 131 ALA A O   1 
ATOM   1032 C  CB  . ALA A 1 131 ? -1.117  -4.193  -14.859 1.00 25.77  ? 131 ALA A CB  1 
ATOM   1033 N  N   . GLU A 1 132 ? -2.058  -6.861  -13.523 1.00 34.37  ? 132 GLU A N   1 
ATOM   1034 C  CA  . GLU A 1 132 ? -1.932  -8.306  -13.354 1.00 28.76  ? 132 GLU A CA  1 
ATOM   1035 C  C   . GLU A 1 132 ? -0.699  -8.866  -14.050 1.00 32.25  ? 132 GLU A C   1 
ATOM   1036 O  O   . GLU A 1 132 ? -0.101  -9.845  -13.597 1.00 36.01  ? 132 GLU A O   1 
ATOM   1037 C  CB  . GLU A 1 132 ? -3.171  -8.993  -13.923 1.00 27.47  ? 132 GLU A CB  1 
ATOM   1038 C  CG  . GLU A 1 132 ? -3.120  -10.504 -13.898 1.00 29.16  ? 132 GLU A CG  1 
ATOM   1039 C  CD  . GLU A 1 132 ? -4.410  -11.132 -14.393 1.00 44.56  ? 132 GLU A CD  1 
ATOM   1040 O  OE1 . GLU A 1 132 ? -5.433  -11.031 -13.680 1.00 44.78  ? 132 GLU A OE1 1 
ATOM   1041 O  OE2 . GLU A 1 132 ? -4.409  -11.713 -15.506 1.00 43.54  ? 132 GLU A OE2 1 
ATOM   1042 N  N   . SER A 1 133 ? -0.326  -8.236  -15.157 1.00 38.39  ? 133 SER A N   1 
ATOM   1043 C  CA  . SER A 1 133 ? 0.815   -8.678  -15.954 1.00 38.52  ? 133 SER A CA  1 
ATOM   1044 C  C   . SER A 1 133 ? 2.154   -8.622  -15.215 1.00 37.55  ? 133 SER A C   1 
ATOM   1045 O  O   . SER A 1 133 ? 3.140   -9.212  -15.666 1.00 39.74  ? 133 SER A O   1 
ATOM   1046 C  CB  . SER A 1 133 ? 0.884   -7.855  -17.237 1.00 33.66  ? 133 SER A CB  1 
ATOM   1047 O  OG  . SER A 1 133 ? 0.847   -6.461  -16.964 1.00 43.07  ? 133 SER A OG  1 
ATOM   1048 N  N   . ALA A 1 134 ? 2.166   -7.929  -14.078 1.00 30.05  ? 134 ALA A N   1 
ATOM   1049 C  CA  . ALA A 1 134 ? 3.351   -7.781  -13.245 1.00 27.90  ? 134 ALA A CA  1 
ATOM   1050 C  C   . ALA A 1 134 ? 3.467   -8.879  -12.186 1.00 33.52  ? 134 ALA A C   1 
ATOM   1051 O  O   . ALA A 1 134 ? 4.511   -9.035  -11.564 1.00 35.62  ? 134 ALA A O   1 
ATOM   1052 C  CB  . ALA A 1 134 ? 3.321   -6.424  -12.567 1.00 34.71  ? 134 ALA A CB  1 
ATOM   1053 N  N   . ALA A 1 135 ? 2.397   -9.643  -11.988 1.00 28.83  ? 135 ALA A N   1 
ATOM   1054 C  CA  . ALA A 1 135 ? 2.379   -10.698 -10.975 1.00 32.78  ? 135 ALA A CA  1 
ATOM   1055 C  C   . ALA A 1 135 ? 3.422   -11.817 -11.092 1.00 35.86  ? 135 ALA A C   1 
ATOM   1056 O  O   . ALA A 1 135 ? 3.944   -12.275 -10.077 1.00 36.66  ? 135 ALA A O   1 
ATOM   1057 C  CB  . ALA A 1 135 ? 0.987   -11.311 -10.892 1.00 35.85  ? 135 ALA A CB  1 
ATOM   1058 N  N   . ASP A 1 136 ? 3.720   -12.267 -12.306 1.00 34.35  ? 136 ASP A N   1 
ATOM   1059 C  CA  . ASP A 1 136 ? 4.689   -13.340 -12.475 1.00 33.21  ? 136 ASP A CA  1 
ATOM   1060 C  C   . ASP A 1 136 ? 6.076   -12.973 -11.990 1.00 31.02  ? 136 ASP A C   1 
ATOM   1061 O  O   . ASP A 1 136 ? 6.714   -13.749 -11.285 1.00 32.55  ? 136 ASP A O   1 
ATOM   1062 C  CB  . ASP A 1 136 ? 4.776   -13.775 -13.940 1.00 44.49  ? 136 ASP A CB  1 
ATOM   1063 C  CG  . ASP A 1 136 ? 3.512   -14.446 -14.424 1.00 51.03  ? 136 ASP A CG  1 
ATOM   1064 O  OD1 . ASP A 1 136 ? 2.932   -15.242 -13.656 1.00 43.91  ? 136 ASP A OD1 1 
ATOM   1065 O  OD2 . ASP A 1 136 ? 3.102   -14.184 -15.578 1.00 58.00  ? 136 ASP A OD2 1 
ATOM   1066 N  N   . GLU A 1 137 ? 6.550   -11.797 -12.380 1.00 32.55  ? 137 GLU A N   1 
ATOM   1067 C  CA  . GLU A 1 137 ? 7.874   -11.357 -11.970 1.00 36.71  ? 137 GLU A CA  1 
ATOM   1068 C  C   . GLU A 1 137 ? 7.941   -11.175 -10.450 1.00 42.58  ? 137 GLU A C   1 
ATOM   1069 O  O   . GLU A 1 137 ? 8.972   -11.451 -9.827  1.00 46.29  ? 137 GLU A O   1 
ATOM   1070 C  CB  . GLU A 1 137 ? 8.246   -10.057 -12.688 1.00 39.80  ? 137 GLU A CB  1 
ATOM   1071 C  CG  . GLU A 1 137 ? 9.686   -10.032 -13.163 1.00 52.37  ? 137 GLU A CG  1 
ATOM   1072 C  CD  . GLU A 1 137 ? 10.072  -11.294 -13.924 1.00 54.01  ? 137 GLU A CD  1 
ATOM   1073 O  OE1 . GLU A 1 137 ? 9.419   -11.605 -14.952 1.00 57.25  ? 137 GLU A OE1 1 
ATOM   1074 O  OE2 . GLU A 1 137 ? 11.024  -11.977 -13.485 1.00 54.45  ? 137 GLU A OE2 1 
ATOM   1075 N  N   . LEU A 1 138 ? 6.842   -10.722 -9.854  1.00 34.32  ? 138 LEU A N   1 
ATOM   1076 C  CA  . LEU A 1 138 ? 6.786   -10.533 -8.408  1.00 34.93  ? 138 LEU A CA  1 
ATOM   1077 C  C   . LEU A 1 138 ? 6.803   -11.883 -7.710  1.00 33.32  ? 138 LEU A C   1 
ATOM   1078 O  O   . LEU A 1 138 ? 7.453   -12.051 -6.682  1.00 42.39  ? 138 LEU A O   1 
ATOM   1079 C  CB  . LEU A 1 138 ? 5.521   -9.762  -8.003  1.00 26.15  ? 138 LEU A CB  1 
ATOM   1080 C  CG  . LEU A 1 138 ? 5.433   -8.297  -8.445  1.00 32.25  ? 138 LEU A CG  1 
ATOM   1081 C  CD1 . LEU A 1 138 ? 4.166   -7.656  -7.883  1.00 28.59  ? 138 LEU A CD1 1 
ATOM   1082 C  CD2 . LEU A 1 138 ? 6.656   -7.545  -7.945  1.00 24.70  ? 138 LEU A CD2 1 
ATOM   1083 N  N   . GLU A 1 139 ? 6.089   -12.849 -8.275  1.00 38.31  ? 139 GLU A N   1 
ATOM   1084 C  CA  . GLU A 1 139 ? 6.028   -14.178 -7.687  1.00 37.10  ? 139 GLU A CA  1 
ATOM   1085 C  C   . GLU A 1 139 ? 7.363   -14.899 -7.789  1.00 41.29  ? 139 GLU A C   1 
ATOM   1086 O  O   . GLU A 1 139 ? 7.743   -15.628 -6.877  1.00 42.56  ? 139 GLU A O   1 
ATOM   1087 C  CB  . GLU A 1 139 ? 4.950   -15.007 -8.364  1.00 32.90  ? 139 GLU A CB  1 
ATOM   1088 C  CG  . GLU A 1 139 ? 4.872   -16.418 -7.849  1.00 31.05  ? 139 GLU A CG  1 
ATOM   1089 C  CD  . GLU A 1 139 ? 3.673   -17.141 -8.398  1.00 42.26  ? 139 GLU A CD  1 
ATOM   1090 O  OE1 . GLU A 1 139 ? 3.377   -16.974 -9.601  1.00 40.77  ? 139 GLU A OE1 1 
ATOM   1091 O  OE2 . GLU A 1 139 ? 3.025   -17.887 -7.634  1.00 54.18  ? 139 GLU A OE2 1 
ATOM   1092 N  N   . ARG A 1 140 ? 8.068   -14.704 -8.900  1.00 43.54  ? 140 ARG A N   1 
ATOM   1093 C  CA  . ARG A 1 140 ? 9.366   -15.343 -9.068  1.00 49.93  ? 140 ARG A CA  1 
ATOM   1094 C  C   . ARG A 1 140 ? 10.291  -14.823 -7.976  1.00 49.42  ? 140 ARG A C   1 
ATOM   1095 O  O   . ARG A 1 140 ? 11.044  -15.588 -7.369  1.00 47.59  ? 140 ARG A O   1 
ATOM   1096 C  CB  . ARG A 1 140 ? 9.961   -15.034 -10.444 1.00 44.17  ? 140 ARG A CB  1 
ATOM   1097 C  CG  . ARG A 1 140 ? 9.225   -15.701 -11.585 1.00 53.31  ? 140 ARG A CG  1 
ATOM   1098 C  CD  . ARG A 1 140 ? 9.997   -15.597 -12.891 1.00 53.51  ? 140 ARG A CD  1 
ATOM   1099 N  NE  . ARG A 1 140 ? 9.166   -16.020 -14.020 1.00 59.84  ? 140 ARG A NE  1 
ATOM   1100 C  CZ  . ARG A 1 140 ? 8.347   -15.215 -14.693 1.00 56.35  ? 140 ARG A CZ  1 
ATOM   1101 N  NH1 . ARG A 1 140 ? 8.253   -13.933 -14.365 1.00 53.87  ? 140 ARG A NH1 1 
ATOM   1102 N  NH2 . ARG A 1 140 ? 7.601   -15.697 -15.679 1.00 60.03  ? 140 ARG A NH2 1 
ATOM   1103 N  N   . ALA A 1 141 ? 10.208  -13.522 -7.710  1.00 42.53  ? 141 ALA A N   1 
ATOM   1104 C  CA  . ALA A 1 141 ? 11.036  -12.895 -6.683  1.00 42.80  ? 141 ALA A CA  1 
ATOM   1105 C  C   . ALA A 1 141 ? 10.761  -13.492 -5.304  1.00 36.25  ? 141 ALA A C   1 
ATOM   1106 O  O   . ALA A 1 141 ? 11.682  -13.721 -4.516  1.00 37.44  ? 141 ALA A O   1 
ATOM   1107 C  CB  . ALA A 1 141 ? 10.784  -11.392 -6.663  1.00 40.80  ? 141 ALA A CB  1 
ATOM   1108 N  N   . ILE A 1 142 ? 9.482   -13.736 -5.028  1.00 32.70  ? 142 ILE A N   1 
ATOM   1109 C  CA  . ILE A 1 142 ? 9.040   -14.315 -3.760  1.00 33.75  ? 142 ILE A CA  1 
ATOM   1110 C  C   . ILE A 1 142 ? 9.576   -15.742 -3.608  1.00 33.91  ? 142 ILE A C   1 
ATOM   1111 O  O   . ILE A 1 142 ? 10.066  -16.125 -2.545  1.00 41.20  ? 142 ILE A O   1 
ATOM   1112 C  CB  . ILE A 1 142 ? 7.485   -14.363 -3.678  1.00 30.49  ? 142 ILE A CB  1 
ATOM   1113 C  CG1 . ILE A 1 142 ? 6.909   -12.944 -3.777  1.00 41.78  ? 142 ILE A CG1 1 
ATOM   1114 C  CG2 . ILE A 1 142 ? 7.040   -15.042 -2.385  1.00 28.31  ? 142 ILE A CG2 1 
ATOM   1115 C  CD1 . ILE A 1 142 ? 5.369   -12.895 -3.848  1.00 33.58  ? 142 ILE A CD1 1 
ATOM   1116 N  N   . LEU A 1 143 ? 9.477   -16.527 -4.671  1.00 28.81  ? 143 LEU A N   1 
ATOM   1117 C  CA  . LEU A 1 143 ? 9.940   -17.900 -4.618  1.00 32.95  ? 143 LEU A CA  1 
ATOM   1118 C  C   . LEU A 1 143 ? 11.472  -17.973 -4.563  1.00 41.76  ? 143 LEU A C   1 
ATOM   1119 O  O   . LEU A 1 143 ? 12.030  -18.907 -3.988  1.00 31.10  ? 143 LEU A O   1 
ATOM   1120 C  CB  . LEU A 1 143 ? 9.387   -18.684 -5.816  1.00 38.82  ? 143 LEU A CB  1 
ATOM   1121 C  CG  . LEU A 1 143 ? 7.849   -18.775 -5.902  1.00 42.67  ? 143 LEU A CG  1 
ATOM   1122 C  CD1 . LEU A 1 143 ? 7.449   -19.624 -7.097  1.00 41.10  ? 143 LEU A CD1 1 
ATOM   1123 C  CD2 . LEU A 1 143 ? 7.269   -19.385 -4.624  1.00 40.57  ? 143 LEU A CD2 1 
ATOM   1124 N  N   . GLN A 1 144 ? 12.145  -16.976 -5.139  1.00 39.56  ? 144 GLN A N   1 
ATOM   1125 C  CA  . GLN A 1 144 ? 13.604  -16.939 -5.131  1.00 34.53  ? 144 GLN A CA  1 
ATOM   1126 C  C   . GLN A 1 144 ? 14.153  -16.355 -3.835  1.00 36.81  ? 144 GLN A C   1 
ATOM   1127 O  O   . GLN A 1 144 ? 15.365  -16.311 -3.642  1.00 52.18  ? 144 GLN A O   1 
ATOM   1128 C  CB  . GLN A 1 144 ? 14.131  -16.116 -6.312  1.00 34.41  ? 144 GLN A CB  1 
ATOM   1129 C  CG  . GLN A 1 144 ? 13.853  -16.745 -7.659  1.00 31.10  ? 144 GLN A CG  1 
ATOM   1130 C  CD  . GLN A 1 144 ? 14.200  -15.844 -8.823  1.00 34.99  ? 144 GLN A CD  1 
ATOM   1131 O  OE1 . GLN A 1 144 ? 13.943  -16.190 -9.973  1.00 35.76  ? 144 GLN A OE1 1 
ATOM   1132 N  NE2 . GLN A 1 144 ? 14.787  -14.689 -8.536  1.00 28.03  ? 144 GLN A NE2 1 
ATOM   1133 N  N   . GLY A 1 145 ? 13.270  -15.899 -2.952  1.00 35.07  ? 145 GLY A N   1 
ATOM   1134 C  CA  . GLY A 1 145 ? 13.715  -15.318 -1.698  1.00 25.51  ? 145 GLY A CA  1 
ATOM   1135 C  C   . GLY A 1 145 ? 14.291  -13.918 -1.860  1.00 38.53  ? 145 GLY A C   1 
ATOM   1136 O  O   . GLY A 1 145 ? 15.242  -13.547 -1.174  1.00 41.68  ? 145 GLY A O   1 
ATOM   1137 N  N   . ILE A 1 146 ? 13.734  -13.138 -2.781  1.00 42.44  ? 146 ILE A N   1 
ATOM   1138 C  CA  . ILE A 1 146 ? 14.199  -11.770 -2.990  1.00 43.22  ? 146 ILE A CA  1 
ATOM   1139 C  C   . ILE A 1 146 ? 13.186  -10.801 -2.379  1.00 46.21  ? 146 ILE A C   1 
ATOM   1140 O  O   . ILE A 1 146 ? 12.042  -10.727 -2.825  1.00 61.51  ? 146 ILE A O   1 
ATOM   1141 C  CB  . ILE A 1 146 ? 14.366  -11.458 -4.495  1.00 38.79  ? 146 ILE A CB  1 
ATOM   1142 C  CG1 . ILE A 1 146 ? 15.507  -12.294 -5.075  1.00 42.31  ? 146 ILE A CG1 1 
ATOM   1143 C  CG2 . ILE A 1 146 ? 14.656  -9.983  -4.691  1.00 44.72  ? 146 ILE A CG2 1 
ATOM   1144 C  CD1 . ILE A 1 146 ? 15.696  -12.147 -6.561  1.00 39.64  ? 146 ILE A CD1 1 
ATOM   1145 N  N   . ARG A 1 147 ? 13.596  -10.065 -1.353  1.00 56.60  ? 147 ARG A N   1 
ATOM   1146 C  CA  . ARG A 1 147 ? 12.685  -9.130  -0.706  1.00 60.26  ? 147 ARG A CA  1 
ATOM   1147 C  C   . ARG A 1 147 ? 12.927  -7.676  -1.099  1.00 60.75  ? 147 ARG A C   1 
ATOM   1148 O  O   . ARG A 1 147 ? 12.586  -6.757  -0.354  1.00 67.89  ? 147 ARG A O   1 
ATOM   1149 C  CB  . ARG A 1 147 ? 12.754  -9.289  0.814   1.00 63.70  ? 147 ARG A CB  1 
ATOM   1150 C  CG  . ARG A 1 147 ? 12.218  -10.633 1.311   1.00 74.47  ? 147 ARG A CG  1 
ATOM   1151 C  CD  . ARG A 1 147 ? 12.106  -10.681 2.834   1.00 83.64  ? 147 ARG A CD  1 
ATOM   1152 N  NE  . ARG A 1 147 ? 11.208  -9.646  3.349   1.00 84.24  ? 147 ARG A NE  1 
ATOM   1153 C  CZ  . ARG A 1 147 ? 10.907  -9.483  4.635   1.00 83.82  ? 147 ARG A CZ  1 
ATOM   1154 N  NH1 . ARG A 1 147 ? 11.431  -10.287 5.554   1.00 86.41  ? 147 ARG A NH1 1 
ATOM   1155 N  NH2 . ARG A 1 147 ? 10.083  -8.511  5.002   1.00 76.74  ? 147 ARG A NH2 1 
ATOM   1156 N  N   . LYS A 1 148 ? 13.510  -7.475  -2.274  1.00 53.50  ? 148 LYS A N   1 
ATOM   1157 C  CA  . LYS A 1 148 ? 13.784  -6.138  -2.781  1.00 52.76  ? 148 LYS A CA  1 
ATOM   1158 C  C   . LYS A 1 148 ? 12.923  -5.885  -4.017  1.00 48.20  ? 148 LYS A C   1 
ATOM   1159 O  O   . LYS A 1 148 ? 13.259  -6.310  -5.120  1.00 46.28  ? 148 LYS A O   1 
ATOM   1160 C  CB  . LYS A 1 148 ? 15.265  -6.006  -3.134  1.00 62.27  ? 148 LYS A CB  1 
ATOM   1161 C  CG  . LYS A 1 148 ? 16.028  -5.000  -2.285  1.00 67.26  ? 148 LYS A CG  1 
ATOM   1162 C  CD  . LYS A 1 148 ? 16.078  -5.408  -0.816  1.00 77.26  ? 148 LYS A CD  1 
ATOM   1163 C  CE  . LYS A 1 148 ? 16.780  -4.352  0.032   1.00 76.89  ? 148 LYS A CE  1 
ATOM   1164 N  NZ  . LYS A 1 148 ? 16.831  -4.719  1.472   1.00 71.78  ? 148 LYS A NZ  1 
ATOM   1165 N  N   . ILE A 1 149 ? 11.817  -5.179  -3.819  1.00 45.50  ? 149 ILE A N   1 
ATOM   1166 C  CA  . ILE A 1 149 ? 10.882  -4.885  -4.900  1.00 49.87  ? 149 ILE A CA  1 
ATOM   1167 C  C   . ILE A 1 149 ? 11.565  -4.338  -6.158  1.00 49.83  ? 149 ILE A C   1 
ATOM   1168 O  O   . ILE A 1 149 ? 11.127  -4.611  -7.274  1.00 49.03  ? 149 ILE A O   1 
ATOM   1169 C  CB  . ILE A 1 149 ? 9.792   -3.885  -4.418  1.00 44.96  ? 149 ILE A CB  1 
ATOM   1170 C  CG1 . ILE A 1 149 ? 8.638   -3.839  -5.416  1.00 45.63  ? 149 ILE A CG1 1 
ATOM   1171 C  CG2 . ILE A 1 149 ? 10.398  -2.497  -4.227  1.00 42.10  ? 149 ILE A CG2 1 
ATOM   1172 C  CD1 . ILE A 1 149 ? 7.798   -5.089  -5.440  1.00 40.38  ? 149 ILE A CD1 1 
ATOM   1173 N  N   . LEU A 1 150 ? 12.645  -3.585  -5.978  1.00 55.95  ? 150 LEU A N   1 
ATOM   1174 C  CA  . LEU A 1 150 ? 13.366  -2.999  -7.107  1.00 54.48  ? 150 LEU A CA  1 
ATOM   1175 C  C   . LEU A 1 150 ? 13.892  -4.037  -8.095  1.00 52.25  ? 150 LEU A C   1 
ATOM   1176 O  O   . LEU A 1 150 ? 14.003  -3.769  -9.292  1.00 50.85  ? 150 LEU A O   1 
ATOM   1177 C  CB  . LEU A 1 150 ? 14.533  -2.140  -6.602  1.00 66.40  ? 150 LEU A CB  1 
ATOM   1178 C  CG  . LEU A 1 150 ? 14.222  -0.980  -5.645  1.00 75.33  ? 150 LEU A CG  1 
ATOM   1179 C  CD1 . LEU A 1 150 ? 13.153  -0.086  -6.273  1.00 67.23  ? 150 LEU A CD1 1 
ATOM   1180 C  CD2 . LEU A 1 150 ? 13.745  -1.516  -4.291  1.00 65.64  ? 150 LEU A CD2 1 
ATOM   1181 N  N   . VAL A 1 151 ? 14.221  -5.221  -7.594  1.00 52.31  ? 151 VAL A N   1 
ATOM   1182 C  CA  . VAL A 1 151 ? 14.745  -6.278  -8.444  1.00 42.83  ? 151 VAL A CA  1 
ATOM   1183 C  C   . VAL A 1 151 ? 13.753  -6.752  -9.503  1.00 41.57  ? 151 VAL A C   1 
ATOM   1184 O  O   . VAL A 1 151 ? 14.067  -6.747  -10.687 1.00 42.38  ? 151 VAL A O   1 
ATOM   1185 C  CB  . VAL A 1 151 ? 15.200  -7.482  -7.596  1.00 44.67  ? 151 VAL A CB  1 
ATOM   1186 C  CG1 . VAL A 1 151 ? 15.653  -8.618  -8.501  1.00 49.27  ? 151 VAL A CG1 1 
ATOM   1187 C  CG2 . VAL A 1 151 ? 16.328  -7.050  -6.674  1.00 55.61  ? 151 VAL A CG2 1 
ATOM   1188 N  N   . PRO A 1 152 ? 12.547  -7.183  -9.091  1.00 41.60  ? 152 PRO A N   1 
ATOM   1189 C  CA  . PRO A 1 152 ? 11.610  -7.635  -10.123 1.00 38.35  ? 152 PRO A CA  1 
ATOM   1190 C  C   . PRO A 1 152 ? 11.067  -6.498  -10.993 1.00 44.57  ? 152 PRO A C   1 
ATOM   1191 O  O   . PRO A 1 152 ? 10.675  -6.719  -12.141 1.00 45.17  ? 152 PRO A O   1 
ATOM   1192 C  CB  . PRO A 1 152 ? 10.529  -8.361  -9.321  1.00 35.71  ? 152 PRO A CB  1 
ATOM   1193 C  CG  . PRO A 1 152 ? 10.617  -7.745  -7.961  1.00 35.76  ? 152 PRO A CG  1 
ATOM   1194 C  CD  . PRO A 1 152 ? 12.068  -7.526  -7.738  1.00 30.77  ? 152 PRO A CD  1 
ATOM   1195 N  N   . LEU A 1 153 ? 11.067  -5.280  -10.460 1.00 39.75  ? 153 LEU A N   1 
ATOM   1196 C  CA  . LEU A 1 153 ? 10.579  -4.133  -11.221 1.00 46.34  ? 153 LEU A CA  1 
ATOM   1197 C  C   . LEU A 1 153 ? 11.467  -3.842  -12.433 1.00 49.52  ? 153 LEU A C   1 
ATOM   1198 O  O   . LEU A 1 153 ? 11.005  -3.286  -13.431 1.00 48.43  ? 153 LEU A O   1 
ATOM   1199 C  CB  . LEU A 1 153 ? 10.490  -2.889  -10.328 1.00 39.78  ? 153 LEU A CB  1 
ATOM   1200 C  CG  . LEU A 1 153 ? 9.342   -2.912  -9.311  1.00 49.35  ? 153 LEU A CG  1 
ATOM   1201 C  CD1 . LEU A 1 153 ? 9.349   -1.655  -8.469  1.00 35.16  ? 153 LEU A CD1 1 
ATOM   1202 C  CD2 . LEU A 1 153 ? 8.023   -3.061  -10.060 1.00 45.38  ? 153 LEU A CD2 1 
ATOM   1203 N  N   . GLU A 1 154 ? 12.739  -4.222  -12.344 1.00 54.03  ? 154 GLU A N   1 
ATOM   1204 C  CA  . GLU A 1 154 ? 13.672  -3.997  -13.440 1.00 55.79  ? 154 GLU A CA  1 
ATOM   1205 C  C   . GLU A 1 154 ? 13.383  -4.914  -14.617 1.00 49.79  ? 154 GLU A C   1 
ATOM   1206 O  O   . GLU A 1 154 ? 13.726  -4.598  -15.755 1.00 50.07  ? 154 GLU A O   1 
ATOM   1207 C  CB  . GLU A 1 154 ? 15.111  -4.192  -12.960 1.00 64.04  ? 154 GLU A CB  1 
ATOM   1208 C  CG  . GLU A 1 154 ? 15.677  -2.984  -12.225 1.00 81.36  ? 154 GLU A CG  1 
ATOM   1209 C  CD  . GLU A 1 154 ? 17.026  -3.261  -11.588 1.00 91.62  ? 154 GLU A CD  1 
ATOM   1210 O  OE1 . GLU A 1 154 ? 17.669  -2.296  -11.112 1.00 91.86  ? 154 GLU A OE1 1 
ATOM   1211 O  OE2 . GLU A 1 154 ? 17.438  -4.445  -11.557 1.00 96.75  ? 154 GLU A OE2 1 
ATOM   1212 N  N   . ARG A 1 155 ? 12.747  -6.048  -14.340 1.00 48.80  ? 155 ARG A N   1 
ATOM   1213 C  CA  . ARG A 1 155 ? 12.394  -7.002  -15.386 1.00 43.46  ? 155 ARG A CA  1 
ATOM   1214 C  C   . ARG A 1 155 ? 10.987  -6.755  -15.941 1.00 45.76  ? 155 ARG A C   1 
ATOM   1215 O  O   . ARG A 1 155 ? 10.487  -7.540  -16.743 1.00 47.49  ? 155 ARG A O   1 
ATOM   1216 C  CB  . ARG A 1 155 ? 12.472  -8.432  -14.851 1.00 41.51  ? 155 ARG A CB  1 
ATOM   1217 C  CG  . ARG A 1 155 ? 13.859  -9.048  -14.834 1.00 54.63  ? 155 ARG A CG  1 
ATOM   1218 C  CD  . ARG A 1 155 ? 13.749  -10.524 -14.477 1.00 64.61  ? 155 ARG A CD  1 
ATOM   1219 N  NE  . ARG A 1 155 ? 14.866  -11.334 -14.958 1.00 78.65  ? 155 ARG A NE  1 
ATOM   1220 C  CZ  . ARG A 1 155 ? 16.121  -11.227 -14.530 1.00 92.83  ? 155 ARG A CZ  1 
ATOM   1221 N  NH1 . ARG A 1 155 ? 16.435  -10.332 -13.601 1.00 102.14 ? 155 ARG A NH1 1 
ATOM   1222 N  NH2 . ARG A 1 155 ? 17.061  -12.026 -15.024 1.00 80.24  ? 155 ARG A NH2 1 
ATOM   1223 N  N   . LEU A 1 156 ? 10.356  -5.662  -15.517 1.00 45.72  ? 156 LEU A N   1 
ATOM   1224 C  CA  . LEU A 1 156 ? 9.006   -5.326  -15.967 1.00 43.35  ? 156 LEU A CA  1 
ATOM   1225 C  C   . LEU A 1 156 ? 8.956   -3.967  -16.653 1.00 41.05  ? 156 LEU A C   1 
ATOM   1226 O  O   . LEU A 1 156 ? 9.855   -3.148  -16.490 1.00 46.13  ? 156 LEU A O   1 
ATOM   1227 C  CB  . LEU A 1 156 ? 8.045   -5.306  -14.773 1.00 36.99  ? 156 LEU A CB  1 
ATOM   1228 C  CG  . LEU A 1 156 ? 7.855   -6.605  -13.992 1.00 44.30  ? 156 LEU A CG  1 
ATOM   1229 C  CD1 . LEU A 1 156 ? 7.078   -6.328  -12.718 1.00 36.94  ? 156 LEU A CD1 1 
ATOM   1230 C  CD2 . LEU A 1 156 ? 7.141   -7.626  -14.856 1.00 41.21  ? 156 LEU A CD2 1 
ATOM   1231 N  N   . ASN A 1 157 ? 7.894   -3.726  -17.413 1.00 46.99  ? 157 ASN A N   1 
ATOM   1232 C  CA  . ASN A 1 157 ? 7.725   -2.447  -18.087 1.00 46.00  ? 157 ASN A CA  1 
ATOM   1233 C  C   . ASN A 1 157 ? 7.090   -1.485  -17.080 1.00 42.38  ? 157 ASN A C   1 
ATOM   1234 O  O   . ASN A 1 157 ? 5.871   -1.454  -16.921 1.00 40.74  ? 157 ASN A O   1 
ATOM   1235 C  CB  . ASN A 1 157 ? 6.832   -2.620  -19.323 1.00 56.92  ? 157 ASN A CB  1 
ATOM   1236 C  CG  . ASN A 1 157 ? 6.438   -1.293  -19.962 1.00 64.91  ? 157 ASN A CG  1 
ATOM   1237 O  OD1 . ASN A 1 157 ? 7.277   -0.409  -20.166 1.00 72.06  ? 157 ASN A OD1 1 
ATOM   1238 N  ND2 . ASN A 1 157 ? 5.156   -1.156  -20.297 1.00 67.79  ? 157 ASN A ND2 1 
ATOM   1239 N  N   . VAL A 1 158 ? 7.928   -0.711  -16.396 1.00 44.20  ? 158 VAL A N   1 
ATOM   1240 C  CA  . VAL A 1 158 ? 7.465   0.231   -15.380 1.00 37.98  ? 158 VAL A CA  1 
ATOM   1241 C  C   . VAL A 1 158 ? 7.459   1.697   -15.823 1.00 39.26  ? 158 VAL A C   1 
ATOM   1242 O  O   . VAL A 1 158 ? 8.390   2.161   -16.483 1.00 37.32  ? 158 VAL A O   1 
ATOM   1243 C  CB  . VAL A 1 158 ? 8.333   0.123   -14.101 1.00 37.14  ? 158 VAL A CB  1 
ATOM   1244 C  CG1 . VAL A 1 158 ? 7.761   1.011   -13.005 1.00 30.02  ? 158 VAL A CG1 1 
ATOM   1245 C  CG2 . VAL A 1 158 ? 8.399   -1.328  -13.631 1.00 36.41  ? 158 VAL A CG2 1 
ATOM   1246 N  N   . VAL A 1 159 ? 6.402   2.417   -15.451 1.00 34.89  ? 159 VAL A N   1 
ATOM   1247 C  CA  . VAL A 1 159 ? 6.269   3.835   -15.772 1.00 40.95  ? 159 VAL A CA  1 
ATOM   1248 C  C   . VAL A 1 159 ? 6.456   4.638   -14.492 1.00 42.89  ? 159 VAL A C   1 
ATOM   1249 O  O   . VAL A 1 159 ? 5.609   4.594   -13.603 1.00 52.54  ? 159 VAL A O   1 
ATOM   1250 C  CB  . VAL A 1 159 ? 4.867   4.183   -16.342 1.00 39.49  ? 159 VAL A CB  1 
ATOM   1251 C  CG1 . VAL A 1 159 ? 4.726   5.697   -16.481 1.00 37.20  ? 159 VAL A CG1 1 
ATOM   1252 C  CG2 . VAL A 1 159 ? 4.675   3.527   -17.699 1.00 44.51  ? 159 VAL A CG2 1 
ATOM   1253 N  N   . TYR A 1 160 ? 7.564   5.358   -14.386 1.00 44.93  ? 160 TYR A N   1 
ATOM   1254 C  CA  . TYR A 1 160 ? 7.805   6.160   -13.195 1.00 46.34  ? 160 TYR A CA  1 
ATOM   1255 C  C   . TYR A 1 160 ? 7.153   7.527   -13.365 1.00 41.70  ? 160 TYR A C   1 
ATOM   1256 O  O   . TYR A 1 160 ? 7.574   8.332   -14.183 1.00 53.26  ? 160 TYR A O   1 
ATOM   1257 C  CB  . TYR A 1 160 ? 9.311   6.247   -12.940 1.00 42.99  ? 160 TYR A CB  1 
ATOM   1258 C  CG  . TYR A 1 160 ? 9.861   4.920   -12.450 1.00 40.47  ? 160 TYR A CG  1 
ATOM   1259 C  CD1 . TYR A 1 160 ? 9.663   4.511   -11.132 1.00 40.85  ? 160 TYR A CD1 1 
ATOM   1260 C  CD2 . TYR A 1 160 ? 10.509  4.042   -13.319 1.00 43.62  ? 160 TYR A CD2 1 
ATOM   1261 C  CE1 . TYR A 1 160 ? 10.094  3.259   -10.691 1.00 35.91  ? 160 TYR A CE1 1 
ATOM   1262 C  CE2 . TYR A 1 160 ? 10.945  2.781   -12.886 1.00 34.62  ? 160 TYR A CE2 1 
ATOM   1263 C  CZ  . TYR A 1 160 ? 10.732  2.401   -11.570 1.00 43.77  ? 160 TYR A CZ  1 
ATOM   1264 O  OH  . TYR A 1 160 ? 11.140  1.161   -11.120 1.00 38.03  ? 160 TYR A OH  1 
ATOM   1265 N  N   . TYR A 1 161 ? 6.097   7.761   -12.593 1.00 41.17  ? 161 TYR A N   1 
ATOM   1266 C  CA  . TYR A 1 161 ? 5.341   8.999   -12.659 1.00 38.54  ? 161 TYR A CA  1 
ATOM   1267 C  C   . TYR A 1 161 ? 5.942   10.092  -11.779 1.00 47.79  ? 161 TYR A C   1 
ATOM   1268 O  O   . TYR A 1 161 ? 6.148   9.897   -10.582 1.00 45.61  ? 161 TYR A O   1 
ATOM   1269 C  CB  . TYR A 1 161 ? 3.904   8.734   -12.229 1.00 34.62  ? 161 TYR A CB  1 
ATOM   1270 C  CG  . TYR A 1 161 ? 2.890   9.703   -12.786 1.00 41.32  ? 161 TYR A CG  1 
ATOM   1271 C  CD1 . TYR A 1 161 ? 2.513   9.653   -14.127 1.00 43.84  ? 161 TYR A CD1 1 
ATOM   1272 C  CD2 . TYR A 1 161 ? 2.276   10.643  -11.962 1.00 38.47  ? 161 TYR A CD2 1 
ATOM   1273 C  CE1 . TYR A 1 161 ? 1.539   10.514  -14.633 1.00 45.74  ? 161 TYR A CE1 1 
ATOM   1274 C  CE2 . TYR A 1 161 ? 1.303   11.508  -12.458 1.00 47.43  ? 161 TYR A CE2 1 
ATOM   1275 C  CZ  . TYR A 1 161 ? 0.938   11.433  -13.794 1.00 48.25  ? 161 TYR A CZ  1 
ATOM   1276 O  OH  . TYR A 1 161 ? -0.044  12.261  -14.275 1.00 59.96  ? 161 TYR A OH  1 
ATOM   1277 N  N   . PRO A 1 162 ? 6.225   11.266  -12.368 1.00 49.95  ? 162 PRO A N   1 
ATOM   1278 C  CA  . PRO A 1 162 ? 6.803   12.383  -11.619 1.00 51.88  ? 162 PRO A CA  1 
ATOM   1279 C  C   . PRO A 1 162 ? 5.877   12.791  -10.486 1.00 51.44  ? 162 PRO A C   1 
ATOM   1280 O  O   . PRO A 1 162 ? 4.734   13.201  -10.716 1.00 47.18  ? 162 PRO A O   1 
ATOM   1281 C  CB  . PRO A 1 162 ? 6.939   13.474  -12.678 1.00 51.91  ? 162 PRO A CB  1 
ATOM   1282 C  CG  . PRO A 1 162 ? 7.134   12.694  -13.940 1.00 59.61  ? 162 PRO A CG  1 
ATOM   1283 C  CD  . PRO A 1 162 ? 6.087   11.620  -13.790 1.00 53.47  ? 162 PRO A CD  1 
ATOM   1284 N  N   . VAL A 1 163 ? 6.373   12.679  -9.262  1.00 47.13  ? 163 VAL A N   1 
ATOM   1285 C  CA  . VAL A 1 163 ? 5.566   13.024  -8.107  1.00 56.84  ? 163 VAL A CA  1 
ATOM   1286 C  C   . VAL A 1 163 ? 4.999   14.439  -8.229  1.00 57.50  ? 163 VAL A C   1 
ATOM   1287 O  O   . VAL A 1 163 ? 3.933   14.730  -7.694  1.00 61.65  ? 163 VAL A O   1 
ATOM   1288 C  CB  . VAL A 1 163 ? 6.377   12.878  -6.790  1.00 52.77  ? 163 VAL A CB  1 
ATOM   1289 C  CG1 . VAL A 1 163 ? 7.540   13.859  -6.762  1.00 54.56  ? 163 VAL A CG1 1 
ATOM   1290 C  CG2 . VAL A 1 163 ? 5.459   13.100  -5.608  1.00 63.48  ? 163 VAL A CG2 1 
ATOM   1291 N  N   . GLU A 1 164 ? 5.701   15.304  -8.956  1.00 60.97  ? 164 GLU A N   1 
ATOM   1292 C  CA  . GLU A 1 164 ? 5.255   16.678  -9.148  1.00 61.41  ? 164 GLU A CA  1 
ATOM   1293 C  C   . GLU A 1 164 ? 3.916   16.755  -9.876  1.00 61.71  ? 164 GLU A C   1 
ATOM   1294 O  O   . GLU A 1 164 ? 3.129   17.667  -9.638  1.00 66.23  ? 164 GLU A O   1 
ATOM   1295 C  CB  . GLU A 1 164 ? 6.308   17.478  -9.916  1.00 65.93  ? 164 GLU A CB  1 
ATOM   1296 C  CG  . GLU A 1 164 ? 7.551   17.803  -9.100  1.00 83.77  ? 164 GLU A CG  1 
ATOM   1297 C  CD  . GLU A 1 164 ? 7.303   18.869  -8.037  1.00 91.92  ? 164 GLU A CD  1 
ATOM   1298 O  OE1 . GLU A 1 164 ? 6.380   18.696  -7.216  1.00 92.60  ? 164 GLU A OE1 1 
ATOM   1299 O  OE2 . GLU A 1 164 ? 8.033   19.885  -8.022  1.00 101.89 ? 164 GLU A OE2 1 
ATOM   1300 N  N   . LYS A 1 165 ? 3.656   15.797  -10.757 1.00 60.86  ? 165 LYS A N   1 
ATOM   1301 C  CA  . LYS A 1 165 ? 2.406   15.776  -11.499 1.00 54.79  ? 165 LYS A CA  1 
ATOM   1302 C  C   . LYS A 1 165 ? 1.233   15.413  -10.599 1.00 57.65  ? 165 LYS A C   1 
ATOM   1303 O  O   . LYS A 1 165 ? 0.086   15.410  -11.039 1.00 59.72  ? 165 LYS A O   1 
ATOM   1304 C  CB  . LYS A 1 165 ? 2.502   14.781  -12.658 1.00 63.49  ? 165 LYS A CB  1 
ATOM   1305 C  CG  . LYS A 1 165 ? 3.320   15.290  -13.835 1.00 69.10  ? 165 LYS A CG  1 
ATOM   1306 C  CD  . LYS A 1 165 ? 3.487   14.228  -14.914 1.00 68.46  ? 165 LYS A CD  1 
ATOM   1307 C  CE  . LYS A 1 165 ? 3.780   14.852  -16.286 1.00 80.92  ? 165 LYS A CE  1 
ATOM   1308 N  NZ  . LYS A 1 165 ? 4.924   15.823  -16.305 1.00 71.27  ? 165 LYS A NZ  1 
ATOM   1309 N  N   . LEU A 1 166 ? 1.519   15.122  -9.334  1.00 56.44  ? 166 LEU A N   1 
ATOM   1310 C  CA  . LEU A 1 166 ? 0.474   14.742  -8.385  1.00 54.69  ? 166 LEU A CA  1 
ATOM   1311 C  C   . LEU A 1 166 ? 0.087   15.850  -7.413  1.00 46.99  ? 166 LEU A C   1 
ATOM   1312 O  O   . LEU A 1 166 ? -0.890  15.715  -6.678  1.00 45.50  ? 166 LEU A O   1 
ATOM   1313 C  CB  . LEU A 1 166 ? 0.914   13.506  -7.592  1.00 47.28  ? 166 LEU A CB  1 
ATOM   1314 C  CG  . LEU A 1 166 ? 1.208   12.237  -8.396  1.00 52.46  ? 166 LEU A CG  1 
ATOM   1315 C  CD1 . LEU A 1 166 ? 1.873   11.210  -7.493  1.00 44.51  ? 166 LEU A CD1 1 
ATOM   1316 C  CD2 . LEU A 1 166 ? -0.082  11.687  -8.992  1.00 44.86  ? 166 LEU A CD2 1 
ATOM   1317 N  N   . ARG A 1 167 ? 0.845   16.944  -7.405  1.00 50.41  ? 167 ARG A N   1 
ATOM   1318 C  CA  . ARG A 1 167 ? 0.553   18.051  -6.491  1.00 54.22  ? 167 ARG A CA  1 
ATOM   1319 C  C   . ARG A 1 167 ? -0.806  18.708  -6.743  1.00 54.77  ? 167 ARG A C   1 
ATOM   1320 O  O   . ARG A 1 167 ? -1.368  19.356  -5.854  1.00 54.04  ? 167 ARG A O   1 
ATOM   1321 C  CB  . ARG A 1 167 ? 1.660   19.108  -6.550  1.00 49.34  ? 167 ARG A CB  1 
ATOM   1322 C  CG  . ARG A 1 167 ? 2.948   18.709  -5.842  1.00 55.02  ? 167 ARG A CG  1 
ATOM   1323 C  CD  . ARG A 1 167 ? 3.949   19.852  -5.834  1.00 57.84  ? 167 ARG A CD  1 
ATOM   1324 N  NE  . ARG A 1 167 ? 5.190   19.525  -5.127  1.00 60.88  ? 167 ARG A NE  1 
ATOM   1325 C  CZ  . ARG A 1 167 ? 5.297   19.385  -3.808  1.00 63.03  ? 167 ARG A CZ  1 
ATOM   1326 N  NH1 . ARG A 1 167 ? 4.234   19.542  -3.030  1.00 58.98  ? 167 ARG A NH1 1 
ATOM   1327 N  NH2 . ARG A 1 167 ? 6.474   19.099  -3.263  1.00 51.84  ? 167 ARG A NH2 1 
ATOM   1328 N  N   . LYS A 1 168 ? -1.329  18.543  -7.953  1.00 52.16  ? 168 LYS A N   1 
ATOM   1329 C  CA  . LYS A 1 168 ? -2.628  19.109  -8.297  1.00 56.37  ? 168 LYS A CA  1 
ATOM   1330 C  C   . LYS A 1 168 ? -3.731  18.372  -7.536  1.00 58.37  ? 168 LYS A C   1 
ATOM   1331 O  O   . LYS A 1 168 ? -4.857  18.858  -7.421  1.00 58.27  ? 168 LYS A O   1 
ATOM   1332 C  CB  . LYS A 1 168 ? -2.869  19.013  -9.810  1.00 59.90  ? 168 LYS A CB  1 
ATOM   1333 C  CG  . LYS A 1 168 ? -2.581  17.638  -10.398 1.00 70.63  ? 168 LYS A CG  1 
ATOM   1334 C  CD  . LYS A 1 168 ? -2.822  17.579  -11.903 1.00 58.67  ? 168 LYS A CD  1 
ATOM   1335 C  CE  . LYS A 1 168 ? -4.294  17.769  -12.246 1.00 68.07  ? 168 LYS A CE  1 
ATOM   1336 N  NZ  . LYS A 1 168 ? -4.593  17.465  -13.680 1.00 76.50  ? 168 LYS A NZ  1 
ATOM   1337 N  N   . PHE A 1 169 ? -3.393  17.202  -7.006  1.00 54.80  ? 169 PHE A N   1 
ATOM   1338 C  CA  . PHE A 1 169 ? -4.344  16.393  -6.257  1.00 45.92  ? 169 PHE A CA  1 
ATOM   1339 C  C   . PHE A 1 169 ? -3.972  16.416  -4.790  1.00 50.40  ? 169 PHE A C   1 
ATOM   1340 O  O   . PHE A 1 169 ? -4.815  16.182  -3.928  1.00 54.98  ? 169 PHE A O   1 
ATOM   1341 C  CB  . PHE A 1 169 ? -4.315  14.952  -6.756  1.00 47.35  ? 169 PHE A CB  1 
ATOM   1342 C  CG  . PHE A 1 169 ? -4.596  14.811  -8.221  1.00 45.67  ? 169 PHE A CG  1 
ATOM   1343 C  CD1 . PHE A 1 169 ? -5.850  15.131  -8.738  1.00 41.14  ? 169 PHE A CD1 1 
ATOM   1344 C  CD2 . PHE A 1 169 ? -3.614  14.334  -9.086  1.00 45.51  ? 169 PHE A CD2 1 
ATOM   1345 C  CE1 . PHE A 1 169 ? -6.125  14.973  -10.099 1.00 39.64  ? 169 PHE A CE1 1 
ATOM   1346 C  CE2 . PHE A 1 169 ? -3.875  14.173  -10.446 1.00 42.26  ? 169 PHE A CE2 1 
ATOM   1347 C  CZ  . PHE A 1 169 ? -5.134  14.492  -10.956 1.00 36.49  ? 169 PHE A CZ  1 
ATOM   1348 N  N   . ASP A 1 170 ? -2.700  16.693  -4.518  1.00 55.68  ? 170 ASP A N   1 
ATOM   1349 C  CA  . ASP A 1 170 ? -2.190  16.745  -3.154  1.00 54.74  ? 170 ASP A CA  1 
ATOM   1350 C  C   . ASP A 1 170 ? -1.132  17.836  -3.020  1.00 49.03  ? 170 ASP A C   1 
ATOM   1351 O  O   . ASP A 1 170 ? 0.043   17.611  -3.311  1.00 55.43  ? 170 ASP A O   1 
ATOM   1352 C  CB  . ASP A 1 170 ? -1.594  15.389  -2.771  1.00 49.77  ? 170 ASP A CB  1 
ATOM   1353 C  CG  . ASP A 1 170 ? -1.213  15.311  -1.309  1.00 46.93  ? 170 ASP A CG  1 
ATOM   1354 O  OD1 . ASP A 1 170 ? -0.796  14.224  -0.868  1.00 53.47  ? 170 ASP A OD1 1 
ATOM   1355 O  OD2 . ASP A 1 170 ? -1.329  16.332  -0.599  1.00 58.10  ? 170 ASP A OD2 1 
ATOM   1356 N  N   . LYS A 1 171 ? -1.566  19.016  -2.581  1.00 55.49  ? 171 LYS A N   1 
ATOM   1357 C  CA  . LYS A 1 171 ? -0.697  20.185  -2.407  1.00 62.23  ? 171 LYS A CA  1 
ATOM   1358 C  C   . LYS A 1 171 ? 0.667   19.913  -1.781  1.00 61.02  ? 171 LYS A C   1 
ATOM   1359 O  O   . LYS A 1 171 ? 1.700   20.243  -2.363  1.00 63.11  ? 171 LYS A O   1 
ATOM   1360 C  CB  . LYS A 1 171 ? -1.414  21.248  -1.563  1.00 70.35  ? 171 LYS A CB  1 
ATOM   1361 C  CG  . LYS A 1 171 ? -2.256  22.256  -2.348  1.00 75.57  ? 171 LYS A CG  1 
ATOM   1362 C  CD  . LYS A 1 171 ? -1.442  23.491  -2.768  1.00 77.11  ? 171 LYS A CD  1 
ATOM   1363 C  CE  . LYS A 1 171 ? -0.989  24.328  -1.563  1.00 74.29  ? 171 LYS A CE  1 
ATOM   1364 N  NZ  . LYS A 1 171 ? -0.249  25.563  -1.958  1.00 52.39  ? 171 LYS A NZ  1 
ATOM   1365 N  N   . GLU A 1 172 ? 0.664   19.326  -0.589  1.00 57.27  ? 172 GLU A N   1 
ATOM   1366 C  CA  . GLU A 1 172 ? 1.904   19.042  0.124   1.00 59.30  ? 172 GLU A CA  1 
ATOM   1367 C  C   . GLU A 1 172 ? 2.378   17.597  -0.023  1.00 55.48  ? 172 GLU A C   1 
ATOM   1368 O  O   . GLU A 1 172 ? 3.313   17.171  0.661   1.00 51.86  ? 172 GLU A O   1 
ATOM   1369 C  CB  . GLU A 1 172 ? 1.723   19.372  1.604   1.00 64.33  ? 172 GLU A CB  1 
ATOM   1370 C  CG  . GLU A 1 172 ? 1.154   20.759  1.854   1.00 76.29  ? 172 GLU A CG  1 
ATOM   1371 C  CD  . GLU A 1 172 ? 0.577   20.918  3.254   1.00 94.66  ? 172 GLU A CD  1 
ATOM   1372 O  OE1 . GLU A 1 172 ? 0.070   22.019  3.566   1.00 104.33 ? 172 GLU A OE1 1 
ATOM   1373 O  OE2 . GLU A 1 172 ? 0.623   19.946  4.043   1.00 94.46  ? 172 GLU A OE2 1 
ATOM   1374 N  N   . LEU A 1 173 ? 1.743   16.850  -0.919  1.00 53.86  ? 173 LEU A N   1 
ATOM   1375 C  CA  . LEU A 1 173 ? 2.104   15.458  -1.143  1.00 45.74  ? 173 LEU A CA  1 
ATOM   1376 C  C   . LEU A 1 173 ? 2.113   14.687  0.175   1.00 42.88  ? 173 LEU A C   1 
ATOM   1377 O  O   . LEU A 1 173 ? 2.945   13.804  0.387   1.00 45.42  ? 173 LEU A O   1 
ATOM   1378 C  CB  . LEU A 1 173 ? 3.478   15.369  -1.807  1.00 44.80  ? 173 LEU A CB  1 
ATOM   1379 C  CG  . LEU A 1 173 ? 3.624   16.113  -3.134  1.00 48.67  ? 173 LEU A CG  1 
ATOM   1380 C  CD1 . LEU A 1 173 ? 5.025   15.914  -3.659  1.00 43.57  ? 173 LEU A CD1 1 
ATOM   1381 C  CD2 . LEU A 1 173 ? 2.594   15.601  -4.138  1.00 51.61  ? 173 LEU A CD2 1 
ATOM   1382 N  N   . ILE A 1 174 ? 1.176   15.030  1.054   1.00 45.39  ? 174 ILE A N   1 
ATOM   1383 C  CA  . ILE A 1 174 ? 1.052   14.392  2.356   1.00 43.49  ? 174 ILE A CA  1 
ATOM   1384 C  C   . ILE A 1 174 ? 0.728   12.905  2.194   1.00 40.70  ? 174 ILE A C   1 
ATOM   1385 O  O   . ILE A 1 174 ? 0.922   12.116  3.114   1.00 41.88  ? 174 ILE A O   1 
ATOM   1386 C  CB  . ILE A 1 174 ? -0.042  15.108  3.208   1.00 40.15  ? 174 ILE A CB  1 
ATOM   1387 C  CG1 . ILE A 1 174 ? 0.039   14.653  4.662   1.00 38.97  ? 174 ILE A CG1 1 
ATOM   1388 C  CG2 . ILE A 1 174 ? -1.421  14.847  2.622   1.00 43.18  ? 174 ILE A CG2 1 
ATOM   1389 C  CD1 . ILE A 1 174 ? 1.351   15.013  5.331   1.00 48.61  ? 174 ILE A CD1 1 
ATOM   1390 N  N   . SER A 1 175 ? 0.256   12.526  1.011   1.00 43.43  ? 175 SER A N   1 
ATOM   1391 C  CA  . SER A 1 175 ? -0.084  11.134  0.733   1.00 44.01  ? 175 SER A CA  1 
ATOM   1392 C  C   . SER A 1 175 ? 1.129   10.205  0.875   1.00 42.34  ? 175 SER A C   1 
ATOM   1393 O  O   . SER A 1 175 ? 0.974   9.005   1.104   1.00 34.86  ? 175 SER A O   1 
ATOM   1394 C  CB  . SER A 1 175 ? -0.652  11.002  -0.690  1.00 45.49  ? 175 SER A CB  1 
ATOM   1395 O  OG  . SER A 1 175 ? -1.848  11.732  -0.862  1.00 39.10  ? 175 SER A OG  1 
ATOM   1396 N  N   . PHE A 1 176 ? 2.324   10.776  0.748   1.00 38.70  ? 176 PHE A N   1 
ATOM   1397 C  CA  . PHE A 1 176 ? 3.581   10.024  0.810   1.00 37.89  ? 176 PHE A CA  1 
ATOM   1398 C  C   . PHE A 1 176 ? 4.228   9.943   2.187   1.00 33.39  ? 176 PHE A C   1 
ATOM   1399 O  O   . PHE A 1 176 ? 5.266   9.306   2.363   1.00 42.05  ? 176 PHE A O   1 
ATOM   1400 C  CB  . PHE A 1 176 ? 4.562   10.623  -0.200  1.00 33.26  ? 176 PHE A CB  1 
ATOM   1401 C  CG  . PHE A 1 176 ? 4.143   10.417  -1.623  1.00 33.00  ? 176 PHE A CG  1 
ATOM   1402 C  CD1 . PHE A 1 176 ? 4.399   9.209   -2.264  1.00 37.32  ? 176 PHE A CD1 1 
ATOM   1403 C  CD2 . PHE A 1 176 ? 3.419   11.392  -2.299  1.00 35.80  ? 176 PHE A CD2 1 
ATOM   1404 C  CE1 . PHE A 1 176 ? 3.939   8.965   -3.564  1.00 47.46  ? 176 PHE A CE1 1 
ATOM   1405 C  CE2 . PHE A 1 176 ? 2.954   11.162  -3.596  1.00 38.17  ? 176 PHE A CE2 1 
ATOM   1406 C  CZ  . PHE A 1 176 ? 3.213   9.941   -4.230  1.00 39.88  ? 176 PHE A CZ  1 
ATOM   1407 N  N   . PHE A 1 177 ? 3.609   10.584  3.165   1.00 40.36  ? 177 PHE A N   1 
ATOM   1408 C  CA  . PHE A 1 177 ? 4.122   10.578  4.521   1.00 33.56  ? 177 PHE A CA  1 
ATOM   1409 C  C   . PHE A 1 177 ? 4.000   9.182   5.126   1.00 38.50  ? 177 PHE A C   1 
ATOM   1410 O  O   . PHE A 1 177 ? 2.912   8.613   5.200   1.00 36.86  ? 177 PHE A O   1 
ATOM   1411 C  CB  . PHE A 1 177 ? 3.354   11.608  5.347   1.00 37.54  ? 177 PHE A CB  1 
ATOM   1412 C  CG  . PHE A 1 177 ? 3.675   11.582  6.805   1.00 45.23  ? 177 PHE A CG  1 
ATOM   1413 C  CD1 . PHE A 1 177 ? 2.857   10.903  7.696   1.00 47.84  ? 177 PHE A CD1 1 
ATOM   1414 C  CD2 . PHE A 1 177 ? 4.805   12.219  7.291   1.00 44.24  ? 177 PHE A CD2 1 
ATOM   1415 C  CE1 . PHE A 1 177 ? 3.163   10.861  9.050   1.00 56.83  ? 177 PHE A CE1 1 
ATOM   1416 C  CE2 . PHE A 1 177 ? 5.113   12.180  8.640   1.00 36.37  ? 177 PHE A CE2 1 
ATOM   1417 C  CZ  . PHE A 1 177 ? 4.293   11.502  9.520   1.00 49.46  ? 177 PHE A CZ  1 
ATOM   1418 N  N   . ASN A 1 178 ? 5.129   8.628   5.553   1.00 36.87  ? 178 ASN A N   1 
ATOM   1419 C  CA  . ASN A 1 178 ? 5.139   7.300   6.143   1.00 32.33  ? 178 ASN A CA  1 
ATOM   1420 C  C   . ASN A 1 178 ? 5.354   7.354   7.645   1.00 33.99  ? 178 ASN A C   1 
ATOM   1421 O  O   . ASN A 1 178 ? 6.008   8.263   8.153   1.00 31.57  ? 178 ASN A O   1 
ATOM   1422 C  CB  . ASN A 1 178 ? 6.253   6.455   5.509   1.00 36.58  ? 178 ASN A CB  1 
ATOM   1423 C  CG  . ASN A 1 178 ? 5.845   5.841   4.176   1.00 28.45  ? 178 ASN A CG  1 
ATOM   1424 O  OD1 . ASN A 1 178 ? 5.362   4.710   4.124   1.00 38.05  ? 178 ASN A OD1 1 
ATOM   1425 N  ND2 . ASN A 1 178 ? 6.032   6.589   3.097   1.00 30.64  ? 178 ASN A ND2 1 
ATOM   1426 N  N   . ILE A 1 179 ? 4.794   6.378   8.350   1.00 34.26  ? 179 ILE A N   1 
ATOM   1427 C  CA  . ILE A 1 179 ? 4.970   6.282   9.791   1.00 29.41  ? 179 ILE A CA  1 
ATOM   1428 C  C   . ILE A 1 179 ? 5.752   5.014   10.107  1.00 31.85  ? 179 ILE A C   1 
ATOM   1429 O  O   . ILE A 1 179 ? 5.205   3.913   10.036  1.00 32.04  ? 179 ILE A O   1 
ATOM   1430 C  CB  . ILE A 1 179 ? 3.642   6.181   10.538  1.00 35.65  ? 179 ILE A CB  1 
ATOM   1431 C  CG1 . ILE A 1 179 ? 2.808   7.440   10.307  1.00 30.15  ? 179 ILE A CG1 1 
ATOM   1432 C  CG2 . ILE A 1 179 ? 3.907   5.967   12.024  1.00 32.17  ? 179 ILE A CG2 1 
ATOM   1433 C  CD1 . ILE A 1 179 ? 1.496   7.443   11.074  1.00 37.58  ? 179 ILE A CD1 1 
ATOM   1434 N  N   . ASN A 1 180 ? 7.028   5.162   10.457  1.00 33.29  ? 180 ASN A N   1 
ATOM   1435 C  CA  . ASN A 1 180 ? 7.854   3.997   10.777  1.00 31.19  ? 180 ASN A CA  1 
ATOM   1436 C  C   . ASN A 1 180 ? 8.614   4.116   12.096  1.00 35.86  ? 180 ASN A C   1 
ATOM   1437 O  O   . ASN A 1 180 ? 8.882   3.110   12.750  1.00 35.89  ? 180 ASN A O   1 
ATOM   1438 C  CB  . ASN A 1 180 ? 8.876   3.739   9.661   1.00 29.95  ? 180 ASN A CB  1 
ATOM   1439 C  CG  . ASN A 1 180 ? 8.226   3.508   8.306   1.00 40.13  ? 180 ASN A CG  1 
ATOM   1440 O  OD1 . ASN A 1 180 ? 7.652   4.423   7.714   1.00 33.70  ? 180 ASN A OD1 1 
ATOM   1441 N  ND2 . ASN A 1 180 ? 8.312   2.276   7.808   1.00 33.19  ? 180 ASN A ND2 1 
ATOM   1442 N  N   . THR A 1 181 ? 8.962   5.340   12.484  1.00 34.98  ? 181 THR A N   1 
ATOM   1443 C  CA  . THR A 1 181 ? 9.733   5.565   13.704  1.00 30.81  ? 181 THR A CA  1 
ATOM   1444 C  C   . THR A 1 181 ? 9.141   6.579   14.687  1.00 29.33  ? 181 THR A C   1 
ATOM   1445 O  O   . THR A 1 181 ? 8.240   7.330   14.350  1.00 34.03  ? 181 THR A O   1 
ATOM   1446 C  CB  . THR A 1 181 ? 11.142  6.035   13.349  1.00 32.03  ? 181 THR A CB  1 
ATOM   1447 O  OG1 . THR A 1 181 ? 11.053  7.165   12.477  1.00 29.46  ? 181 THR A OG1 1 
ATOM   1448 C  CG2 . THR A 1 181 ? 11.905  4.945   12.663  1.00 24.83  ? 181 THR A CG2 1 
ATOM   1449 N  N   . PRO A 1 182 ? 9.664   6.618   15.923  1.00 33.04  ? 182 PRO A N   1 
ATOM   1450 C  CA  . PRO A 1 182 ? 9.170   7.550   16.945  1.00 33.56  ? 182 PRO A CA  1 
ATOM   1451 C  C   . PRO A 1 182 ? 8.961   8.986   16.468  1.00 37.42  ? 182 PRO A C   1 
ATOM   1452 O  O   . PRO A 1 182 ? 7.953   9.606   16.806  1.00 40.52  ? 182 PRO A O   1 
ATOM   1453 C  CB  . PRO A 1 182 ? 10.223  7.446   18.039  1.00 29.70  ? 182 PRO A CB  1 
ATOM   1454 C  CG  . PRO A 1 182 ? 10.607  5.983   17.963  1.00 35.44  ? 182 PRO A CG  1 
ATOM   1455 C  CD  . PRO A 1 182 ? 10.754  5.783   16.462  1.00 26.34  ? 182 PRO A CD  1 
ATOM   1456 N  N   . ASP A 1 183 ? 9.903   9.525   15.700  1.00 30.47  ? 183 ASP A N   1 
ATOM   1457 C  CA  . ASP A 1 183 ? 9.747   10.887  15.205  1.00 37.09  ? 183 ASP A CA  1 
ATOM   1458 C  C   . ASP A 1 183 ? 8.537   11.043  14.255  1.00 40.23  ? 183 ASP A C   1 
ATOM   1459 O  O   . ASP A 1 183 ? 8.001   12.140  14.104  1.00 45.49  ? 183 ASP A O   1 
ATOM   1460 C  CB  . ASP A 1 183 ? 11.034  11.372  14.519  1.00 33.96  ? 183 ASP A CB  1 
ATOM   1461 C  CG  . ASP A 1 183 ? 11.560  10.397  13.483  1.00 39.54  ? 183 ASP A CG  1 
ATOM   1462 O  OD1 . ASP A 1 183 ? 11.935  10.848  12.391  1.00 39.82  ? 183 ASP A OD1 1 
ATOM   1463 O  OD2 . ASP A 1 183 ? 11.621  9.187   13.761  1.00 43.29  ? 183 ASP A OD2 1 
ATOM   1464 N  N   . ASP A 1 184 ? 8.105   9.948   13.631  1.00 39.51  ? 184 ASP A N   1 
ATOM   1465 C  CA  . ASP A 1 184 ? 6.955   9.986   12.742  1.00 33.10  ? 184 ASP A CA  1 
ATOM   1466 C  C   . ASP A 1 184 ? 5.650   10.112  13.519  1.00 43.82  ? 184 ASP A C   1 
ATOM   1467 O  O   . ASP A 1 184 ? 4.786   10.883  13.126  1.00 47.44  ? 184 ASP A O   1 
ATOM   1468 C  CB  . ASP A 1 184 ? 6.885   8.732   11.874  1.00 42.46  ? 184 ASP A CB  1 
ATOM   1469 C  CG  . ASP A 1 184 ? 8.040   8.633   10.900  1.00 40.94  ? 184 ASP A CG  1 
ATOM   1470 O  OD1 . ASP A 1 184 ? 8.544   9.692   10.486  1.00 35.00  ? 184 ASP A OD1 1 
ATOM   1471 O  OD2 . ASP A 1 184 ? 8.442   7.505   10.539  1.00 36.04  ? 184 ASP A OD2 1 
ATOM   1472 N  N   . LEU A 1 185 ? 5.486   9.337   14.593  1.00 39.59  ? 185 LEU A N   1 
ATOM   1473 C  CA  . LEU A 1 185 ? 4.264   9.420   15.400  1.00 41.11  ? 185 LEU A CA  1 
ATOM   1474 C  C   . LEU A 1 185 ? 4.079   10.843  15.900  1.00 43.48  ? 185 LEU A C   1 
ATOM   1475 O  O   . LEU A 1 185 ? 2.969   11.365  15.906  1.00 51.16  ? 185 LEU A O   1 
ATOM   1476 C  CB  . LEU A 1 185 ? 4.314   8.468   16.607  1.00 46.79  ? 185 LEU A CB  1 
ATOM   1477 C  CG  . LEU A 1 185 ? 3.945   6.999   16.362  1.00 53.04  ? 185 LEU A CG  1 
ATOM   1478 C  CD1 . LEU A 1 185 ? 4.794   6.477   15.239  1.00 63.27  ? 185 LEU A CD1 1 
ATOM   1479 C  CD2 . LEU A 1 185 ? 4.149   6.166   17.621  1.00 61.08  ? 185 LEU A CD2 1 
ATOM   1480 N  N   . LYS A 1 186 ? 5.176   11.471  16.310  1.00 38.63  ? 186 LYS A N   1 
ATOM   1481 C  CA  . LYS A 1 186 ? 5.123   12.834  16.808  1.00 45.18  ? 186 LYS A CA  1 
ATOM   1482 C  C   . LYS A 1 186 ? 4.624   13.757  15.716  1.00 49.16  ? 186 LYS A C   1 
ATOM   1483 O  O   . LYS A 1 186 ? 3.756   14.585  15.962  1.00 52.79  ? 186 LYS A O   1 
ATOM   1484 C  CB  . LYS A 1 186 ? 6.507   13.285  17.269  1.00 48.46  ? 186 LYS A CB  1 
ATOM   1485 C  CG  . LYS A 1 186 ? 6.541   14.627  17.986  1.00 50.84  ? 186 LYS A CG  1 
ATOM   1486 C  CD  . LYS A 1 186 ? 7.953   14.906  18.513  1.00 58.75  ? 186 LYS A CD  1 
ATOM   1487 C  CE  . LYS A 1 186 ? 8.048   16.198  19.313  1.00 48.99  ? 186 LYS A CE  1 
ATOM   1488 N  NZ  . LYS A 1 186 ? 7.828   17.398  18.475  1.00 55.62  ? 186 LYS A NZ  1 
ATOM   1489 N  N   . ARG A 1 187 ? 5.165   13.615  14.508  1.00 53.80  ? 187 ARG A N   1 
ATOM   1490 C  CA  . ARG A 1 187 ? 4.733   14.469  13.403  1.00 54.17  ? 187 ARG A CA  1 
ATOM   1491 C  C   . ARG A 1 187 ? 3.327   14.088  12.950  1.00 48.46  ? 187 ARG A C   1 
ATOM   1492 O  O   . ARG A 1 187 ? 2.472   14.956  12.763  1.00 51.10  ? 187 ARG A O   1 
ATOM   1493 C  CB  . ARG A 1 187 ? 5.697   14.373  12.214  1.00 53.98  ? 187 ARG A CB  1 
ATOM   1494 C  CG  . ARG A 1 187 ? 5.957   15.726  11.550  1.00 71.91  ? 187 ARG A CG  1 
ATOM   1495 C  CD  . ARG A 1 187 ? 5.695   15.738  10.045  1.00 70.31  ? 187 ARG A CD  1 
ATOM   1496 N  NE  . ARG A 1 187 ? 6.676   14.971  9.280   1.00 69.93  ? 187 ARG A NE  1 
ATOM   1497 C  CZ  . ARG A 1 187 ? 6.746   14.963  7.948   1.00 70.71  ? 187 ARG A CZ  1 
ATOM   1498 N  NH1 . ARG A 1 187 ? 7.666   14.230  7.329   1.00 58.32  ? 187 ARG A NH1 1 
ATOM   1499 N  NH2 . ARG A 1 187 ? 5.901   15.697  7.230   1.00 57.57  ? 187 ARG A NH2 1 
ATOM   1500 N  N   . ALA A 1 188 ? 3.098   12.789  12.774  1.00 41.48  ? 188 ALA A N   1 
ATOM   1501 C  CA  . ALA A 1 188 ? 1.798   12.278  12.354  1.00 45.74  ? 188 ALA A CA  1 
ATOM   1502 C  C   . ALA A 1 188 ? 0.705   12.891  13.215  1.00 45.65  ? 188 ALA A C   1 
ATOM   1503 O  O   . ALA A 1 188 ? -0.338  13.298  12.709  1.00 53.41  ? 188 ALA A O   1 
ATOM   1504 C  CB  . ALA A 1 188 ? 1.763   10.766  12.468  1.00 25.08  ? 188 ALA A CB  1 
ATOM   1505 N  N   . GLU A 1 189 ? 0.954   12.958  14.518  1.00 51.30  ? 189 GLU A N   1 
ATOM   1506 C  CA  . GLU A 1 189 ? -0.002  13.539  15.449  1.00 48.76  ? 189 GLU A CA  1 
ATOM   1507 C  C   . GLU A 1 189 ? -0.277  14.994  15.115  1.00 45.33  ? 189 GLU A C   1 
ATOM   1508 O  O   . GLU A 1 189 ? -1.430  15.401  15.069  1.00 56.15  ? 189 GLU A O   1 
ATOM   1509 C  CB  . GLU A 1 189 ? 0.517   13.454  16.884  1.00 48.08  ? 189 GLU A CB  1 
ATOM   1510 C  CG  . GLU A 1 189 ? -0.001  12.274  17.683  1.00 60.63  ? 189 GLU A CG  1 
ATOM   1511 C  CD  . GLU A 1 189 ? -1.517  12.271  17.815  1.00 61.33  ? 189 GLU A CD  1 
ATOM   1512 O  OE1 . GLU A 1 189 ? -2.102  13.326  18.144  1.00 63.37  ? 189 GLU A OE1 1 
ATOM   1513 O  OE2 . GLU A 1 189 ? -2.123  11.203  17.607  1.00 65.30  ? 189 GLU A OE2 1 
ATOM   1514 N  N   . GLU A 1 190 ? 0.772   15.777  14.879  1.00 39.06  ? 190 GLU A N   1 
ATOM   1515 C  CA  . GLU A 1 190 ? 0.598   17.195  14.563  1.00 44.67  ? 190 GLU A CA  1 
ATOM   1516 C  C   . GLU A 1 190 ? -0.225  17.372  13.292  1.00 43.65  ? 190 GLU A C   1 
ATOM   1517 O  O   . GLU A 1 190 ? -1.059  18.268  13.203  1.00 54.84  ? 190 GLU A O   1 
ATOM   1518 C  CB  . GLU A 1 190 ? 1.957   17.881  14.372  1.00 46.80  ? 190 GLU A CB  1 
ATOM   1519 C  CG  . GLU A 1 190 ? 3.029   17.506  15.393  1.00 61.13  ? 190 GLU A CG  1 
ATOM   1520 C  CD  . GLU A 1 190 ? 4.362   18.235  15.161  1.00 73.42  ? 190 GLU A CD  1 
ATOM   1521 O  OE1 . GLU A 1 190 ? 4.750   18.436  13.982  1.00 64.64  ? 190 GLU A OE1 1 
ATOM   1522 O  OE2 . GLU A 1 190 ? 5.030   18.589  16.164  1.00 75.03  ? 190 GLU A OE2 1 
ATOM   1523 N  N   . ILE A 1 191 ? 0.019   16.511  12.313  1.00 48.04  ? 191 ILE A N   1 
ATOM   1524 C  CA  . ILE A 1 191 ? -0.689  16.567  11.041  1.00 53.22  ? 191 ILE A CA  1 
ATOM   1525 C  C   . ILE A 1 191 ? -2.176  16.264  11.207  1.00 57.13  ? 191 ILE A C   1 
ATOM   1526 O  O   . ILE A 1 191 ? -3.018  17.043  10.760  1.00 64.46  ? 191 ILE A O   1 
ATOM   1527 C  CB  . ILE A 1 191 ? -0.069  15.578  10.020  1.00 47.17  ? 191 ILE A CB  1 
ATOM   1528 C  CG1 . ILE A 1 191 ? 1.355   16.025  9.678   1.00 49.66  ? 191 ILE A CG1 1 
ATOM   1529 C  CG2 . ILE A 1 191 ? -0.916  15.507  8.763   1.00 42.95  ? 191 ILE A CG2 1 
ATOM   1530 C  CD1 . ILE A 1 191 ? 2.104   15.066  8.789   1.00 46.92  ? 191 ILE A CD1 1 
ATOM   1531 N  N   . CYS A 1 192 ? -2.505  15.141  11.845  1.00 58.00  ? 192 CYS A N   1 
ATOM   1532 C  CA  . CYS A 1 192 ? -3.907  14.787  12.039  1.00 58.70  ? 192 CYS A CA  1 
ATOM   1533 C  C   . CYS A 1 192 ? -4.594  15.779  12.972  1.00 62.36  ? 192 CYS A C   1 
ATOM   1534 O  O   . CYS A 1 192 ? -5.819  15.845  13.011  1.00 64.86  ? 192 CYS A O   1 
ATOM   1535 C  CB  . CYS A 1 192 ? -4.050  13.361  12.593  1.00 53.95  ? 192 CYS A CB  1 
ATOM   1536 S  SG  . CYS A 1 192 ? -3.560  13.138  14.333  1.00 63.01  ? 192 CYS A SG  1 
ATOM   1537 N  N   . SER A 1 193 ? -3.806  16.550  13.719  1.00 62.11  ? 193 SER A N   1 
ATOM   1538 C  CA  . SER A 1 193 ? -4.364  17.541  14.637  1.00 70.98  ? 193 SER A CA  1 
ATOM   1539 C  C   . SER A 1 193 ? -4.827  18.777  13.882  1.00 74.32  ? 193 SER A C   1 
ATOM   1540 O  O   . SER A 1 193 ? -5.930  19.277  14.106  1.00 76.91  ? 193 SER A O   1 
ATOM   1541 C  CB  . SER A 1 193 ? -3.332  17.953  15.687  1.00 70.62  ? 193 SER A CB  1 
ATOM   1542 O  OG  . SER A 1 193 ? -3.145  16.929  16.647  1.00 80.49  ? 193 SER A OG  1 
ATOM   1543 N  N   . LYS A 1 194 ? -3.977  19.272  12.990  1.00 79.44  ? 194 LYS A N   1 
ATOM   1544 C  CA  . LYS A 1 194 ? -4.314  20.452  12.206  1.00 83.35  ? 194 LYS A CA  1 
ATOM   1545 C  C   . LYS A 1 194 ? -5.443  20.159  11.217  1.00 87.25  ? 194 LYS A C   1 
ATOM   1546 O  O   . LYS A 1 194 ? -6.102  21.078  10.737  1.00 92.38  ? 194 LYS A O   1 
ATOM   1547 C  CB  . LYS A 1 194 ? -3.074  20.971  11.466  1.00 76.91  ? 194 LYS A CB  1 
ATOM   1548 C  CG  . LYS A 1 194 ? -3.332  22.192  10.587  1.00 77.32  ? 194 LYS A CG  1 
ATOM   1549 C  CD  . LYS A 1 194 ? -2.040  22.925  10.247  1.00 77.37  ? 194 LYS A CD  1 
ATOM   1550 C  CE  . LYS A 1 194 ? -1.411  23.534  11.499  1.00 83.19  ? 194 LYS A CE  1 
ATOM   1551 N  NZ  . LYS A 1 194 ? -0.157  24.291  11.208  1.00 78.88  ? 194 LYS A NZ  1 
HETATM 1552 N  N   . MSE A 1 195 ? -5.676  18.883  10.921  1.00 90.29  ? 195 MSE A N   1 
HETATM 1553 C  CA  . MSE A 1 195 ? -6.746  18.521  9.996   1.00 94.72  ? 195 MSE A CA  1 
HETATM 1554 C  C   . MSE A 1 195 ? -8.110  18.762  10.638  1.00 91.90  ? 195 MSE A C   1 
HETATM 1555 O  O   . MSE A 1 195 ? -8.889  17.829  10.829  1.00 91.22  ? 195 MSE A O   1 
HETATM 1556 C  CB  . MSE A 1 195 ? -6.634  17.052  9.578   1.00 99.64  ? 195 MSE A CB  1 
HETATM 1557 C  CG  . MSE A 1 195 ? -5.344  16.693  8.856   1.00 106.95 ? 195 MSE A CG  1 
HETATM 1558 SE SE  . MSE A 1 195 ? -5.427  14.925  8.025   1.00 121.84 ? 195 MSE A SE  1 
HETATM 1559 C  CE  . MSE A 1 195 ? -5.323  15.472  6.164   1.00 111.68 ? 195 MSE A CE  1 
HETATM 1560 CA CA  . CA  B 2 .   ? 1.236   -16.274 -15.803 1.00 57.43  ? 209 CA  A CA  1 
HETATM 1561 CA CA  . CA  C 2 .   ? 10.038  8.741   8.511   0.50 46.48  ? 210 CA  A CA  1 
HETATM 1562 O  O   . HOH D 3 .   ? 15.011  3.707   12.162  1.00 29.45  ? 211 HOH A O   1 
HETATM 1563 O  O   . HOH D 3 .   ? 5.297   -10.587 -14.731 1.00 33.44  ? 212 HOH A O   1 
HETATM 1564 O  O   . HOH D 3 .   ? -9.587  3.352   17.648  1.00 35.37  ? 213 HOH A O   1 
HETATM 1565 O  O   . HOH D 3 .   ? 0.643   9.383   4.244   1.00 31.30  ? 214 HOH A O   1 
HETATM 1566 O  O   . HOH D 3 .   ? -1.803  -15.280 -3.010  1.00 36.71  ? 215 HOH A O   1 
HETATM 1567 O  O   . HOH D 3 .   ? -9.334  14.941  -7.447  1.00 56.02  ? 216 HOH A O   1 
HETATM 1568 O  O   . HOH D 3 .   ? -12.502 7.804   0.915   1.00 48.08  ? 217 HOH A O   1 
HETATM 1569 O  O   . HOH D 3 .   ? 0.153   -12.435 2.954   1.00 43.41  ? 218 HOH A O   1 
HETATM 1570 O  O   . HOH D 3 .   ? -13.037 -4.794  1.867   1.00 37.65  ? 219 HOH A O   1 
HETATM 1571 O  O   . HOH D 3 .   ? 1.510   -11.793 -14.577 1.00 40.93  ? 220 HOH A O   1 
HETATM 1572 O  O   . HOH D 3 .   ? 7.955   -9.641  -0.136  1.00 38.14  ? 221 HOH A O   1 
HETATM 1573 O  O   . HOH D 3 .   ? -2.756  4.137   2.972   1.00 28.66  ? 222 HOH A O   1 
HETATM 1574 O  O   . HOH D 3 .   ? 12.238  -0.374  -13.178 1.00 44.32  ? 223 HOH A O   1 
HETATM 1575 O  O   . HOH D 3 .   ? -18.044 2.025   2.481   1.00 34.07  ? 224 HOH A O   1 
HETATM 1576 O  O   . HOH D 3 .   ? -5.359  -12.469 -11.316 1.00 32.93  ? 225 HOH A O   1 
HETATM 1577 O  O   . HOH D 3 .   ? -2.850  -10.224 -17.443 1.00 44.18  ? 226 HOH A O   1 
HETATM 1578 O  O   . HOH D 3 .   ? 9.068   -2.916  11.204  1.00 45.81  ? 227 HOH A O   1 
HETATM 1579 O  O   . HOH D 3 .   ? -17.921 -0.108  -1.557  1.00 44.52  ? 228 HOH A O   1 
HETATM 1580 O  O   . HOH D 3 .   ? 3.674   -14.953 14.168  1.00 43.09  ? 229 HOH A O   1 
HETATM 1581 O  O   . HOH D 3 .   ? -3.851  9.576   19.574  1.00 56.52  ? 230 HOH A O   1 
HETATM 1582 O  O   . HOH D 3 .   ? -14.376 -9.742  8.417   1.00 38.77  ? 231 HOH A O   1 
HETATM 1583 O  O   . HOH D 3 .   ? 3.505   -6.909  -20.123 1.00 46.87  ? 232 HOH A O   1 
HETATM 1584 O  O   . HOH D 3 .   ? -9.849  0.789   -16.362 1.00 42.66  ? 233 HOH A O   1 
HETATM 1585 O  O   . HOH D 3 .   ? 5.152   -8.820  7.475   1.00 51.08  ? 234 HOH A O   1 
HETATM 1586 O  O   . HOH D 3 .   ? 6.837   7.896   0.385   1.00 37.21  ? 235 HOH A O   1 
HETATM 1587 O  O   . HOH D 3 .   ? -3.089  -6.793  13.324  1.00 40.04  ? 236 HOH A O   1 
HETATM 1588 O  O   . HOH D 3 .   ? 12.038  -1.166  -15.807 1.00 46.16  ? 237 HOH A O   1 
HETATM 1589 O  O   . HOH D 3 .   ? 1.262   -18.555 -10.718 1.00 44.02  ? 238 HOH A O   1 
HETATM 1590 O  O   . HOH D 3 .   ? -13.882 -0.918  -10.247 1.00 49.32  ? 239 HOH A O   1 
HETATM 1591 O  O   . HOH D 3 .   ? 1.199   -6.247  3.996   1.00 44.89  ? 240 HOH A O   1 
HETATM 1592 O  O   . HOH D 3 .   ? 14.230  -1.554  16.930  1.00 43.72  ? 241 HOH A O   1 
HETATM 1593 O  O   . HOH D 3 .   ? 13.336  0.708   18.667  1.00 27.67  ? 242 HOH A O   1 
HETATM 1594 O  O   . HOH D 3 .   ? 0.407   -4.601  19.060  1.00 47.22  ? 243 HOH A O   1 
HETATM 1595 O  O   . HOH D 3 .   ? -9.231  1.989   20.239  1.00 58.59  ? 244 HOH A O   1 
HETATM 1596 O  O   . HOH D 3 .   ? -9.053  8.657   6.552   1.00 52.01  ? 245 HOH A O   1 
HETATM 1597 O  O   . HOH D 3 .   ? -9.490  9.815   9.608   1.00 52.79  ? 246 HOH A O   1 
HETATM 1598 O  O   . HOH D 3 .   ? -6.182  11.868  5.588   1.00 38.20  ? 247 HOH A O   1 
HETATM 1599 O  O   . HOH D 3 .   ? -14.301 7.419   3.903   1.00 40.35  ? 248 HOH A O   1 
HETATM 1600 O  O   . HOH D 3 .   ? -13.417 -0.586  4.081   1.00 48.13  ? 249 HOH A O   1 
HETATM 1601 O  O   . HOH D 3 .   ? -17.711 -3.426  -1.952  1.00 74.95  ? 250 HOH A O   1 
HETATM 1602 O  O   . HOH D 3 .   ? 0.272   -12.475 12.026  1.00 38.74  ? 251 HOH A O   1 
HETATM 1603 O  O   . HOH D 3 .   ? -1.799  -11.751 14.137  1.00 45.21  ? 252 HOH A O   1 
HETATM 1604 O  O   . HOH D 3 .   ? -12.710 -9.202  -3.712  1.00 40.27  ? 253 HOH A O   1 
HETATM 1605 O  O   . HOH D 3 .   ? -12.846 -14.452 -2.208  1.00 54.03  ? 254 HOH A O   1 
HETATM 1606 O  O   . HOH D 3 .   ? -6.530  -15.240 0.559   1.00 42.91  ? 255 HOH A O   1 
HETATM 1607 O  O   . HOH D 3 .   ? 4.155   -17.251 -2.659  1.00 36.17  ? 256 HOH A O   1 
HETATM 1608 O  O   . HOH D 3 .   ? 3.545   -18.504 -4.834  1.00 46.30  ? 257 HOH A O   1 
HETATM 1609 O  O   . HOH D 3 .   ? -4.289  -13.863 -3.483  1.00 40.46  ? 258 HOH A O   1 
HETATM 1610 O  O   . HOH D 3 .   ? 9.906   -14.358 0.329   1.00 35.71  ? 259 HOH A O   1 
HETATM 1611 O  O   . HOH D 3 .   ? 9.586   -7.281  0.232   1.00 50.51  ? 260 HOH A O   1 
HETATM 1612 O  O   . HOH D 3 .   ? -8.520  12.089  -8.987  1.00 38.99  ? 261 HOH A O   1 
HETATM 1613 O  O   . HOH D 3 .   ? -0.148  -14.222 -14.353 1.00 34.92  ? 262 HOH A O   1 
HETATM 1614 O  O   . HOH D 3 .   ? 2.743   -18.382 -14.804 1.00 60.78  ? 263 HOH A O   1 
HETATM 1615 O  O   . HOH D 3 .   ? -2.437  -13.873 -15.201 1.00 38.42  ? 264 HOH A O   1 
HETATM 1616 O  O   . HOH D 3 .   ? 7.596   10.007  7.284   1.00 45.60  ? 265 HOH A O   1 
HETATM 1617 O  O   . HOH D 3 .   ? 4.313   17.268  18.236  1.00 51.90  ? 266 HOH A O   1 
HETATM 1618 O  O   . HOH D 3 .   ? 0.107   -16.854 -13.546 1.00 40.64  ? 267 HOH A O   1 
HETATM 1619 O  O   . HOH D 3 .   ? 9.061   6.368   7.077   1.00 32.29  ? 268 HOH A O   1 
# 
